data_5N8S
#
_entry.id   5N8S
#
_cell.length_a   297.981
_cell.length_b   49.923
_cell.length_c   163.847
_cell.angle_alpha   90.00
_cell.angle_beta   115.01
_cell.angle_gamma   90.00
#
_symmetry.space_group_name_H-M   'C 1 2 1'
#
loop_
_entity.id
_entity.type
_entity.pdbx_description
1 polymer 'CG9323, isoform A'
2 polymer "DNA (5'-D(P*TP*TP*TP*TP*TP*TP*TP*TP*TP*T)-3')"
3 non-polymer 'PHOSPHATE ION'
#
loop_
_entity_poly.entity_id
_entity_poly.type
_entity_poly.pdbx_seq_one_letter_code
_entity_poly.pdbx_strand_id
1 'polypeptide(L)'
;MQRDRDSSGSNARKGNRPPGLRGKDIGLYYRNLARQQKKDRGENAESKEPQIRLGCNVSAPSGVLERVKELMEDYSRAPS
RQNVDDKNVDAKFQQQFRHLLSVNFEEFVAETKERNADLDWVNPKLDERLQLELGQRQLEENAKKRLEARKKLPTMKYAD
DIIQAVRENQVILIVGSTGCGKTTQVPQILLDDAISRGCASSCRIICTQPRRISAIAIAEWVSYERCESLGNSVGYQIRL
ESRKARERASITYCTTGVLLQQLQSDPLMHNLSVLILDEIHERSVETDLLMGLLKVILPHRPDLKVILMSATVREQDFCD
YFNNCPMFRIEGVMFPVKMLYLEDVLSKTNYEFQKFRDRRPKRDPPERRMKHEAMIEPYLRRIRNSYDSRVLDKLRLPES
EGCEDIDFIADLVYYICENEPEGAILVFLPGYDKISQLYNILDKPKTSKGQRWRDHMAVFPLHSLMQSGEQQAVFRRPPA
GQRKVIISTIIAETSVTIDDVVYVINSGRTKATNYDIETNIQSLDEVWVTKANTQQRRGRAGRVRPGICYNLFSRAREDR
MDDIPTPEILRSKLESIILSLKLLHIDDPYRFLQTLINAPNPEAIKMGVELLKRIEALDQTGTLTPLGMHLAKLPIDPQM
GKMILMSALFCCLDPITSAAAALSFKSPFYSPLGKESRVDEIKRRMARNMRSDHLMVHNTIIAYRDSRYSHAERDFCYKN
FLSSMTLQQLERMKNQFSELLYNYKFLASSNCKDAASNKNSEKIPLLRAIIGAGLYPNMAHLRKSRQIKNRVRAIHTMAT
DDGRRVNFHPSSVNSGESGFDSAYFVYFQRQKSTDLFLLDSTMVFPMALIIFGDGVEAGVTQNTPYLCVAKTYYFKCNRE
TADVVIQLRSNLEKLLLKKALYPAPIEENGYEKQLIKAIELLLSLDERLGEDYISSDEIDDIVD
;
A,B
2 'polydeoxyribonucleotide' (DT)(DT)(DT)(DT)(DT)(DT)(DT)(DT)(DT)(DT)(DT)(DT)(DT)(DT)(DT)(DT) C,D
#
# COMPACT_ATOMS: atom_id res chain seq x y z
N ILE A 52 10.41 -61.00 -10.27
CA ILE A 52 10.99 -60.35 -9.10
C ILE A 52 12.42 -60.85 -8.90
N ARG A 53 13.35 -60.05 -9.40
CA ARG A 53 14.79 -60.28 -9.28
C ARG A 53 15.36 -59.14 -8.45
N LEU A 54 16.17 -59.46 -7.44
CA LEU A 54 16.50 -58.50 -6.39
C LEU A 54 17.91 -57.95 -6.51
N GLY A 55 18.07 -56.72 -6.02
CA GLY A 55 19.30 -55.94 -6.05
C GLY A 55 20.00 -55.81 -4.71
N CYS A 56 20.71 -54.67 -4.56
CA CYS A 56 21.59 -54.38 -3.43
C CYS A 56 20.79 -54.22 -2.13
N ASN A 57 21.51 -53.92 -1.04
CA ASN A 57 20.98 -53.98 0.33
C ASN A 57 21.09 -52.62 1.02
N VAL A 58 19.92 -52.08 1.38
CA VAL A 58 19.75 -50.70 1.85
C VAL A 58 19.60 -50.62 3.36
N SER A 59 19.70 -51.76 4.06
CA SER A 59 19.35 -51.80 5.46
C SER A 59 20.22 -50.86 6.28
N ALA A 60 19.65 -50.37 7.37
CA ALA A 60 20.37 -49.41 8.14
C ALA A 60 20.72 -49.99 9.50
N PRO A 61 21.86 -49.60 10.07
CA PRO A 61 22.24 -50.09 11.41
C PRO A 61 21.10 -49.89 12.40
N SER A 62 21.02 -50.76 13.39
CA SER A 62 19.91 -50.61 14.32
C SER A 62 20.11 -49.41 15.23
N GLY A 63 21.35 -49.04 15.52
CA GLY A 63 21.59 -47.84 16.28
C GLY A 63 21.12 -46.58 15.57
N VAL A 64 21.17 -46.58 14.23
CA VAL A 64 20.69 -45.40 13.53
C VAL A 64 19.16 -45.42 13.38
N LEU A 65 18.52 -46.59 13.31
CA LEU A 65 17.06 -46.58 13.24
C LEU A 65 16.44 -46.26 14.59
N GLU A 66 17.11 -46.62 15.67
CA GLU A 66 16.59 -46.25 16.97
C GLU A 66 16.59 -44.73 17.13
N ARG A 67 17.49 -44.07 16.40
CA ARG A 67 17.55 -42.62 16.49
C ARG A 67 16.52 -41.92 15.58
N VAL A 68 16.24 -42.47 14.39
CA VAL A 68 15.15 -41.92 13.59
C VAL A 68 13.81 -42.18 14.24
N LYS A 69 13.66 -43.34 14.90
CA LYS A 69 12.43 -43.59 15.65
C LYS A 69 12.20 -42.57 16.76
N GLU A 70 13.27 -42.08 17.39
CA GLU A 70 13.03 -41.11 18.44
C GLU A 70 12.67 -39.75 17.87
N LEU A 71 13.22 -39.39 16.70
CA LEU A 71 12.88 -38.11 16.10
C LEU A 71 11.47 -38.09 15.54
N MET A 72 10.96 -39.25 15.07
CA MET A 72 9.60 -39.27 14.57
C MET A 72 8.57 -39.39 15.68
N GLU A 73 8.93 -39.95 16.83
CA GLU A 73 8.02 -39.80 17.94
C GLU A 73 8.03 -38.36 18.43
N ASP A 74 9.18 -37.70 18.33
CA ASP A 74 9.25 -36.27 18.66
C ASP A 74 8.36 -35.46 17.73
N TYR A 75 8.44 -35.73 16.42
CA TYR A 75 7.62 -34.99 15.48
C TYR A 75 6.14 -35.22 15.71
N SER A 76 5.77 -36.39 16.23
CA SER A 76 4.34 -36.67 16.36
C SER A 76 3.73 -36.16 17.65
N ARG A 77 4.45 -35.43 18.49
CA ARG A 77 3.77 -34.78 19.62
C ARG A 77 3.46 -33.30 19.36
N ALA A 78 3.60 -32.81 18.12
CA ALA A 78 3.28 -31.40 17.84
C ALA A 78 1.78 -31.19 18.07
N PRO A 79 1.39 -30.06 18.71
CA PRO A 79 -0.03 -29.68 18.84
C PRO A 79 -0.62 -29.09 17.55
N ASP A 90 -0.01 -17.70 10.87
CA ASP A 90 -1.42 -17.90 10.62
C ASP A 90 -1.70 -17.93 9.10
N ALA A 91 -2.84 -18.50 8.73
CA ALA A 91 -3.05 -18.92 7.36
C ALA A 91 -4.00 -17.98 6.62
N LYS A 92 -3.44 -17.11 5.79
CA LYS A 92 -4.23 -16.48 4.76
C LYS A 92 -4.36 -17.40 3.56
N PHE A 93 -3.32 -18.19 3.28
CA PHE A 93 -3.29 -18.97 2.05
C PHE A 93 -4.31 -20.09 2.07
N GLN A 94 -4.47 -20.73 3.23
CA GLN A 94 -5.52 -21.73 3.37
C GLN A 94 -6.87 -21.12 2.97
N GLN A 95 -7.08 -19.83 3.28
CA GLN A 95 -8.33 -19.16 2.91
C GLN A 95 -8.42 -18.94 1.40
N GLN A 96 -7.37 -18.33 0.80
CA GLN A 96 -7.45 -18.03 -0.62
C GLN A 96 -7.59 -19.30 -1.47
N PHE A 97 -7.05 -20.42 -0.99
CA PHE A 97 -7.27 -21.71 -1.64
C PHE A 97 -8.74 -22.11 -1.56
N ARG A 98 -9.28 -22.23 -0.35
CA ARG A 98 -10.68 -22.65 -0.26
C ARG A 98 -11.60 -21.64 -0.94
N HIS A 99 -11.20 -20.36 -0.94
CA HIS A 99 -12.00 -19.36 -1.60
C HIS A 99 -12.13 -19.66 -3.09
N LEU A 100 -11.05 -20.21 -3.69
CA LEU A 100 -11.05 -20.48 -5.12
C LEU A 100 -11.82 -21.76 -5.47
N LEU A 101 -11.78 -22.79 -4.61
CA LEU A 101 -12.56 -23.98 -4.90
C LEU A 101 -14.05 -23.71 -4.73
N SER A 102 -14.41 -22.85 -3.77
CA SER A 102 -15.79 -22.46 -3.55
C SER A 102 -16.42 -21.81 -4.78
N VAL A 103 -15.71 -20.91 -5.40
CA VAL A 103 -16.26 -19.98 -6.37
C VAL A 103 -16.50 -20.66 -7.72
N ASN A 104 -17.62 -20.32 -8.38
CA ASN A 104 -17.85 -20.72 -9.77
C ASN A 104 -17.37 -19.62 -10.70
N PHE A 105 -17.50 -19.85 -12.02
CA PHE A 105 -16.82 -18.96 -12.97
C PHE A 105 -17.46 -17.58 -13.06
N GLU A 106 -18.73 -17.43 -12.67
CA GLU A 106 -19.40 -16.14 -12.80
C GLU A 106 -19.09 -15.19 -11.65
N GLU A 107 -19.10 -15.68 -10.40
CA GLU A 107 -18.62 -14.81 -9.34
C GLU A 107 -17.11 -14.64 -9.45
N PHE A 108 -16.41 -15.65 -10.00
CA PHE A 108 -15.00 -15.45 -10.36
C PHE A 108 -14.85 -14.22 -11.25
N VAL A 109 -15.63 -14.15 -12.33
CA VAL A 109 -15.58 -12.98 -13.21
C VAL A 109 -16.02 -11.73 -12.45
N ALA A 110 -17.04 -11.89 -11.58
CA ALA A 110 -17.56 -10.77 -10.82
C ALA A 110 -16.50 -10.15 -9.92
N GLU A 111 -15.95 -10.94 -8.99
CA GLU A 111 -15.04 -10.39 -7.98
C GLU A 111 -13.79 -9.79 -8.60
N THR A 112 -13.18 -10.47 -9.57
CA THR A 112 -11.96 -9.97 -10.17
C THR A 112 -12.18 -8.64 -10.92
N LYS A 113 -13.43 -8.30 -11.22
CA LYS A 113 -13.71 -7.03 -11.90
C LYS A 113 -13.36 -5.85 -11.01
N GLU A 114 -13.93 -5.82 -9.80
CA GLU A 114 -13.78 -4.66 -8.93
C GLU A 114 -12.39 -4.61 -8.31
N ARG A 115 -11.69 -5.75 -8.24
CA ARG A 115 -10.29 -5.74 -7.88
C ARG A 115 -9.55 -4.82 -8.85
N ASN A 116 -9.30 -5.23 -10.11
CA ASN A 116 -8.49 -4.37 -10.95
C ASN A 116 -9.42 -3.36 -11.62
N ALA A 117 -9.55 -2.21 -10.97
CA ALA A 117 -10.31 -1.07 -11.48
C ALA A 117 -9.42 0.02 -12.04
N ASP A 118 -8.09 -0.12 -11.97
CA ASP A 118 -7.22 1.03 -12.13
C ASP A 118 -7.36 1.68 -13.51
N LEU A 119 -7.82 0.93 -14.51
CA LEU A 119 -8.12 1.55 -15.79
C LEU A 119 -9.54 2.08 -15.88
N ASP A 120 -10.38 1.83 -14.87
CA ASP A 120 -11.60 2.62 -14.76
C ASP A 120 -11.32 4.08 -14.45
N TRP A 121 -10.12 4.39 -13.95
CA TRP A 121 -9.78 5.76 -13.59
C TRP A 121 -8.81 6.36 -14.61
N VAL A 122 -9.08 7.60 -15.01
CA VAL A 122 -8.28 8.36 -15.94
C VAL A 122 -8.03 9.72 -15.33
N ASN A 123 -7.14 10.51 -15.96
CA ASN A 123 -6.63 11.73 -15.33
C ASN A 123 -6.75 12.90 -16.32
N PRO A 124 -7.88 13.63 -16.24
CA PRO A 124 -8.15 14.68 -17.25
C PRO A 124 -7.00 15.62 -17.53
N LYS A 125 -6.27 16.04 -16.48
CA LYS A 125 -5.30 17.09 -16.70
C LYS A 125 -4.05 16.57 -17.38
N LEU A 126 -3.61 15.35 -17.04
CA LEU A 126 -2.49 14.79 -17.78
C LEU A 126 -2.91 14.37 -19.17
N ASP A 127 -4.17 13.97 -19.34
CA ASP A 127 -4.79 13.89 -20.65
C ASP A 127 -4.58 15.19 -21.40
N GLU A 128 -5.02 16.29 -20.79
CA GLU A 128 -4.92 17.60 -21.39
C GLU A 128 -3.46 17.99 -21.58
N ARG A 129 -2.62 17.73 -20.57
CA ARG A 129 -1.21 18.12 -20.68
C ARG A 129 -0.51 17.40 -21.82
N LEU A 130 -0.67 16.09 -21.90
CA LEU A 130 0.11 15.39 -22.90
C LEU A 130 -0.41 15.61 -24.31
N GLN A 131 -1.71 15.85 -24.47
CA GLN A 131 -2.23 15.98 -25.84
C GLN A 131 -1.93 17.34 -26.39
N LEU A 132 -1.77 18.29 -25.52
CA LEU A 132 -1.12 19.51 -25.93
C LEU A 132 0.39 19.32 -26.02
N GLU A 133 0.98 18.36 -25.33
CA GLU A 133 2.43 18.35 -25.35
C GLU A 133 3.02 17.65 -26.58
N LEU A 134 2.39 16.61 -27.12
CA LEU A 134 2.82 16.27 -28.47
C LEU A 134 2.09 17.09 -29.49
N GLY A 135 0.82 17.42 -29.21
CA GLY A 135 0.06 18.26 -30.11
C GLY A 135 0.71 19.59 -30.43
N GLN A 136 1.47 20.16 -29.48
CA GLN A 136 2.21 21.38 -29.81
C GLN A 136 3.41 21.06 -30.69
N ARG A 137 4.28 20.10 -30.26
CA ARG A 137 5.59 19.83 -30.90
C ARG A 137 5.60 18.72 -31.93
N GLN A 138 4.46 18.27 -32.40
CA GLN A 138 4.64 17.65 -33.70
C GLN A 138 5.02 18.66 -34.81
N LEU A 139 5.23 19.99 -34.62
CA LEU A 139 5.91 20.77 -35.68
C LEU A 139 7.31 21.41 -35.37
N GLU A 140 8.01 21.13 -34.25
CA GLU A 140 9.39 21.61 -34.03
C GLU A 140 10.38 20.46 -34.24
N GLU A 141 11.53 20.73 -34.92
CA GLU A 141 12.10 19.68 -35.76
C GLU A 141 13.32 18.91 -35.28
N ASN A 142 13.06 17.70 -34.82
CA ASN A 142 13.73 16.51 -35.34
C ASN A 142 12.66 15.42 -35.51
N ALA A 143 11.95 15.02 -34.46
CA ALA A 143 10.69 14.31 -34.68
C ALA A 143 9.84 15.13 -35.64
N LYS A 144 9.19 14.46 -36.60
CA LYS A 144 8.61 14.85 -37.90
C LYS A 144 9.65 14.84 -38.99
N LYS A 145 10.93 14.65 -38.67
CA LYS A 145 11.68 14.08 -39.77
C LYS A 145 11.20 12.64 -39.96
N ARG A 146 10.87 11.88 -38.86
CA ARG A 146 10.13 10.60 -39.00
C ARG A 146 8.62 10.75 -39.23
N LEU A 147 7.96 11.74 -38.65
CA LEU A 147 6.54 11.90 -38.95
C LEU A 147 6.37 11.94 -40.47
N GLU A 148 7.33 12.56 -41.16
CA GLU A 148 7.48 12.36 -42.59
C GLU A 148 8.17 11.03 -42.94
N ALA A 149 9.21 10.63 -42.20
CA ALA A 149 10.03 9.48 -42.62
C ALA A 149 9.43 8.11 -42.35
N ARG A 150 8.47 7.97 -41.45
CA ARG A 150 7.87 6.65 -41.25
C ARG A 150 6.55 6.44 -41.96
N LYS A 151 6.05 7.44 -42.65
CA LYS A 151 5.10 7.13 -43.69
C LYS A 151 5.80 6.54 -44.92
N LYS A 152 7.13 6.58 -44.93
CA LYS A 152 7.87 5.63 -45.75
C LYS A 152 7.22 4.27 -45.60
N LEU A 153 7.20 3.76 -44.37
CA LEU A 153 6.88 2.36 -44.17
C LEU A 153 5.41 2.11 -44.49
N PRO A 154 5.07 0.95 -45.04
CA PRO A 154 3.70 0.69 -45.50
C PRO A 154 2.61 0.99 -44.47
N THR A 155 2.77 0.67 -43.19
CA THR A 155 1.61 0.71 -42.30
C THR A 155 0.99 2.09 -42.18
N MET A 156 1.71 3.17 -42.44
CA MET A 156 1.08 4.39 -41.96
C MET A 156 0.24 5.05 -43.03
N LYS A 157 0.11 4.41 -44.19
CA LYS A 157 -0.98 4.72 -45.09
C LYS A 157 -2.33 4.49 -44.43
N TYR A 158 -2.39 3.47 -43.57
CA TYR A 158 -3.63 2.99 -43.00
C TYR A 158 -3.85 3.52 -41.61
N ALA A 159 -3.03 4.49 -41.18
CA ALA A 159 -3.12 4.97 -39.80
C ALA A 159 -4.57 5.24 -39.42
N ASP A 160 -5.27 6.03 -40.24
CA ASP A 160 -6.64 6.37 -39.92
C ASP A 160 -7.62 5.27 -40.33
N ASP A 161 -7.28 4.54 -41.39
CA ASP A 161 -8.05 3.35 -41.77
C ASP A 161 -8.10 2.36 -40.62
N ILE A 162 -6.97 2.18 -39.93
CA ILE A 162 -6.87 1.25 -38.81
C ILE A 162 -7.47 1.82 -37.54
N ILE A 163 -7.29 3.13 -37.30
CA ILE A 163 -7.93 3.77 -36.16
C ILE A 163 -9.43 3.54 -36.20
N GLN A 164 -10.05 3.91 -37.33
CA GLN A 164 -11.49 3.73 -37.46
C GLN A 164 -11.86 2.26 -37.28
N ALA A 165 -11.03 1.36 -37.78
CA ALA A 165 -11.33 -0.06 -37.70
C ALA A 165 -11.45 -0.54 -36.26
N VAL A 166 -10.51 -0.16 -35.39
CA VAL A 166 -10.61 -0.59 -34.00
C VAL A 166 -11.77 0.11 -33.29
N ARG A 167 -12.08 1.36 -33.65
CA ARG A 167 -13.19 2.05 -33.00
C ARG A 167 -14.49 1.28 -33.19
N GLU A 168 -14.68 0.69 -34.37
CA GLU A 168 -15.85 -0.11 -34.71
C GLU A 168 -15.63 -1.60 -34.49
N ASN A 169 -14.42 -2.01 -34.11
CA ASN A 169 -14.15 -3.44 -33.94
C ASN A 169 -13.27 -3.71 -32.73
N GLN A 170 -13.73 -4.65 -31.92
CA GLN A 170 -12.98 -4.99 -30.73
C GLN A 170 -11.73 -5.77 -31.11
N VAL A 171 -11.83 -6.63 -32.11
CA VAL A 171 -10.71 -7.47 -32.53
C VAL A 171 -10.53 -7.27 -34.02
N ILE A 172 -9.29 -6.99 -34.44
CA ILE A 172 -8.92 -6.89 -35.85
C ILE A 172 -7.66 -7.69 -36.11
N LEU A 173 -7.38 -7.83 -37.39
CA LEU A 173 -6.33 -8.69 -37.89
C LEU A 173 -5.55 -7.86 -38.90
N ILE A 174 -4.28 -7.61 -38.65
CA ILE A 174 -3.43 -6.95 -39.63
C ILE A 174 -2.45 -7.99 -40.14
N VAL A 175 -2.53 -8.28 -41.44
CA VAL A 175 -1.63 -9.23 -42.08
C VAL A 175 -0.61 -8.41 -42.83
N GLY A 176 0.65 -8.70 -42.64
CA GLY A 176 1.65 -8.00 -43.41
C GLY A 176 2.96 -8.74 -43.40
N SER A 177 3.73 -8.52 -44.45
CA SER A 177 5.04 -9.16 -44.40
C SER A 177 6.06 -8.15 -43.95
N THR A 178 7.27 -8.64 -43.74
CA THR A 178 8.18 -7.97 -42.83
C THR A 178 8.89 -6.82 -43.52
N GLY A 179 9.01 -5.71 -42.79
CA GLY A 179 9.41 -4.44 -43.33
C GLY A 179 8.26 -3.47 -43.50
N CYS A 180 7.02 -3.95 -43.36
CA CYS A 180 5.89 -3.04 -43.37
C CYS A 180 5.82 -2.20 -42.11
N GLY A 181 6.37 -2.67 -41.01
CA GLY A 181 6.30 -1.84 -39.82
C GLY A 181 5.02 -1.94 -39.02
N LYS A 182 4.26 -3.05 -39.16
CA LYS A 182 3.08 -3.24 -38.32
C LYS A 182 3.42 -3.05 -36.85
N THR A 183 4.48 -3.69 -36.38
CA THR A 183 4.73 -3.67 -34.95
C THR A 183 5.45 -2.40 -34.54
N THR A 184 6.22 -1.80 -35.44
CA THR A 184 6.88 -0.54 -35.13
C THR A 184 5.89 0.55 -34.78
N GLN A 185 4.75 0.57 -35.46
CA GLN A 185 3.91 1.76 -35.60
C GLN A 185 2.46 1.56 -35.18
N VAL A 186 1.82 0.47 -35.62
CA VAL A 186 0.43 0.21 -35.26
C VAL A 186 0.22 0.55 -33.79
N PRO A 187 1.13 0.16 -32.89
CA PRO A 187 1.02 0.71 -31.52
C PRO A 187 1.07 2.23 -31.45
N GLN A 188 2.05 2.89 -32.09
CA GLN A 188 2.06 4.35 -31.94
C GLN A 188 0.91 5.04 -32.67
N ILE A 189 0.30 4.40 -33.66
CA ILE A 189 -0.84 5.09 -34.27
C ILE A 189 -1.97 5.21 -33.28
N LEU A 190 -2.19 4.18 -32.45
CA LEU A 190 -3.31 4.32 -31.55
C LEU A 190 -2.98 5.15 -30.33
N LEU A 191 -1.70 5.22 -29.91
CA LEU A 191 -1.38 6.06 -28.77
C LEU A 191 -1.41 7.53 -29.17
N ASP A 192 -0.78 7.88 -30.29
CA ASP A 192 -0.83 9.25 -30.75
C ASP A 192 -2.26 9.63 -31.11
N ASP A 193 -3.07 8.65 -31.50
CA ASP A 193 -4.50 8.89 -31.67
C ASP A 193 -5.15 9.11 -30.31
N ALA A 194 -4.86 8.23 -29.36
CA ALA A 194 -5.44 8.35 -28.03
C ALA A 194 -5.05 9.67 -27.41
N ILE A 195 -3.80 10.06 -27.60
CA ILE A 195 -3.36 11.32 -27.01
C ILE A 195 -4.02 12.48 -27.75
N SER A 196 -4.15 12.39 -29.08
CA SER A 196 -4.70 13.50 -29.88
C SER A 196 -6.15 13.83 -29.53
N ARG A 197 -7.00 12.82 -29.33
CA ARG A 197 -8.39 13.06 -28.95
C ARG A 197 -8.60 13.54 -27.50
N GLY A 198 -7.56 13.65 -26.67
CA GLY A 198 -7.73 13.94 -25.24
C GLY A 198 -7.99 12.74 -24.37
N CYS A 199 -7.63 11.55 -24.84
CA CYS A 199 -7.82 10.27 -24.19
C CYS A 199 -6.55 9.72 -23.51
N ALA A 200 -5.47 10.52 -23.45
CA ALA A 200 -4.12 10.00 -23.24
C ALA A 200 -4.03 8.95 -22.12
N SER A 201 -4.58 9.25 -20.95
CA SER A 201 -4.44 8.36 -19.82
C SER A 201 -5.37 7.14 -19.88
N SER A 202 -6.46 7.21 -20.66
CA SER A 202 -7.24 6.00 -20.91
C SER A 202 -6.39 4.91 -21.55
N CYS A 203 -5.32 5.28 -22.26
CA CYS A 203 -4.70 4.39 -23.24
C CYS A 203 -3.41 3.80 -22.69
N ARG A 204 -3.39 2.48 -22.55
CA ARG A 204 -2.19 1.74 -22.23
C ARG A 204 -2.20 0.46 -23.08
N ILE A 205 -1.17 0.29 -23.90
CA ILE A 205 -1.16 -0.74 -24.93
C ILE A 205 -0.03 -1.73 -24.67
N ILE A 206 -0.35 -3.02 -24.83
CA ILE A 206 0.58 -4.13 -24.65
C ILE A 206 0.76 -4.77 -26.02
N CYS A 207 2.01 -4.92 -26.42
CA CYS A 207 2.27 -5.56 -27.70
C CYS A 207 3.15 -6.77 -27.42
N THR A 208 2.60 -7.93 -27.71
CA THR A 208 3.18 -9.21 -27.38
C THR A 208 4.09 -9.70 -28.50
N GLN A 209 5.26 -10.26 -28.14
CA GLN A 209 6.17 -10.83 -29.15
C GLN A 209 6.74 -12.19 -28.78
N PRO A 210 6.98 -13.05 -29.77
CA PRO A 210 7.39 -14.43 -29.46
C PRO A 210 8.76 -14.56 -28.81
N ARG A 211 9.72 -13.66 -29.07
CA ARG A 211 11.06 -13.80 -28.51
C ARG A 211 11.51 -12.56 -27.74
N ARG A 212 12.49 -12.79 -26.86
CA ARG A 212 12.92 -11.74 -25.95
C ARG A 212 13.63 -10.62 -26.71
N ILE A 213 14.64 -10.96 -27.52
CA ILE A 213 15.44 -9.96 -28.22
C ILE A 213 14.58 -9.06 -29.09
N SER A 214 13.53 -9.62 -29.73
CA SER A 214 12.58 -8.81 -30.48
C SER A 214 12.00 -7.72 -29.60
N ALA A 215 11.44 -8.11 -28.46
CA ALA A 215 10.76 -7.15 -27.59
C ALA A 215 11.69 -6.03 -27.18
N ILE A 216 12.95 -6.33 -26.90
CA ILE A 216 13.90 -5.31 -26.54
C ILE A 216 14.20 -4.42 -27.74
N ALA A 217 14.58 -5.03 -28.85
CA ALA A 217 14.99 -4.28 -30.03
C ALA A 217 13.87 -3.38 -30.54
N ILE A 218 12.66 -3.92 -30.69
CA ILE A 218 11.54 -3.11 -31.15
C ILE A 218 11.28 -1.97 -30.18
N ALA A 219 11.29 -2.26 -28.88
CA ALA A 219 11.07 -1.20 -27.89
C ALA A 219 12.17 -0.15 -27.97
N GLU A 220 13.43 -0.57 -28.00
CA GLU A 220 14.53 0.39 -28.06
C GLU A 220 14.52 1.17 -29.37
N TRP A 221 13.99 0.57 -30.44
CA TRP A 221 13.99 1.31 -31.70
C TRP A 221 12.78 2.26 -31.82
N VAL A 222 11.59 1.84 -31.38
CA VAL A 222 10.47 2.78 -31.47
C VAL A 222 10.60 3.87 -30.40
N SER A 223 11.20 3.53 -29.25
CA SER A 223 11.62 4.53 -28.27
C SER A 223 12.34 5.69 -28.94
N TYR A 224 13.41 5.35 -29.64
CA TYR A 224 14.29 6.33 -30.25
C TYR A 224 13.60 7.12 -31.36
N GLU A 225 12.53 6.57 -31.97
CA GLU A 225 11.78 7.31 -32.98
C GLU A 225 10.92 8.44 -32.40
N ARG A 226 10.56 8.36 -31.12
CA ARG A 226 9.75 9.38 -30.47
C ARG A 226 10.61 10.40 -29.74
N CYS A 227 11.93 10.36 -29.92
CA CYS A 227 12.87 11.21 -29.21
C CYS A 227 12.61 11.17 -27.73
N GLU A 228 12.48 9.96 -27.24
CA GLU A 228 12.37 9.68 -25.83
C GLU A 228 13.39 8.60 -25.54
N SER A 229 13.95 8.66 -24.34
CA SER A 229 14.73 7.54 -23.88
C SER A 229 13.79 6.40 -23.53
N LEU A 230 14.31 5.18 -23.53
CA LEU A 230 13.48 4.07 -23.11
C LEU A 230 12.97 4.30 -21.70
N GLY A 231 11.73 3.90 -21.44
CA GLY A 231 11.14 4.12 -20.16
C GLY A 231 10.26 5.34 -20.03
N ASN A 232 9.86 6.01 -21.13
CA ASN A 232 8.86 7.06 -21.00
C ASN A 232 7.55 6.59 -21.63
N SER A 233 7.34 6.78 -22.91
CA SER A 233 6.08 6.32 -23.46
C SER A 233 6.21 4.95 -24.08
N VAL A 234 7.44 4.47 -24.23
CA VAL A 234 7.75 3.16 -24.78
C VAL A 234 8.51 2.38 -23.74
N GLY A 235 8.17 1.11 -23.59
CA GLY A 235 8.90 0.24 -22.70
C GLY A 235 8.86 -1.20 -23.18
N TYR A 236 9.70 -2.03 -22.57
CA TYR A 236 9.62 -3.46 -22.77
C TYR A 236 9.67 -4.16 -21.43
N GLN A 237 9.03 -5.33 -21.37
CA GLN A 237 9.13 -6.19 -20.21
C GLN A 237 9.32 -7.62 -20.68
N ILE A 238 10.47 -8.20 -20.35
CA ILE A 238 10.63 -9.61 -20.59
C ILE A 238 10.92 -10.20 -19.22
N ARG A 239 11.08 -11.51 -19.13
CA ARG A 239 11.24 -12.10 -17.79
C ARG A 239 12.60 -11.76 -17.19
N LEU A 240 12.55 -11.22 -15.98
CA LEU A 240 13.71 -10.83 -15.18
C LEU A 240 14.53 -9.72 -15.82
N GLU A 241 13.97 -8.99 -16.78
CA GLU A 241 14.60 -7.78 -17.29
C GLU A 241 13.51 -6.88 -17.85
N SER A 242 13.58 -5.58 -17.52
CA SER A 242 12.56 -4.66 -18.00
C SER A 242 13.07 -3.23 -18.02
N ARG A 243 12.61 -2.46 -19.01
CA ARG A 243 12.49 -1.00 -18.89
C ARG A 243 11.01 -0.66 -18.99
N LYS A 244 10.38 -0.35 -17.87
CA LYS A 244 8.95 -0.17 -17.86
C LYS A 244 8.64 1.22 -18.35
N ALA A 245 7.61 1.33 -19.18
CA ALA A 245 7.19 2.65 -19.59
C ALA A 245 6.37 3.32 -18.49
N ARG A 246 6.08 4.60 -18.69
CA ARG A 246 5.16 5.34 -17.84
C ARG A 246 3.83 4.58 -17.76
N GLU A 247 3.10 4.74 -16.64
CA GLU A 247 2.00 3.81 -16.41
C GLU A 247 0.86 4.01 -17.41
N ARG A 248 0.62 5.25 -17.87
CA ARG A 248 -0.42 5.51 -18.86
C ARG A 248 0.14 6.18 -20.11
N ALA A 249 -0.67 6.18 -21.16
CA ALA A 249 -0.23 6.69 -22.44
C ALA A 249 1.14 6.12 -22.76
N SER A 250 1.16 4.79 -22.88
CA SER A 250 2.41 4.06 -22.92
C SER A 250 2.32 2.91 -23.93
N ILE A 251 3.49 2.47 -24.37
CA ILE A 251 3.63 1.35 -25.28
C ILE A 251 4.54 0.37 -24.57
N THR A 252 4.07 -0.86 -24.38
CA THR A 252 4.89 -1.85 -23.69
C THR A 252 4.98 -3.10 -24.56
N TYR A 253 6.21 -3.46 -24.93
CA TYR A 253 6.48 -4.70 -25.63
C TYR A 253 6.88 -5.78 -24.64
N CYS A 254 6.36 -6.98 -24.83
CA CYS A 254 6.65 -8.02 -23.87
C CYS A 254 6.50 -9.36 -24.56
N THR A 255 7.18 -10.35 -24.00
CA THR A 255 7.09 -11.72 -24.49
C THR A 255 5.71 -12.31 -24.20
N THR A 256 5.29 -13.24 -25.07
CA THR A 256 3.94 -13.75 -24.96
C THR A 256 3.71 -14.37 -23.58
N GLY A 257 4.74 -14.98 -23.01
CA GLY A 257 4.62 -15.62 -21.72
C GLY A 257 4.54 -14.68 -20.54
N VAL A 258 5.04 -13.45 -20.65
CA VAL A 258 4.83 -12.48 -19.57
C VAL A 258 3.34 -12.25 -19.36
N LEU A 259 2.60 -12.07 -20.44
CA LEU A 259 1.24 -11.64 -20.23
C LEU A 259 0.36 -12.80 -19.74
N LEU A 260 0.71 -14.06 -20.06
CA LEU A 260 -0.04 -15.18 -19.47
C LEU A 260 0.20 -15.31 -17.97
N GLN A 261 1.45 -15.20 -17.54
CA GLN A 261 1.66 -15.15 -16.10
C GLN A 261 0.87 -14.01 -15.47
N GLN A 262 0.79 -12.85 -16.13
CA GLN A 262 0.04 -11.77 -15.51
C GLN A 262 -1.46 -12.05 -15.49
N LEU A 263 -1.93 -12.97 -16.35
CA LEU A 263 -3.34 -13.35 -16.33
C LEU A 263 -3.77 -13.86 -14.96
N GLN A 264 -2.86 -14.48 -14.22
CA GLN A 264 -3.22 -15.07 -12.93
C GLN A 264 -3.68 -14.01 -11.94
N SER A 265 -3.08 -12.82 -11.97
CA SER A 265 -3.58 -11.76 -11.12
C SER A 265 -4.58 -10.85 -11.85
N ASP A 266 -4.71 -10.98 -13.16
CA ASP A 266 -5.70 -10.18 -13.91
C ASP A 266 -6.32 -11.06 -15.00
N PRO A 267 -7.19 -11.99 -14.60
CA PRO A 267 -7.67 -13.02 -15.53
C PRO A 267 -8.46 -12.46 -16.69
N LEU A 268 -9.14 -11.34 -16.46
CA LEU A 268 -9.88 -10.67 -17.51
C LEU A 268 -9.20 -9.42 -18.03
N MET A 269 -7.92 -9.23 -17.78
CA MET A 269 -7.15 -8.23 -18.53
C MET A 269 -7.72 -6.81 -18.40
N HIS A 270 -8.02 -6.38 -17.17
CA HIS A 270 -8.51 -5.01 -17.00
C HIS A 270 -7.42 -3.95 -16.98
N ASN A 271 -6.16 -4.32 -16.84
CA ASN A 271 -5.08 -3.37 -16.66
C ASN A 271 -4.43 -2.92 -17.96
N LEU A 272 -5.03 -3.25 -19.11
CA LEU A 272 -4.54 -2.75 -20.40
C LEU A 272 -5.73 -2.28 -21.24
N SER A 273 -5.56 -1.19 -22.00
CA SER A 273 -6.67 -0.72 -22.82
C SER A 273 -6.78 -1.47 -24.14
N VAL A 274 -5.65 -1.88 -24.72
CA VAL A 274 -5.63 -2.57 -26.01
C VAL A 274 -4.45 -3.53 -26.02
N LEU A 275 -4.69 -4.72 -26.58
CA LEU A 275 -3.70 -5.77 -26.70
C LEU A 275 -3.38 -6.07 -28.15
N ILE A 276 -2.09 -6.22 -28.46
CA ILE A 276 -1.64 -6.61 -29.79
C ILE A 276 -0.81 -7.88 -29.73
N LEU A 277 -1.31 -8.91 -30.43
CA LEU A 277 -0.67 -10.22 -30.50
C LEU A 277 0.05 -10.31 -31.82
N ASP A 278 1.37 -10.40 -31.76
CA ASP A 278 2.19 -10.34 -32.96
C ASP A 278 2.68 -11.74 -33.32
N GLU A 279 2.85 -11.98 -34.61
CA GLU A 279 3.46 -13.21 -35.11
C GLU A 279 2.68 -14.45 -34.64
N ILE A 280 1.35 -14.37 -34.72
CA ILE A 280 0.51 -15.53 -34.37
C ILE A 280 0.65 -16.62 -35.40
N HIS A 281 1.05 -16.26 -36.62
CA HIS A 281 1.23 -17.22 -37.70
C HIS A 281 2.25 -18.30 -37.37
N GLU A 282 3.17 -18.06 -36.42
CA GLU A 282 4.13 -19.09 -36.04
C GLU A 282 3.57 -20.05 -35.01
N ARG A 283 2.34 -19.86 -34.60
CA ARG A 283 1.64 -20.85 -33.79
C ARG A 283 2.47 -21.24 -32.57
N SER A 284 2.95 -20.24 -31.83
CA SER A 284 3.56 -20.60 -30.57
C SER A 284 2.46 -21.07 -29.65
N VAL A 285 2.85 -21.89 -28.69
CA VAL A 285 1.87 -22.32 -27.70
C VAL A 285 1.22 -21.11 -27.04
N GLU A 286 2.04 -20.13 -26.69
CA GLU A 286 1.56 -18.96 -25.98
C GLU A 286 0.51 -18.21 -26.78
N THR A 287 0.81 -17.87 -28.03
CA THR A 287 -0.19 -17.09 -28.76
C THR A 287 -1.41 -17.93 -29.06
N ASP A 288 -1.26 -19.24 -29.29
CA ASP A 288 -2.44 -20.07 -29.51
C ASP A 288 -3.29 -20.10 -28.26
N LEU A 289 -2.65 -20.31 -27.12
CA LEU A 289 -3.33 -20.20 -25.84
C LEU A 289 -4.04 -18.87 -25.72
N LEU A 290 -3.34 -17.79 -26.07
CA LEU A 290 -3.87 -16.46 -25.78
C LEU A 290 -5.17 -16.20 -26.50
N MET A 291 -5.22 -16.48 -27.79
CA MET A 291 -6.47 -16.27 -28.51
C MET A 291 -7.50 -17.30 -28.09
N GLY A 292 -7.04 -18.44 -27.58
CA GLY A 292 -7.96 -19.38 -26.96
C GLY A 292 -8.63 -18.78 -25.74
N LEU A 293 -7.86 -18.11 -24.89
CA LEU A 293 -8.46 -17.55 -23.68
C LEU A 293 -9.16 -16.23 -23.94
N LEU A 294 -8.91 -15.56 -25.06
CA LEU A 294 -9.77 -14.41 -25.20
C LEU A 294 -11.12 -14.75 -25.78
N LYS A 295 -11.34 -15.94 -26.30
CA LYS A 295 -12.73 -16.24 -26.61
C LYS A 295 -13.53 -16.38 -25.32
N VAL A 296 -12.87 -16.71 -24.21
CA VAL A 296 -13.55 -16.63 -22.93
C VAL A 296 -13.52 -15.19 -22.37
N ILE A 297 -12.41 -14.48 -22.56
CA ILE A 297 -12.19 -13.19 -21.89
C ILE A 297 -13.03 -12.08 -22.53
N LEU A 298 -13.03 -11.98 -23.86
CA LEU A 298 -13.64 -10.77 -24.42
C LEU A 298 -15.15 -10.62 -24.18
N PRO A 299 -15.94 -11.71 -24.13
CA PRO A 299 -17.37 -11.55 -23.81
C PRO A 299 -17.68 -10.65 -22.61
N HIS A 300 -16.82 -10.65 -21.60
CA HIS A 300 -16.97 -9.84 -20.40
C HIS A 300 -16.16 -8.55 -20.44
N ARG A 301 -15.52 -8.26 -21.55
CA ARG A 301 -14.80 -7.00 -21.70
C ARG A 301 -15.07 -6.36 -23.04
N PRO A 302 -16.21 -5.68 -23.19
CA PRO A 302 -16.50 -5.03 -24.47
C PRO A 302 -15.48 -3.98 -24.87
N ASP A 303 -15.00 -3.18 -23.91
CA ASP A 303 -14.12 -2.06 -24.20
C ASP A 303 -12.67 -2.45 -24.39
N LEU A 304 -12.32 -3.74 -24.29
CA LEU A 304 -10.96 -4.15 -24.54
C LEU A 304 -10.79 -4.40 -26.02
N LYS A 305 -9.73 -3.85 -26.59
CA LYS A 305 -9.47 -3.88 -28.03
C LYS A 305 -8.32 -4.83 -28.31
N VAL A 306 -8.50 -5.73 -29.25
CA VAL A 306 -7.45 -6.65 -29.62
C VAL A 306 -7.06 -6.40 -31.07
N ILE A 307 -5.77 -6.43 -31.31
CA ILE A 307 -5.23 -6.32 -32.66
C ILE A 307 -4.37 -7.54 -32.87
N LEU A 308 -4.83 -8.43 -33.76
CA LEU A 308 -4.03 -9.56 -34.18
C LEU A 308 -3.04 -9.11 -35.24
N MET A 309 -1.83 -9.65 -35.18
CA MET A 309 -0.75 -9.31 -36.11
C MET A 309 -0.12 -10.59 -36.61
N SER A 310 0.05 -10.67 -37.91
CA SER A 310 0.47 -11.92 -38.54
C SER A 310 1.34 -11.59 -39.75
N ALA A 311 2.19 -12.52 -40.13
CA ALA A 311 2.72 -12.52 -41.48
C ALA A 311 1.64 -13.08 -42.40
N THR A 312 1.89 -13.16 -43.70
CA THR A 312 0.88 -13.82 -44.52
C THR A 312 1.34 -15.27 -44.56
N VAL A 313 0.87 -16.05 -43.59
CA VAL A 313 1.12 -17.48 -43.53
C VAL A 313 -0.16 -18.07 -42.96
N ARG A 314 -0.93 -18.75 -43.81
CA ARG A 314 -2.33 -19.03 -43.55
C ARG A 314 -2.99 -17.95 -42.72
N GLU A 315 -3.00 -16.72 -43.24
CA GLU A 315 -3.54 -15.56 -42.54
C GLU A 315 -4.99 -15.78 -42.13
N GLN A 316 -5.74 -16.54 -42.92
CA GLN A 316 -7.19 -16.57 -42.76
C GLN A 316 -7.65 -17.62 -41.73
N ASP A 317 -6.73 -18.39 -41.16
CA ASP A 317 -7.08 -19.17 -39.97
C ASP A 317 -7.52 -18.29 -38.81
N PHE A 318 -6.79 -17.20 -38.58
CA PHE A 318 -7.12 -16.27 -37.51
C PHE A 318 -8.37 -15.47 -37.83
N CYS A 319 -8.52 -15.06 -39.09
CA CYS A 319 -9.73 -14.35 -39.51
C CYS A 319 -10.96 -15.23 -39.28
N ASP A 320 -10.87 -16.54 -39.57
CA ASP A 320 -12.01 -17.44 -39.34
C ASP A 320 -12.20 -17.80 -37.87
N TYR A 321 -11.15 -17.73 -37.04
CA TYR A 321 -11.27 -18.13 -35.65
C TYR A 321 -11.96 -17.07 -34.81
N PHE A 322 -11.82 -15.80 -35.19
CA PHE A 322 -12.65 -14.75 -34.61
C PHE A 322 -13.69 -14.39 -35.67
N ASN A 323 -14.91 -14.91 -35.51
CA ASN A 323 -16.03 -14.64 -36.43
C ASN A 323 -15.49 -14.79 -37.85
N ASN A 324 -15.78 -13.84 -38.74
CA ASN A 324 -14.89 -13.54 -39.84
C ASN A 324 -14.49 -12.07 -39.69
N CYS A 325 -13.28 -11.86 -39.25
CA CYS A 325 -12.77 -10.62 -38.69
C CYS A 325 -12.37 -9.63 -39.79
N PRO A 326 -12.51 -8.33 -39.53
CA PRO A 326 -11.87 -7.36 -40.42
C PRO A 326 -10.41 -7.72 -40.59
N MET A 327 -9.91 -7.61 -41.81
CA MET A 327 -8.53 -7.93 -42.08
C MET A 327 -7.90 -6.81 -42.89
N PHE A 328 -6.70 -6.42 -42.48
CA PHE A 328 -5.92 -5.42 -43.16
C PHE A 328 -4.73 -6.12 -43.79
N ARG A 329 -4.60 -6.00 -45.11
CA ARG A 329 -3.43 -6.52 -45.80
C ARG A 329 -2.53 -5.34 -46.05
N ILE A 330 -1.24 -5.55 -45.81
CA ILE A 330 -0.30 -4.45 -45.86
C ILE A 330 0.92 -4.83 -46.68
N GLU A 331 1.48 -3.82 -47.34
CA GLU A 331 2.55 -4.02 -48.31
C GLU A 331 3.75 -4.67 -47.65
N GLY A 332 4.44 -5.49 -48.41
CA GLY A 332 5.81 -5.78 -48.05
C GLY A 332 6.72 -4.64 -48.44
N VAL A 333 7.89 -4.64 -47.82
CA VAL A 333 9.03 -3.85 -48.26
C VAL A 333 10.14 -4.82 -48.61
N MET A 334 10.69 -4.69 -49.81
CA MET A 334 11.97 -5.25 -50.23
C MET A 334 12.07 -5.06 -51.73
N PHE A 335 13.11 -5.58 -52.29
CA PHE A 335 13.20 -5.88 -53.71
C PHE A 335 12.83 -7.38 -53.70
N PRO A 336 12.77 -8.13 -54.80
CA PRO A 336 12.70 -9.58 -54.65
C PRO A 336 14.01 -10.22 -54.25
N VAL A 337 13.82 -11.44 -53.84
CA VAL A 337 14.81 -12.48 -53.78
C VAL A 337 14.19 -13.65 -54.55
N LYS A 338 14.75 -14.00 -55.72
CA LYS A 338 14.04 -14.89 -56.62
C LYS A 338 14.32 -16.35 -56.27
N MET A 339 13.29 -17.18 -56.42
CA MET A 339 13.39 -18.62 -56.24
C MET A 339 14.11 -19.26 -57.41
N LEU A 340 15.18 -19.99 -57.13
CA LEU A 340 15.61 -21.04 -58.03
C LEU A 340 15.40 -22.39 -57.33
N TYR A 341 14.83 -23.35 -58.04
CA TYR A 341 14.80 -24.69 -57.49
C TYR A 341 15.95 -25.44 -58.14
N LEU A 342 16.21 -26.68 -57.71
CA LEU A 342 17.51 -27.24 -58.08
C LEU A 342 17.56 -27.57 -59.57
N GLU A 343 16.42 -27.63 -60.25
CA GLU A 343 16.49 -27.73 -61.70
C GLU A 343 16.98 -26.41 -62.30
N ASP A 344 16.90 -25.31 -61.55
CA ASP A 344 17.63 -24.12 -61.93
C ASP A 344 19.05 -24.13 -61.41
N VAL A 345 19.31 -24.79 -60.29
CA VAL A 345 20.63 -24.71 -59.67
C VAL A 345 21.65 -25.47 -60.50
N LEU A 346 21.31 -26.69 -60.91
CA LEU A 346 22.30 -27.44 -61.68
C LEU A 346 22.21 -27.16 -63.17
N SER A 347 21.17 -26.46 -63.62
CA SER A 347 21.30 -25.75 -64.88
C SER A 347 22.51 -24.82 -64.83
N LYS A 348 22.72 -24.13 -63.70
CA LYS A 348 23.82 -23.19 -63.62
C LYS A 348 25.09 -23.81 -63.01
N THR A 349 24.97 -24.77 -62.08
CA THR A 349 26.20 -25.30 -61.47
C THR A 349 26.86 -26.37 -62.33
N ASN A 350 26.08 -27.22 -62.97
CA ASN A 350 26.54 -28.38 -63.74
C ASN A 350 27.49 -29.28 -62.95
N TYR A 351 27.12 -29.53 -61.70
CA TYR A 351 27.85 -30.42 -60.81
C TYR A 351 27.45 -31.90 -61.00
N GLU A 352 28.35 -32.81 -60.60
CA GLU A 352 27.92 -34.19 -60.43
C GLU A 352 28.66 -34.85 -59.26
N PHE A 353 28.03 -35.91 -58.76
CA PHE A 353 28.21 -36.49 -57.44
C PHE A 353 28.76 -37.90 -57.59
N GLN A 354 29.68 -38.28 -56.71
CA GLN A 354 29.70 -39.63 -56.12
C GLN A 354 30.93 -39.78 -55.23
N LYS A 355 30.90 -40.78 -54.35
CA LYS A 355 31.95 -41.08 -53.40
C LYS A 355 32.57 -42.46 -53.70
N ARG A 368 10.57 -45.27 -50.79
CA ARG A 368 11.53 -44.18 -51.00
C ARG A 368 11.72 -43.84 -52.48
N ARG A 369 12.20 -44.82 -53.25
CA ARG A 369 12.57 -44.55 -54.62
C ARG A 369 11.36 -44.55 -55.54
N MET A 370 10.36 -45.39 -55.23
CA MET A 370 9.13 -45.41 -56.02
C MET A 370 8.35 -44.11 -55.86
N LYS A 371 8.35 -43.53 -54.65
CA LYS A 371 7.69 -42.25 -54.46
C LYS A 371 8.51 -41.11 -55.03
N HIS A 372 9.85 -41.14 -54.89
CA HIS A 372 10.61 -40.05 -55.49
C HIS A 372 10.17 -39.95 -56.93
N GLU A 373 10.09 -41.11 -57.56
CA GLU A 373 9.85 -41.24 -58.99
C GLU A 373 8.37 -41.04 -59.34
N ALA A 374 7.46 -41.35 -58.41
CA ALA A 374 6.04 -40.96 -58.56
C ALA A 374 5.87 -39.45 -58.45
N MET A 375 6.63 -38.83 -57.55
CA MET A 375 6.71 -37.37 -57.45
C MET A 375 7.35 -36.72 -58.66
N ILE A 376 8.57 -37.09 -59.02
CA ILE A 376 9.30 -36.26 -59.97
C ILE A 376 8.68 -36.30 -61.40
N GLU A 377 8.38 -37.55 -62.00
CA GLU A 377 8.23 -37.53 -63.50
C GLU A 377 6.97 -36.88 -64.05
N PRO A 378 5.82 -36.91 -63.38
CA PRO A 378 4.70 -36.09 -63.89
C PRO A 378 5.09 -34.63 -64.02
N TYR A 379 6.00 -34.19 -63.17
CA TYR A 379 6.43 -32.83 -63.26
C TYR A 379 7.64 -32.63 -64.18
N LEU A 380 8.52 -33.62 -64.43
CA LEU A 380 9.48 -33.32 -65.49
C LEU A 380 8.88 -33.53 -66.86
N ARG A 381 7.73 -34.17 -66.92
CA ARG A 381 7.03 -34.22 -68.18
C ARG A 381 6.39 -32.87 -68.49
N ARG A 382 6.19 -32.03 -67.49
CA ARG A 382 5.67 -30.69 -67.74
C ARG A 382 6.74 -29.63 -67.99
N ILE A 383 7.94 -29.77 -67.46
CA ILE A 383 9.03 -28.82 -67.67
C ILE A 383 9.95 -29.26 -68.82
N ARG A 384 9.52 -30.25 -69.62
CA ARG A 384 10.35 -30.93 -70.62
C ARG A 384 11.22 -29.97 -71.47
N ASN A 385 10.66 -28.83 -71.95
CA ASN A 385 11.40 -27.95 -72.87
C ASN A 385 12.21 -26.84 -72.22
N SER A 386 12.04 -26.59 -70.94
CA SER A 386 12.70 -25.41 -70.43
C SER A 386 14.04 -25.72 -69.78
N TYR A 387 14.47 -26.98 -69.86
CA TYR A 387 15.81 -27.30 -69.42
C TYR A 387 16.38 -28.41 -70.28
N ASP A 388 17.69 -28.55 -70.20
CA ASP A 388 18.42 -29.56 -70.96
C ASP A 388 18.05 -30.94 -70.45
N SER A 389 18.33 -31.96 -71.27
CA SER A 389 17.92 -33.30 -70.90
C SER A 389 18.74 -33.88 -69.76
N ARG A 390 20.00 -33.50 -69.60
CA ARG A 390 20.70 -34.05 -68.45
C ARG A 390 20.32 -33.31 -67.15
N VAL A 391 19.83 -32.08 -67.22
CA VAL A 391 19.36 -31.46 -65.98
C VAL A 391 18.04 -32.08 -65.52
N LEU A 392 17.07 -32.25 -66.43
CA LEU A 392 15.87 -32.95 -66.00
C LEU A 392 16.17 -34.40 -65.76
N ASP A 393 17.27 -34.90 -66.29
CA ASP A 393 17.61 -36.26 -65.93
C ASP A 393 18.04 -36.29 -64.49
N LYS A 394 18.55 -35.18 -63.96
CA LYS A 394 19.11 -35.32 -62.64
C LYS A 394 18.13 -34.94 -61.51
N LEU A 395 16.86 -34.67 -61.78
CA LEU A 395 15.95 -34.64 -60.64
C LEU A 395 15.78 -36.04 -60.04
N ARG A 396 16.12 -37.11 -60.77
CA ARG A 396 15.85 -38.49 -60.41
C ARG A 396 16.80 -39.19 -59.45
N LEU A 397 18.01 -38.73 -59.25
CA LEU A 397 18.66 -39.12 -58.02
C LEU A 397 18.06 -38.27 -56.92
N PRO A 398 17.50 -38.89 -55.88
CA PRO A 398 17.01 -38.17 -54.69
C PRO A 398 18.08 -37.50 -53.88
N GLU A 399 19.31 -38.00 -53.94
CA GLU A 399 20.29 -37.28 -53.16
C GLU A 399 20.71 -35.98 -53.84
N SER A 400 20.29 -35.75 -55.09
CA SER A 400 20.24 -34.38 -55.61
C SER A 400 19.60 -33.48 -54.57
N GLU A 401 18.34 -33.79 -54.23
CA GLU A 401 17.52 -32.93 -53.36
C GLU A 401 17.84 -33.13 -51.88
N GLY A 402 17.71 -32.05 -51.12
CA GLY A 402 18.06 -32.09 -49.72
C GLY A 402 19.53 -31.83 -49.44
N CYS A 403 20.02 -32.37 -48.33
CA CYS A 403 21.42 -32.29 -47.94
C CYS A 403 22.23 -33.51 -48.28
N GLU A 404 21.67 -34.46 -49.01
CA GLU A 404 22.29 -35.77 -49.07
C GLU A 404 23.72 -35.72 -49.57
N ASP A 405 24.06 -34.77 -50.45
CA ASP A 405 25.46 -34.57 -50.81
C ASP A 405 25.97 -33.21 -50.34
N ILE A 406 26.98 -33.25 -49.48
CA ILE A 406 27.51 -32.01 -48.93
C ILE A 406 28.53 -31.35 -49.86
N ASP A 407 29.30 -32.15 -50.62
CA ASP A 407 30.20 -31.60 -51.63
C ASP A 407 29.45 -30.87 -52.73
N PHE A 408 28.17 -31.18 -52.90
CA PHE A 408 27.35 -30.40 -53.83
C PHE A 408 27.16 -28.99 -53.30
N ILE A 409 26.72 -28.86 -52.05
CA ILE A 409 26.49 -27.50 -51.57
C ILE A 409 27.82 -26.78 -51.47
N ALA A 410 28.89 -27.50 -51.12
CA ALA A 410 30.23 -26.92 -51.16
C ALA A 410 30.48 -26.28 -52.51
N ASP A 411 30.23 -27.03 -53.58
CA ASP A 411 30.44 -26.49 -54.89
C ASP A 411 29.40 -25.44 -55.25
N LEU A 412 28.30 -25.27 -54.51
CA LEU A 412 27.49 -24.10 -54.84
C LEU A 412 28.04 -22.86 -54.15
N VAL A 413 28.53 -22.97 -52.91
CA VAL A 413 29.10 -21.76 -52.32
C VAL A 413 30.43 -21.44 -53.00
N TYR A 414 31.24 -22.46 -53.31
CA TYR A 414 32.39 -22.23 -54.19
C TYR A 414 31.96 -21.55 -55.46
N TYR A 415 30.74 -21.83 -55.89
CA TYR A 415 30.26 -21.30 -57.14
C TYR A 415 29.77 -19.85 -57.03
N ILE A 416 29.02 -19.48 -55.97
CA ILE A 416 28.45 -18.13 -55.91
C ILE A 416 29.52 -17.10 -55.65
N CYS A 417 30.71 -17.53 -55.29
CA CYS A 417 31.78 -16.59 -54.95
C CYS A 417 32.34 -15.91 -56.20
N GLU A 418 32.47 -16.65 -57.29
CA GLU A 418 32.93 -16.03 -58.54
C GLU A 418 31.83 -15.23 -59.19
N ASN A 419 30.72 -15.89 -59.54
CA ASN A 419 29.64 -15.13 -60.12
C ASN A 419 28.91 -14.36 -59.03
N GLU A 420 27.96 -13.55 -59.44
CA GLU A 420 27.08 -12.75 -58.58
C GLU A 420 27.87 -11.70 -57.77
N PRO A 421 27.24 -10.56 -57.47
CA PRO A 421 28.00 -9.45 -56.88
C PRO A 421 28.35 -9.73 -55.43
N GLU A 422 28.87 -8.72 -54.72
CA GLU A 422 29.29 -8.93 -53.34
C GLU A 422 28.08 -9.26 -52.47
N GLY A 423 28.27 -10.15 -51.51
CA GLY A 423 27.17 -10.45 -50.60
C GLY A 423 27.38 -11.72 -49.81
N ALA A 424 26.50 -11.92 -48.84
CA ALA A 424 26.65 -12.96 -47.83
C ALA A 424 25.84 -14.21 -48.18
N ILE A 425 26.42 -15.38 -47.87
CA ILE A 425 25.78 -16.66 -48.15
C ILE A 425 25.32 -17.22 -46.81
N LEU A 426 24.01 -17.33 -46.64
CA LEU A 426 23.42 -18.00 -45.51
C LEU A 426 23.00 -19.39 -45.97
N VAL A 427 23.55 -20.43 -45.36
CA VAL A 427 23.33 -21.80 -45.82
C VAL A 427 22.57 -22.54 -44.73
N PHE A 428 21.41 -23.08 -45.08
CA PHE A 428 20.51 -23.71 -44.13
C PHE A 428 20.63 -25.21 -44.24
N LEU A 429 21.11 -25.85 -43.18
CA LEU A 429 21.21 -27.30 -43.11
C LEU A 429 20.42 -27.79 -41.91
N PRO A 430 20.08 -29.08 -41.85
CA PRO A 430 19.17 -29.52 -40.78
C PRO A 430 19.75 -29.39 -39.40
N GLY A 431 21.00 -29.79 -39.21
CA GLY A 431 21.44 -29.94 -37.84
C GLY A 431 22.94 -29.79 -37.74
N TYR A 432 23.41 -29.98 -36.52
CA TYR A 432 24.77 -29.63 -36.16
C TYR A 432 25.78 -30.61 -36.75
N ASP A 433 25.39 -31.85 -36.95
CA ASP A 433 26.35 -32.81 -37.48
C ASP A 433 26.76 -32.38 -38.89
N LYS A 434 25.79 -31.94 -39.68
CA LYS A 434 26.05 -31.60 -41.05
C LYS A 434 26.48 -30.15 -41.25
N ILE A 435 26.35 -29.31 -40.21
CA ILE A 435 27.01 -28.02 -40.32
C ILE A 435 28.49 -28.21 -40.13
N SER A 436 28.88 -29.27 -39.43
CA SER A 436 30.30 -29.53 -39.27
C SER A 436 30.88 -30.04 -40.57
N GLN A 437 30.25 -31.05 -41.15
CA GLN A 437 30.82 -31.67 -42.34
C GLN A 437 30.88 -30.72 -43.52
N LEU A 438 29.97 -29.74 -43.63
CA LEU A 438 30.14 -28.77 -44.71
C LEU A 438 31.06 -27.64 -44.28
N TYR A 439 31.19 -27.42 -42.97
CA TYR A 439 32.28 -26.58 -42.48
C TYR A 439 33.63 -27.18 -42.84
N ASN A 440 33.84 -28.47 -42.51
CA ASN A 440 35.14 -29.09 -42.78
C ASN A 440 35.47 -29.06 -44.26
N ILE A 441 34.47 -29.22 -45.10
CA ILE A 441 34.67 -29.24 -46.53
C ILE A 441 34.98 -27.86 -47.05
N LEU A 442 34.43 -26.82 -46.41
CA LEU A 442 34.63 -25.45 -46.87
C LEU A 442 35.96 -24.88 -46.43
N ASP A 443 36.43 -25.23 -45.24
CA ASP A 443 37.72 -24.74 -44.78
C ASP A 443 38.84 -25.74 -45.03
N LYS A 444 38.53 -27.01 -45.31
CA LYS A 444 39.55 -27.99 -45.67
C LYS A 444 39.15 -28.70 -46.95
N PRO A 445 39.08 -27.98 -48.07
CA PRO A 445 38.73 -28.62 -49.34
C PRO A 445 39.85 -29.51 -49.86
N LYS A 446 39.47 -30.71 -50.30
CA LYS A 446 40.40 -31.62 -50.94
C LYS A 446 40.50 -31.37 -52.44
N THR A 447 39.55 -30.65 -53.03
CA THR A 447 39.56 -30.33 -54.44
C THR A 447 40.30 -29.02 -54.69
N SER A 448 41.14 -28.99 -55.73
CA SER A 448 41.97 -27.83 -56.02
C SER A 448 41.13 -26.61 -56.31
N LYS A 449 39.87 -26.83 -56.70
CA LYS A 449 38.94 -25.74 -56.95
C LYS A 449 38.55 -25.04 -55.65
N GLY A 450 38.39 -25.81 -54.57
CA GLY A 450 38.13 -25.25 -53.26
C GLY A 450 39.31 -24.71 -52.50
N GLN A 451 40.48 -25.36 -52.65
CA GLN A 451 41.68 -24.90 -51.96
C GLN A 451 42.04 -23.47 -52.34
N ARG A 452 41.62 -23.04 -53.52
CA ARG A 452 41.73 -21.63 -53.88
C ARG A 452 40.93 -20.77 -52.93
N TRP A 453 39.67 -21.13 -52.72
CA TRP A 453 38.75 -20.22 -52.07
C TRP A 453 38.87 -20.21 -50.57
N ARG A 454 39.67 -21.12 -50.00
CA ARG A 454 39.54 -21.42 -48.59
C ARG A 454 39.65 -20.16 -47.76
N ASP A 455 40.66 -19.33 -48.04
CA ASP A 455 40.94 -18.14 -47.24
C ASP A 455 40.32 -16.86 -47.78
N HIS A 456 39.53 -16.93 -48.86
CA HIS A 456 38.72 -15.80 -49.30
C HIS A 456 37.24 -15.98 -48.96
N MET A 457 36.91 -16.98 -48.15
CA MET A 457 35.63 -17.10 -47.47
C MET A 457 35.84 -16.94 -45.97
N ALA A 458 34.88 -16.30 -45.31
CA ALA A 458 34.86 -16.17 -43.85
C ALA A 458 33.65 -16.95 -43.35
N VAL A 459 33.90 -18.10 -42.74
CA VAL A 459 32.87 -19.13 -42.57
C VAL A 459 32.40 -19.13 -41.11
N PHE A 460 31.10 -18.97 -40.89
CA PHE A 460 30.55 -19.03 -39.54
C PHE A 460 29.51 -20.13 -39.36
N PRO A 461 29.77 -21.04 -38.44
CA PRO A 461 28.74 -21.96 -37.93
C PRO A 461 27.72 -21.22 -37.07
N LEU A 462 26.44 -21.43 -37.34
CA LEU A 462 25.34 -20.84 -36.55
C LEU A 462 24.47 -21.93 -35.96
N HIS A 463 24.49 -22.08 -34.64
CA HIS A 463 23.69 -23.09 -33.94
C HIS A 463 23.45 -22.62 -32.51
N SER A 464 22.30 -23.02 -31.95
CA SER A 464 21.97 -22.74 -30.55
C SER A 464 23.14 -22.96 -29.58
N LEU A 465 23.92 -24.02 -29.77
CA LEU A 465 24.97 -24.45 -28.85
C LEU A 465 26.35 -23.92 -29.19
N MET A 466 26.47 -23.06 -30.19
CA MET A 466 27.78 -22.56 -30.57
C MET A 466 27.91 -21.07 -30.28
N GLN A 467 29.16 -20.66 -30.03
CA GLN A 467 29.42 -19.31 -29.54
C GLN A 467 29.10 -18.25 -30.56
N SER A 468 29.13 -18.58 -31.85
CA SER A 468 29.13 -17.54 -32.86
C SER A 468 27.81 -16.79 -32.92
N GLY A 469 26.76 -17.29 -32.27
CA GLY A 469 25.51 -16.54 -32.27
C GLY A 469 25.46 -15.38 -31.30
N GLU A 470 26.28 -15.40 -30.23
CA GLU A 470 26.32 -14.29 -29.28
C GLU A 470 27.42 -13.26 -29.54
N GLN A 471 28.30 -13.50 -30.48
CA GLN A 471 29.31 -12.48 -30.72
C GLN A 471 28.80 -11.56 -31.82
N GLN A 472 29.49 -10.43 -32.01
CA GLN A 472 29.02 -9.48 -33.01
C GLN A 472 29.56 -9.81 -34.39
N ALA A 473 30.45 -10.82 -34.49
CA ALA A 473 31.18 -11.07 -35.74
C ALA A 473 30.26 -11.59 -36.83
N VAL A 474 29.41 -12.58 -36.51
CA VAL A 474 28.46 -13.13 -37.48
C VAL A 474 27.61 -12.06 -38.16
N PHE A 475 27.28 -10.97 -37.46
CA PHE A 475 26.48 -9.86 -38.00
C PHE A 475 27.32 -8.81 -38.71
N ARG A 476 28.59 -9.04 -38.87
CA ARG A 476 29.46 -7.97 -39.31
C ARG A 476 29.58 -7.93 -40.82
N ARG A 477 30.26 -6.92 -41.31
CA ARG A 477 30.70 -7.01 -42.69
C ARG A 477 32.05 -7.74 -42.72
N PRO A 478 32.32 -8.52 -43.75
CA PRO A 478 33.57 -9.30 -43.77
C PRO A 478 34.76 -8.39 -44.04
N PRO A 479 35.98 -8.84 -43.74
CA PRO A 479 37.16 -8.18 -44.29
C PRO A 479 36.94 -7.87 -45.77
N ALA A 480 37.49 -6.74 -46.22
CA ALA A 480 37.58 -6.49 -47.64
C ALA A 480 38.28 -7.66 -48.31
N GLY A 481 37.79 -8.05 -49.49
CA GLY A 481 38.27 -9.22 -50.20
C GLY A 481 37.80 -10.55 -49.65
N GLN A 482 37.01 -10.53 -48.57
CA GLN A 482 36.45 -11.75 -48.00
C GLN A 482 34.94 -11.76 -48.18
N ARG A 483 34.41 -12.96 -48.40
CA ARG A 483 32.98 -13.17 -48.55
C ARG A 483 32.50 -14.05 -47.42
N LYS A 484 31.47 -13.61 -46.71
CA LYS A 484 31.09 -14.36 -45.52
C LYS A 484 30.03 -15.43 -45.84
N VAL A 485 30.33 -16.65 -45.40
CA VAL A 485 29.48 -17.82 -45.56
C VAL A 485 29.04 -18.24 -44.16
N ILE A 486 27.74 -18.40 -43.97
CA ILE A 486 27.18 -18.85 -42.70
C ILE A 486 26.47 -20.17 -42.93
N ILE A 487 26.89 -21.19 -42.18
CA ILE A 487 26.25 -22.49 -42.20
C ILE A 487 25.45 -22.60 -40.91
N SER A 488 24.13 -22.68 -41.04
CA SER A 488 23.24 -22.43 -39.92
C SER A 488 22.16 -23.49 -39.87
N THR A 489 21.64 -23.71 -38.66
CA THR A 489 20.39 -24.44 -38.48
C THR A 489 19.22 -23.50 -38.75
N ILE A 490 18.02 -23.98 -38.44
CA ILE A 490 16.82 -23.18 -38.58
C ILE A 490 16.86 -21.89 -37.74
N ILE A 491 17.85 -21.77 -36.86
CA ILE A 491 17.99 -20.59 -35.99
C ILE A 491 17.99 -19.29 -36.79
N ALA A 492 18.53 -19.29 -38.01
CA ALA A 492 18.65 -18.08 -38.83
C ALA A 492 17.34 -17.66 -39.50
N GLU A 493 16.32 -18.49 -39.42
CA GLU A 493 15.03 -18.16 -40.04
C GLU A 493 14.35 -16.98 -39.34
N THR A 494 14.23 -17.05 -38.02
CA THR A 494 13.53 -16.03 -37.25
C THR A 494 14.40 -15.51 -36.12
N SER A 495 14.80 -16.42 -35.22
CA SER A 495 15.54 -16.07 -34.02
C SER A 495 16.70 -15.12 -34.29
N VAL A 496 17.64 -15.51 -35.14
CA VAL A 496 18.82 -14.71 -35.46
C VAL A 496 18.62 -14.06 -36.81
N THR A 497 18.89 -12.75 -36.90
CA THR A 497 18.77 -12.00 -38.15
C THR A 497 20.11 -11.38 -38.54
N ILE A 498 20.53 -11.65 -39.77
CA ILE A 498 21.80 -11.15 -40.31
C ILE A 498 21.45 -10.37 -41.58
N ASP A 499 21.86 -9.10 -41.62
CA ASP A 499 21.27 -8.15 -42.56
C ASP A 499 21.97 -8.06 -43.92
N ASP A 500 23.20 -8.54 -44.06
CA ASP A 500 23.91 -8.39 -45.33
C ASP A 500 23.76 -9.56 -46.28
N VAL A 501 22.95 -10.57 -45.94
CA VAL A 501 22.81 -11.74 -46.79
C VAL A 501 22.07 -11.35 -48.07
N VAL A 502 22.72 -11.54 -49.22
CA VAL A 502 21.99 -11.55 -50.50
C VAL A 502 21.80 -12.94 -51.07
N TYR A 503 22.42 -13.97 -50.48
CA TYR A 503 22.31 -15.31 -51.03
C TYR A 503 21.95 -16.28 -49.94
N VAL A 504 20.83 -16.96 -50.10
CA VAL A 504 20.48 -18.06 -49.23
C VAL A 504 20.47 -19.32 -50.05
N ILE A 505 21.14 -20.35 -49.54
CA ILE A 505 21.02 -21.70 -50.03
C ILE A 505 20.20 -22.46 -49.01
N ASN A 506 19.07 -23.00 -49.44
CA ASN A 506 18.09 -23.63 -48.56
C ASN A 506 18.07 -25.11 -48.94
N SER A 507 18.64 -25.94 -48.07
CA SER A 507 18.55 -27.38 -48.26
C SER A 507 17.11 -27.88 -48.18
N GLY A 508 16.24 -27.16 -47.49
CA GLY A 508 14.91 -27.63 -47.24
C GLY A 508 14.79 -28.70 -46.17
N ARG A 509 15.84 -28.98 -45.40
CA ARG A 509 15.79 -30.05 -44.42
C ARG A 509 16.21 -29.55 -43.06
N THR A 510 15.43 -29.91 -42.03
CA THR A 510 15.74 -29.48 -40.67
C THR A 510 15.33 -30.61 -39.74
N LYS A 511 15.40 -30.36 -38.44
CA LYS A 511 15.11 -31.39 -37.46
C LYS A 511 13.92 -30.98 -36.59
N ALA A 512 13.19 -32.00 -36.13
CA ALA A 512 11.95 -31.82 -35.39
C ALA A 512 11.77 -32.92 -34.34
N THR A 513 11.37 -32.53 -33.12
CA THR A 513 10.86 -33.48 -32.13
C THR A 513 9.64 -34.23 -32.70
N ASN A 514 9.64 -35.56 -32.63
CA ASN A 514 8.44 -36.34 -32.98
C ASN A 514 8.19 -37.47 -31.99
N TYR A 515 7.00 -37.50 -31.37
CA TYR A 515 6.75 -38.44 -30.29
C TYR A 515 5.63 -39.40 -30.63
N ASP A 516 5.76 -40.59 -30.08
CA ASP A 516 4.81 -41.66 -30.29
C ASP A 516 4.12 -41.91 -28.95
N ILE A 517 2.86 -41.49 -28.84
CA ILE A 517 2.16 -41.56 -27.57
C ILE A 517 2.10 -42.99 -27.08
N GLU A 518 2.20 -43.96 -27.98
CA GLU A 518 2.17 -45.36 -27.57
C GLU A 518 3.45 -45.75 -26.84
N THR A 519 4.60 -45.55 -27.47
CA THR A 519 5.84 -46.14 -26.96
C THR A 519 6.44 -45.39 -25.78
N ASN A 520 6.02 -44.14 -25.58
CA ASN A 520 6.75 -43.19 -24.72
C ASN A 520 8.18 -42.96 -25.19
N ILE A 521 8.41 -42.94 -26.50
CA ILE A 521 9.67 -42.45 -27.06
C ILE A 521 9.33 -41.20 -27.86
N GLN A 522 10.05 -40.08 -27.62
CA GLN A 522 10.16 -39.00 -28.60
C GLN A 522 11.57 -39.03 -29.18
N SER A 523 11.62 -38.96 -30.49
CA SER A 523 12.86 -39.05 -31.23
C SER A 523 13.08 -37.73 -31.96
N LEU A 524 14.35 -37.48 -32.28
CA LEU A 524 14.74 -36.28 -33.00
C LEU A 524 15.09 -36.70 -34.42
N ASP A 525 14.21 -36.39 -35.37
CA ASP A 525 14.31 -36.91 -36.73
C ASP A 525 14.43 -35.75 -37.71
N GLU A 526 15.26 -35.97 -38.73
CA GLU A 526 15.47 -34.98 -39.78
C GLU A 526 14.29 -35.02 -40.76
N VAL A 527 13.73 -33.85 -41.05
CA VAL A 527 12.43 -33.74 -41.72
C VAL A 527 12.56 -32.73 -42.88
N TRP A 528 11.57 -32.73 -43.77
CA TRP A 528 11.44 -31.61 -44.70
C TRP A 528 10.91 -30.37 -44.00
N VAL A 529 11.31 -29.21 -44.51
CA VAL A 529 10.74 -27.96 -44.04
C VAL A 529 9.33 -27.87 -44.61
N THR A 530 8.65 -26.79 -44.32
CA THR A 530 7.35 -26.51 -44.90
C THR A 530 7.45 -25.26 -45.76
N LYS A 531 6.48 -25.13 -46.68
CA LYS A 531 6.39 -23.91 -47.47
C LYS A 531 6.62 -22.68 -46.61
N ALA A 532 5.94 -22.62 -45.45
CA ALA A 532 6.03 -21.41 -44.63
C ALA A 532 7.47 -21.06 -44.29
N ASN A 533 8.34 -22.06 -44.16
CA ASN A 533 9.72 -21.74 -43.81
C ASN A 533 10.57 -21.37 -45.01
N THR A 534 10.45 -22.09 -46.13
CA THR A 534 11.25 -21.69 -47.27
C THR A 534 10.89 -20.28 -47.68
N GLN A 535 9.64 -19.85 -47.49
CA GLN A 535 9.32 -18.50 -47.89
C GLN A 535 9.97 -17.47 -46.96
N GLN A 536 10.19 -17.84 -45.70
CA GLN A 536 10.85 -16.90 -44.79
C GLN A 536 12.37 -16.96 -44.91
N ARG A 537 12.94 -18.09 -45.27
CA ARG A 537 14.38 -18.07 -45.57
C ARG A 537 14.63 -17.29 -46.84
N ARG A 538 13.69 -17.40 -47.78
CA ARG A 538 13.70 -16.54 -48.95
C ARG A 538 13.79 -15.08 -48.53
N GLY A 539 12.96 -14.68 -47.55
CA GLY A 539 12.96 -13.28 -47.15
C GLY A 539 14.29 -12.82 -46.56
N ARG A 540 15.00 -13.75 -45.92
CA ARG A 540 16.26 -13.43 -45.25
C ARG A 540 17.32 -12.95 -46.22
N ALA A 541 17.27 -13.41 -47.46
CA ALA A 541 18.18 -12.96 -48.50
C ALA A 541 17.84 -11.58 -49.00
N GLY A 542 16.74 -11.01 -48.49
CA GLY A 542 16.29 -9.75 -49.01
C GLY A 542 16.83 -8.41 -48.54
N ARG A 543 16.83 -8.19 -47.22
CA ARG A 543 16.46 -6.87 -46.71
C ARG A 543 17.34 -5.72 -47.20
N VAL A 544 18.54 -5.97 -47.73
CA VAL A 544 19.38 -4.82 -48.06
C VAL A 544 19.36 -4.55 -49.56
N ARG A 545 19.68 -5.54 -50.38
CA ARG A 545 19.38 -5.34 -51.79
C ARG A 545 18.89 -6.66 -52.40
N PRO A 546 18.48 -6.72 -53.68
CA PRO A 546 17.96 -7.99 -54.22
C PRO A 546 18.86 -9.19 -53.99
N GLY A 547 18.27 -10.25 -53.45
CA GLY A 547 18.92 -11.51 -53.24
C GLY A 547 18.45 -12.58 -54.21
N ILE A 548 19.00 -13.77 -54.04
CA ILE A 548 18.44 -14.97 -54.66
C ILE A 548 18.49 -16.10 -53.65
N CYS A 549 17.53 -17.00 -53.77
CA CYS A 549 17.30 -18.09 -52.85
C CYS A 549 17.41 -19.40 -53.63
N TYR A 550 18.41 -20.21 -53.26
CA TYR A 550 18.68 -21.48 -53.93
C TYR A 550 18.10 -22.58 -53.08
N ASN A 551 17.02 -23.18 -53.55
CA ASN A 551 16.39 -24.27 -52.83
C ASN A 551 16.74 -25.57 -53.53
N LEU A 552 17.22 -26.52 -52.74
CA LEU A 552 17.86 -27.73 -53.22
C LEU A 552 16.88 -28.87 -53.41
N PHE A 553 15.60 -28.55 -53.55
CA PHE A 553 14.58 -29.52 -53.88
C PHE A 553 13.87 -29.13 -55.17
N SER A 554 13.28 -30.13 -55.81
CA SER A 554 12.45 -29.87 -56.96
C SER A 554 11.20 -29.11 -56.56
N ARG A 555 10.60 -28.42 -57.54
CA ARG A 555 9.30 -27.80 -57.29
C ARG A 555 8.23 -28.83 -57.04
N ALA A 556 8.39 -30.04 -57.58
CA ALA A 556 7.46 -31.12 -57.29
C ALA A 556 7.45 -31.42 -55.80
N ARG A 557 8.59 -31.20 -55.13
CA ARG A 557 8.66 -31.41 -53.71
C ARG A 557 8.00 -30.28 -52.92
N GLU A 558 8.00 -29.06 -53.45
CA GLU A 558 7.35 -27.98 -52.74
C GLU A 558 5.85 -28.22 -52.65
N ASP A 559 5.23 -28.67 -53.74
CA ASP A 559 3.78 -28.84 -53.69
C ASP A 559 3.38 -29.96 -52.72
N ARG A 560 4.32 -30.83 -52.35
CA ARG A 560 3.99 -31.91 -51.43
C ARG A 560 4.31 -31.58 -49.96
N MET A 561 5.03 -30.49 -49.65
CA MET A 561 5.24 -30.13 -48.24
C MET A 561 3.99 -29.49 -47.66
N ASP A 562 3.88 -29.52 -46.33
CA ASP A 562 2.74 -28.92 -45.68
C ASP A 562 2.82 -27.40 -45.72
N ASP A 563 1.67 -26.76 -45.56
CA ASP A 563 1.64 -25.31 -45.52
C ASP A 563 2.52 -24.77 -44.39
N ILE A 564 2.32 -25.29 -43.18
CA ILE A 564 3.05 -24.82 -42.00
C ILE A 564 3.40 -26.02 -41.11
N PRO A 565 4.37 -25.84 -40.20
CA PRO A 565 4.79 -26.93 -39.32
C PRO A 565 3.73 -27.23 -38.26
N THR A 566 3.75 -28.48 -37.77
CA THR A 566 2.81 -28.90 -36.74
C THR A 566 2.82 -27.90 -35.57
N PRO A 567 1.69 -27.26 -35.24
CA PRO A 567 1.73 -26.20 -34.23
C PRO A 567 2.13 -26.78 -32.90
N GLU A 568 2.90 -26.01 -32.13
CA GLU A 568 3.66 -26.65 -31.05
C GLU A 568 2.79 -27.19 -29.94
N ILE A 569 1.62 -26.59 -29.70
CA ILE A 569 0.73 -27.09 -28.65
C ILE A 569 0.30 -28.53 -28.90
N LEU A 570 0.34 -28.97 -30.16
CA LEU A 570 -0.03 -30.36 -30.41
C LEU A 570 1.08 -31.33 -30.01
N ARG A 571 2.33 -30.87 -29.96
CA ARG A 571 3.50 -31.66 -29.59
C ARG A 571 4.03 -31.41 -28.18
N SER A 572 3.37 -30.59 -27.37
CA SER A 572 3.88 -30.17 -26.08
C SER A 572 3.35 -31.03 -24.94
N LYS A 573 4.19 -31.23 -23.92
CA LYS A 573 3.69 -31.66 -22.62
C LYS A 573 2.69 -30.64 -22.10
N LEU A 574 1.52 -31.08 -21.65
CA LEU A 574 0.52 -30.14 -21.18
C LEU A 574 0.43 -30.02 -19.67
N GLU A 575 1.32 -30.68 -18.93
CA GLU A 575 1.30 -30.63 -17.48
C GLU A 575 1.15 -29.18 -17.00
N SER A 576 2.03 -28.31 -17.47
CA SER A 576 2.09 -26.95 -16.94
C SER A 576 0.83 -26.15 -17.27
N ILE A 577 0.25 -26.39 -18.45
CA ILE A 577 -0.86 -25.56 -18.91
C ILE A 577 -2.19 -25.98 -18.28
N ILE A 578 -2.49 -27.28 -18.22
CA ILE A 578 -3.74 -27.66 -17.58
C ILE A 578 -3.73 -27.21 -16.12
N LEU A 579 -2.57 -27.25 -15.46
CA LEU A 579 -2.49 -26.83 -14.07
C LEU A 579 -2.66 -25.33 -13.95
N SER A 580 -1.89 -24.56 -14.71
CA SER A 580 -2.05 -23.11 -14.65
C SER A 580 -3.47 -22.68 -14.99
N LEU A 581 -4.15 -23.45 -15.83
CA LEU A 581 -5.51 -23.11 -16.24
C LEU A 581 -6.47 -23.05 -15.06
N LYS A 582 -6.18 -23.78 -13.97
CA LYS A 582 -7.08 -23.73 -12.82
C LYS A 582 -7.01 -22.40 -12.11
N LEU A 583 -5.86 -21.71 -12.14
CA LEU A 583 -5.81 -20.40 -11.52
C LEU A 583 -6.73 -19.43 -12.24
N LEU A 584 -6.94 -19.63 -13.54
CA LEU A 584 -7.90 -18.82 -14.25
C LEU A 584 -9.30 -19.39 -14.13
N HIS A 585 -9.44 -20.46 -13.35
CA HIS A 585 -10.73 -21.04 -13.04
C HIS A 585 -11.35 -21.70 -14.26
N ILE A 586 -10.50 -22.31 -15.09
CA ILE A 586 -10.93 -23.17 -16.18
C ILE A 586 -10.47 -24.57 -15.79
N ASP A 587 -11.39 -25.36 -15.26
CA ASP A 587 -10.99 -26.62 -14.65
C ASP A 587 -11.26 -27.83 -15.53
N ASP A 588 -11.92 -27.66 -16.66
CA ASP A 588 -12.03 -28.77 -17.58
C ASP A 588 -11.06 -28.53 -18.73
N PRO A 589 -9.88 -29.19 -18.73
CA PRO A 589 -8.95 -29.02 -19.85
C PRO A 589 -9.51 -29.46 -21.20
N TYR A 590 -10.24 -30.58 -21.21
CA TYR A 590 -10.74 -31.12 -22.46
C TYR A 590 -11.72 -30.15 -23.10
N ARG A 591 -12.59 -29.56 -22.28
CA ARG A 591 -13.52 -28.56 -22.80
C ARG A 591 -12.76 -27.40 -23.40
N PHE A 592 -11.82 -26.84 -22.64
CA PHE A 592 -11.17 -25.63 -23.10
C PHE A 592 -10.17 -25.91 -24.20
N LEU A 593 -9.22 -26.82 -23.98
CA LEU A 593 -8.17 -26.94 -24.99
C LEU A 593 -8.69 -27.44 -26.33
N GLN A 594 -9.90 -27.96 -26.38
CA GLN A 594 -10.40 -28.36 -27.67
C GLN A 594 -11.02 -27.16 -28.40
N THR A 595 -11.01 -25.98 -27.78
CA THR A 595 -11.48 -24.76 -28.44
C THR A 595 -10.35 -23.97 -29.11
N LEU A 596 -9.11 -24.44 -29.05
CA LEU A 596 -8.03 -23.72 -29.69
C LEU A 596 -8.07 -23.95 -31.21
N ILE A 597 -7.16 -23.28 -31.92
CA ILE A 597 -7.14 -23.40 -33.37
C ILE A 597 -6.91 -24.85 -33.76
N ASN A 598 -6.05 -25.54 -33.02
CA ASN A 598 -5.92 -26.99 -33.13
C ASN A 598 -5.98 -27.60 -31.74
N ALA A 599 -6.94 -28.50 -31.56
CA ALA A 599 -7.18 -29.11 -30.28
C ALA A 599 -6.11 -30.15 -30.00
N PRO A 600 -5.41 -30.05 -28.88
CA PRO A 600 -4.53 -31.14 -28.46
C PRO A 600 -5.28 -32.47 -28.43
N ASN A 601 -4.52 -33.53 -28.60
CA ASN A 601 -5.07 -34.86 -28.46
C ASN A 601 -5.41 -35.07 -26.99
N PRO A 602 -6.66 -35.40 -26.66
CA PRO A 602 -7.02 -35.56 -25.24
C PRO A 602 -6.24 -36.67 -24.55
N GLU A 603 -5.62 -37.60 -25.29
CA GLU A 603 -4.71 -38.52 -24.62
C GLU A 603 -3.45 -37.83 -24.17
N ALA A 604 -3.12 -36.68 -24.77
CA ALA A 604 -2.06 -35.87 -24.17
C ALA A 604 -2.62 -35.09 -22.98
N ILE A 605 -3.81 -34.54 -23.14
CA ILE A 605 -4.49 -33.86 -22.05
C ILE A 605 -4.59 -34.76 -20.82
N LYS A 606 -4.93 -36.04 -21.03
CA LYS A 606 -5.07 -36.94 -19.90
C LYS A 606 -3.71 -37.40 -19.39
N MET A 607 -2.77 -37.62 -20.30
CA MET A 607 -1.45 -38.02 -19.84
C MET A 607 -0.81 -36.89 -19.05
N GLY A 608 -1.28 -35.66 -19.28
CA GLY A 608 -0.93 -34.55 -18.42
C GLY A 608 -1.65 -34.61 -17.10
N VAL A 609 -2.96 -34.88 -17.13
CA VAL A 609 -3.72 -34.91 -15.89
C VAL A 609 -3.15 -35.98 -14.98
N GLU A 610 -2.75 -37.12 -15.56
CA GLU A 610 -2.22 -38.19 -14.72
C GLU A 610 -0.86 -37.86 -14.13
N LEU A 611 -0.04 -37.04 -14.80
CA LEU A 611 1.24 -36.73 -14.17
C LEU A 611 1.06 -35.74 -13.03
N LEU A 612 0.08 -34.84 -13.14
CA LEU A 612 -0.17 -33.95 -12.02
C LEU A 612 -0.93 -34.62 -10.90
N LYS A 613 -1.70 -35.68 -11.19
CA LYS A 613 -2.24 -36.47 -10.09
C LYS A 613 -1.17 -37.28 -9.42
N ARG A 614 -0.07 -37.56 -10.12
CA ARG A 614 0.91 -38.41 -9.49
C ARG A 614 1.87 -37.62 -8.62
N ILE A 615 2.25 -36.42 -9.02
CA ILE A 615 3.00 -35.58 -8.11
C ILE A 615 2.06 -34.90 -7.14
N GLU A 616 0.76 -35.21 -7.24
CA GLU A 616 -0.29 -34.80 -6.29
C GLU A 616 -0.51 -33.30 -6.28
N ALA A 617 -0.42 -32.67 -7.45
CA ALA A 617 -0.97 -31.33 -7.67
C ALA A 617 -2.46 -31.37 -7.96
N LEU A 618 -3.00 -32.53 -8.24
CA LEU A 618 -4.43 -32.70 -8.23
C LEU A 618 -4.72 -33.94 -7.41
N ASP A 619 -5.83 -33.90 -6.69
CA ASP A 619 -6.29 -35.09 -6.02
C ASP A 619 -6.89 -36.04 -7.06
N GLN A 620 -7.42 -37.16 -6.59
CA GLN A 620 -7.82 -38.18 -7.53
C GLN A 620 -9.21 -37.90 -8.09
N THR A 621 -9.84 -36.79 -7.69
CA THR A 621 -10.97 -36.22 -8.40
C THR A 621 -10.57 -35.22 -9.49
N GLY A 622 -9.28 -34.89 -9.62
CA GLY A 622 -8.83 -33.92 -10.61
C GLY A 622 -8.93 -32.46 -10.21
N THR A 623 -9.03 -32.18 -8.92
CA THR A 623 -9.24 -30.85 -8.37
C THR A 623 -7.93 -30.32 -7.79
N LEU A 624 -7.71 -29.02 -7.93
CA LEU A 624 -6.49 -28.42 -7.42
C LEU A 624 -6.31 -28.68 -5.92
N THR A 625 -5.17 -29.30 -5.56
CA THR A 625 -4.72 -29.38 -4.18
C THR A 625 -3.94 -28.12 -3.82
N PRO A 626 -3.72 -27.85 -2.52
CA PRO A 626 -2.91 -26.67 -2.18
C PRO A 626 -1.48 -26.71 -2.71
N LEU A 627 -0.90 -27.89 -2.89
CA LEU A 627 0.41 -27.91 -3.53
C LEU A 627 0.32 -27.58 -5.01
N GLY A 628 -0.75 -28.03 -5.68
CA GLY A 628 -0.95 -27.64 -7.07
C GLY A 628 -1.06 -26.13 -7.21
N MET A 629 -1.75 -25.47 -6.28
CA MET A 629 -1.92 -24.03 -6.40
C MET A 629 -0.58 -23.33 -6.22
N HIS A 630 0.30 -23.86 -5.38
CA HIS A 630 1.64 -23.30 -5.31
C HIS A 630 2.39 -23.50 -6.63
N LEU A 631 2.33 -24.69 -7.21
CA LEU A 631 3.11 -24.94 -8.42
C LEU A 631 2.58 -24.22 -9.66
N ALA A 632 1.28 -24.01 -9.76
CA ALA A 632 0.76 -23.25 -10.89
C ALA A 632 1.34 -21.84 -10.93
N LYS A 633 1.68 -21.31 -9.75
CA LYS A 633 2.15 -19.93 -9.64
C LYS A 633 3.62 -19.79 -10.03
N LEU A 634 4.41 -20.89 -9.86
CA LEU A 634 5.83 -20.79 -10.17
C LEU A 634 6.07 -20.89 -11.68
N PRO A 635 6.99 -20.12 -12.20
CA PRO A 635 7.30 -20.10 -13.64
C PRO A 635 8.18 -21.25 -14.14
N ILE A 636 7.77 -22.48 -13.85
CA ILE A 636 8.56 -23.65 -14.22
C ILE A 636 7.64 -24.86 -14.26
N ASP A 637 8.04 -25.92 -14.97
CA ASP A 637 7.23 -27.14 -14.99
C ASP A 637 6.94 -27.62 -13.58
N PRO A 638 5.74 -28.19 -13.36
CA PRO A 638 5.37 -28.59 -11.99
C PRO A 638 6.35 -29.54 -11.34
N GLN A 639 6.80 -30.55 -12.09
CA GLN A 639 7.80 -31.49 -11.57
C GLN A 639 8.94 -30.71 -10.92
N MET A 640 9.43 -29.69 -11.61
CA MET A 640 10.57 -28.98 -11.08
C MET A 640 10.18 -27.91 -10.08
N GLY A 641 8.97 -27.34 -10.21
CA GLY A 641 8.43 -26.54 -9.14
C GLY A 641 8.39 -27.32 -7.85
N LYS A 642 7.97 -28.58 -7.93
CA LYS A 642 7.90 -29.42 -6.72
C LYS A 642 9.29 -29.62 -6.17
N MET A 643 10.28 -29.70 -7.05
CA MET A 643 11.65 -29.93 -6.59
C MET A 643 12.20 -28.70 -5.89
N ILE A 644 11.87 -27.51 -6.42
CA ILE A 644 12.23 -26.26 -5.73
C ILE A 644 11.65 -26.24 -4.32
N LEU A 645 10.37 -26.59 -4.20
CA LEU A 645 9.71 -26.52 -2.89
C LEU A 645 10.36 -27.48 -1.89
N MET A 646 10.67 -28.69 -2.33
CA MET A 646 11.33 -29.61 -1.43
C MET A 646 12.69 -29.09 -1.01
N SER A 647 13.38 -28.41 -1.93
CA SER A 647 14.69 -27.88 -1.57
C SER A 647 14.62 -26.75 -0.57
N ALA A 648 13.47 -26.07 -0.48
CA ALA A 648 13.29 -25.08 0.59
C ALA A 648 13.16 -25.76 1.95
N LEU A 649 12.40 -26.86 2.02
CA LEU A 649 12.19 -27.57 3.29
C LEU A 649 13.42 -28.33 3.75
N PHE A 650 14.21 -28.83 2.82
CA PHE A 650 15.36 -29.64 3.17
C PHE A 650 16.66 -28.86 3.19
N CYS A 651 16.58 -27.55 2.99
CA CYS A 651 17.68 -26.61 3.18
C CYS A 651 18.83 -26.81 2.22
N CYS A 652 18.58 -27.25 0.99
CA CYS A 652 19.57 -26.99 -0.05
C CYS A 652 18.94 -26.16 -1.18
N LEU A 653 18.90 -24.84 -0.99
CA LEU A 653 18.08 -24.10 -1.95
C LEU A 653 18.88 -23.77 -3.20
N ASP A 654 20.17 -23.44 -2.98
CA ASP A 654 21.03 -22.96 -4.07
C ASP A 654 21.40 -24.07 -5.04
N PRO A 655 21.93 -25.23 -4.61
CA PRO A 655 22.10 -26.34 -5.56
C PRO A 655 20.83 -26.66 -6.35
N ILE A 656 19.71 -26.85 -5.66
CA ILE A 656 18.56 -27.44 -6.35
C ILE A 656 17.95 -26.44 -7.32
N THR A 657 17.88 -25.16 -6.93
CA THR A 657 17.44 -24.18 -7.91
C THR A 657 18.36 -24.18 -9.13
N SER A 658 19.66 -24.40 -8.94
CA SER A 658 20.55 -24.55 -10.08
C SER A 658 20.05 -25.65 -11.02
N ALA A 659 19.89 -26.86 -10.50
CA ALA A 659 19.38 -27.96 -11.31
C ALA A 659 18.08 -27.57 -11.99
N ALA A 660 17.12 -27.07 -11.21
CA ALA A 660 15.82 -26.71 -11.77
C ALA A 660 15.99 -25.69 -12.89
N ALA A 661 16.84 -24.68 -12.67
CA ALA A 661 16.92 -23.61 -13.65
C ALA A 661 17.47 -24.12 -14.97
N ALA A 662 18.46 -25.02 -14.92
CA ALA A 662 19.05 -25.55 -16.13
C ALA A 662 18.06 -26.41 -16.91
N LEU A 663 17.25 -27.21 -16.20
CA LEU A 663 16.33 -28.10 -16.91
C LEU A 663 15.21 -27.34 -17.62
N SER A 664 14.67 -26.26 -17.04
CA SER A 664 13.64 -25.57 -17.79
C SER A 664 14.24 -24.60 -18.80
N PHE A 665 15.52 -24.23 -18.66
CA PHE A 665 16.14 -23.37 -19.66
C PHE A 665 17.07 -24.14 -20.51
N LYS A 666 18.34 -24.32 -20.15
CA LYS A 666 19.37 -24.94 -20.97
C LYS A 666 20.67 -24.95 -20.16
N SER A 667 21.61 -25.72 -20.64
CA SER A 667 22.90 -25.84 -20.01
C SER A 667 23.80 -24.71 -20.50
N PRO A 668 24.72 -24.23 -19.65
CA PRO A 668 25.61 -23.14 -20.08
C PRO A 668 26.65 -23.57 -21.11
N PHE A 669 26.86 -24.88 -21.32
CA PHE A 669 27.97 -25.35 -22.13
C PHE A 669 27.66 -25.20 -23.61
N TYR A 670 28.58 -24.56 -24.33
CA TYR A 670 28.62 -24.63 -25.78
C TYR A 670 29.12 -26.00 -26.21
N SER A 671 29.18 -26.22 -27.52
CA SER A 671 29.99 -27.29 -28.09
C SER A 671 30.45 -26.78 -29.43
N PRO A 672 31.54 -26.02 -29.48
CA PRO A 672 32.01 -25.51 -30.77
C PRO A 672 32.69 -26.63 -31.55
N LEU A 673 32.85 -26.41 -32.84
CA LEU A 673 33.24 -27.51 -33.70
C LEU A 673 34.67 -27.92 -33.41
N GLY A 674 34.92 -29.24 -33.40
CA GLY A 674 36.25 -29.74 -33.12
C GLY A 674 36.61 -29.80 -31.65
N LYS A 675 35.80 -29.17 -30.79
CA LYS A 675 36.05 -29.15 -29.37
C LYS A 675 35.10 -30.08 -28.63
N GLU A 676 34.31 -30.88 -29.36
CA GLU A 676 33.55 -31.96 -28.74
C GLU A 676 34.45 -32.83 -27.84
N SER A 677 35.61 -33.22 -28.37
CA SER A 677 36.64 -33.90 -27.59
C SER A 677 36.95 -33.11 -26.34
N ARG A 678 37.16 -31.81 -26.52
CA ARG A 678 37.58 -30.93 -25.45
C ARG A 678 36.50 -29.95 -24.97
N VAL A 679 35.21 -30.25 -25.13
CA VAL A 679 34.27 -29.79 -24.10
C VAL A 679 33.83 -30.91 -23.18
N ASP A 680 34.21 -32.16 -23.45
CA ASP A 680 33.82 -33.22 -22.52
C ASP A 680 34.87 -33.51 -21.46
N GLU A 681 36.08 -32.91 -21.53
CA GLU A 681 36.96 -33.03 -20.36
C GLU A 681 36.39 -32.22 -19.22
N ILE A 682 35.85 -31.04 -19.54
CA ILE A 682 35.66 -29.98 -18.58
C ILE A 682 34.31 -30.12 -17.88
N LYS A 683 33.31 -30.60 -18.62
CA LYS A 683 32.10 -31.11 -17.99
C LYS A 683 32.43 -32.19 -16.98
N ARG A 684 33.46 -33.00 -17.26
CA ARG A 684 33.79 -34.04 -16.30
C ARG A 684 34.52 -33.44 -15.10
N ARG A 685 35.39 -32.46 -15.33
CA ARG A 685 36.10 -31.88 -14.18
C ARG A 685 35.17 -31.06 -13.31
N MET A 686 34.11 -30.49 -13.89
CA MET A 686 33.19 -29.77 -13.05
C MET A 686 32.16 -30.66 -12.37
N ALA A 687 32.00 -31.90 -12.81
CA ALA A 687 31.15 -32.84 -12.09
C ALA A 687 31.78 -33.32 -10.79
N ARG A 688 33.11 -33.26 -10.69
CA ARG A 688 33.82 -33.62 -9.45
C ARG A 688 33.44 -35.02 -9.00
N ASN A 689 33.42 -35.93 -9.99
CA ASN A 689 33.07 -37.34 -9.85
C ASN A 689 31.74 -37.55 -9.11
N MET A 690 30.84 -36.59 -9.20
CA MET A 690 29.51 -36.77 -8.63
C MET A 690 28.57 -37.44 -9.61
N ARG A 691 28.96 -37.54 -10.88
CA ARG A 691 28.20 -38.21 -11.93
C ARG A 691 26.73 -37.82 -11.89
N SER A 692 26.55 -36.51 -11.77
CA SER A 692 25.28 -35.82 -11.84
C SER A 692 25.41 -34.75 -12.91
N ASP A 693 24.65 -34.88 -14.00
CA ASP A 693 24.60 -33.81 -14.98
C ASP A 693 24.14 -32.49 -14.34
N HIS A 694 23.21 -32.56 -13.38
CA HIS A 694 22.59 -31.34 -12.87
C HIS A 694 23.42 -30.63 -11.80
N LEU A 695 24.01 -31.36 -10.86
CA LEU A 695 24.93 -30.69 -9.95
C LEU A 695 26.16 -30.18 -10.67
N MET A 696 26.53 -30.80 -11.80
CA MET A 696 27.64 -30.30 -12.60
C MET A 696 27.40 -28.87 -13.05
N VAL A 697 26.14 -28.54 -13.33
CA VAL A 697 25.80 -27.17 -13.68
C VAL A 697 25.90 -26.27 -12.45
N HIS A 698 25.51 -26.78 -11.29
CA HIS A 698 25.60 -25.91 -10.11
C HIS A 698 27.05 -25.67 -9.74
N ASN A 699 27.91 -26.69 -9.93
CA ASN A 699 29.34 -26.47 -9.78
C ASN A 699 29.81 -25.38 -10.73
N THR A 700 29.37 -25.43 -11.98
CA THR A 700 29.74 -24.42 -12.95
C THR A 700 29.28 -23.04 -12.49
N ILE A 701 28.07 -22.96 -11.95
CA ILE A 701 27.52 -21.68 -11.50
C ILE A 701 28.30 -21.15 -10.32
N ILE A 702 28.64 -22.01 -9.37
CA ILE A 702 29.46 -21.54 -8.26
C ILE A 702 30.78 -20.98 -8.80
N ALA A 703 31.37 -21.69 -9.76
CA ALA A 703 32.56 -21.20 -10.46
C ALA A 703 32.32 -19.87 -11.17
N TYR A 704 31.08 -19.57 -11.56
CA TYR A 704 30.87 -18.38 -12.39
C TYR A 704 30.79 -17.10 -11.58
N ARG A 705 30.25 -17.15 -10.36
CA ARG A 705 30.33 -15.97 -9.50
C ARG A 705 31.71 -15.85 -8.87
N ASP A 706 32.32 -16.99 -8.50
CA ASP A 706 33.68 -16.90 -7.98
C ASP A 706 34.61 -16.27 -9.01
N SER A 707 34.28 -16.36 -10.29
CA SER A 707 34.96 -15.56 -11.29
C SER A 707 34.50 -14.10 -11.27
N ARG A 708 33.29 -13.84 -10.77
CA ARG A 708 32.78 -12.48 -10.68
C ARG A 708 33.18 -11.80 -9.37
N TYR A 709 33.58 -12.57 -8.35
CA TYR A 709 34.31 -11.98 -7.22
C TYR A 709 35.82 -11.87 -7.48
N SER A 710 36.45 -12.97 -7.86
CA SER A 710 37.85 -13.00 -8.31
C SER A 710 38.10 -12.05 -9.48
N HIS A 711 37.03 -11.60 -10.12
CA HIS A 711 37.13 -10.86 -11.36
C HIS A 711 38.14 -11.50 -12.33
N ALA A 712 37.98 -12.81 -12.53
CA ALA A 712 38.59 -13.62 -13.58
C ALA A 712 37.73 -13.67 -14.86
N GLU A 713 36.89 -12.66 -15.08
CA GLU A 713 35.58 -12.71 -15.74
C GLU A 713 35.38 -13.55 -16.99
N ARG A 714 35.75 -12.98 -18.14
CA ARG A 714 35.43 -13.55 -19.44
C ARG A 714 36.53 -14.44 -19.97
N ASP A 715 37.74 -14.30 -19.40
CA ASP A 715 38.63 -15.42 -19.18
C ASP A 715 37.87 -16.68 -18.83
N PHE A 716 37.28 -16.71 -17.63
CA PHE A 716 36.63 -17.92 -17.14
C PHE A 716 35.65 -18.45 -18.16
N CYS A 717 34.82 -17.57 -18.73
CA CYS A 717 33.79 -18.04 -19.65
C CYS A 717 34.39 -18.61 -20.93
N TYR A 718 35.59 -18.15 -21.34
CA TYR A 718 36.21 -18.75 -22.52
C TYR A 718 36.94 -20.05 -22.22
N LYS A 719 37.69 -20.16 -21.11
CA LYS A 719 38.39 -21.42 -20.81
C LYS A 719 37.49 -22.61 -20.93
N ASN A 720 36.34 -22.46 -20.30
CA ASN A 720 35.44 -23.56 -20.06
C ASN A 720 34.32 -23.60 -21.07
N PHE A 721 34.35 -22.73 -22.08
CA PHE A 721 33.39 -22.80 -23.19
C PHE A 721 31.96 -22.62 -22.66
N LEU A 722 31.76 -21.56 -21.91
CA LEU A 722 30.44 -21.31 -21.35
C LEU A 722 29.90 -19.97 -21.79
N SER A 723 28.59 -19.87 -21.69
CA SER A 723 27.88 -18.69 -22.15
C SER A 723 27.79 -17.71 -21.00
N SER A 724 28.53 -16.62 -21.10
CA SER A 724 28.29 -15.47 -20.26
C SER A 724 26.80 -15.18 -20.16
N MET A 725 26.11 -15.13 -21.30
CA MET A 725 24.72 -14.68 -21.30
C MET A 725 23.80 -15.73 -20.68
N THR A 726 24.05 -17.02 -20.90
CA THR A 726 23.23 -18.06 -20.29
C THR A 726 23.36 -18.04 -18.77
N LEU A 727 24.58 -17.93 -18.25
CA LEU A 727 24.74 -17.92 -16.79
C LEU A 727 24.09 -16.69 -16.18
N GLN A 728 24.23 -15.52 -16.82
CA GLN A 728 23.54 -14.34 -16.35
C GLN A 728 22.07 -14.68 -16.09
N GLN A 729 21.45 -15.37 -17.03
CA GLN A 729 20.04 -15.66 -16.89
C GLN A 729 19.78 -16.78 -15.87
N LEU A 730 20.59 -17.86 -15.91
CA LEU A 730 20.44 -18.95 -14.96
C LEU A 730 20.48 -18.43 -13.53
N GLU A 731 21.43 -17.54 -13.24
CA GLU A 731 21.51 -16.98 -11.90
C GLU A 731 20.33 -16.06 -11.60
N ARG A 732 19.79 -15.40 -12.63
CA ARG A 732 18.64 -14.54 -12.37
C ARG A 732 17.38 -15.34 -12.12
N MET A 733 17.21 -16.49 -12.77
CA MET A 733 16.06 -17.33 -12.45
C MET A 733 16.17 -17.90 -11.05
N LYS A 734 17.37 -18.28 -10.61
CA LYS A 734 17.46 -18.85 -9.28
C LYS A 734 16.98 -17.84 -8.23
N ASN A 735 17.29 -16.56 -8.41
CA ASN A 735 16.79 -15.59 -7.45
C ASN A 735 15.28 -15.38 -7.61
N GLN A 736 14.77 -15.55 -8.84
CA GLN A 736 13.33 -15.47 -9.03
C GLN A 736 12.63 -16.57 -8.23
N PHE A 737 13.09 -17.81 -8.37
CA PHE A 737 12.56 -18.89 -7.55
C PHE A 737 12.74 -18.55 -6.08
N SER A 738 13.93 -18.07 -5.73
CA SER A 738 14.23 -17.68 -4.35
C SER A 738 13.23 -16.64 -3.87
N GLU A 739 13.00 -15.60 -4.69
CA GLU A 739 12.12 -14.50 -4.29
C GLU A 739 10.64 -14.90 -4.20
N LEU A 740 10.16 -15.85 -5.03
CA LEU A 740 8.74 -16.24 -4.87
C LEU A 740 8.51 -17.15 -3.66
N LEU A 741 9.41 -18.11 -3.42
CA LEU A 741 9.28 -18.95 -2.24
C LEU A 741 9.34 -18.14 -0.95
N TYR A 742 10.06 -17.02 -0.94
CA TYR A 742 10.04 -16.21 0.28
C TYR A 742 8.77 -15.39 0.34
N ASN A 743 8.29 -14.96 -0.82
CA ASN A 743 6.97 -14.33 -0.88
C ASN A 743 5.89 -15.30 -0.44
N TYR A 744 6.05 -16.55 -0.81
CA TYR A 744 5.06 -17.55 -0.44
C TYR A 744 5.25 -18.04 0.98
N LYS A 745 6.21 -17.47 1.72
CA LYS A 745 6.44 -17.83 3.12
C LYS A 745 6.99 -19.26 3.26
N PHE A 746 7.73 -19.75 2.26
CA PHE A 746 8.47 -20.99 2.36
C PHE A 746 9.92 -20.81 2.78
N LEU A 747 10.43 -19.58 2.76
CA LEU A 747 11.81 -19.28 3.11
C LEU A 747 11.83 -18.04 3.99
N ALA A 748 12.81 -17.98 4.90
CA ALA A 748 12.99 -16.79 5.70
C ALA A 748 13.82 -15.72 5.00
N SER A 749 14.55 -16.08 3.95
CA SER A 749 15.36 -15.10 3.23
C SER A 749 15.13 -15.27 1.73
N SER A 750 15.02 -14.14 1.03
CA SER A 750 14.87 -14.23 -0.42
C SER A 750 16.20 -14.40 -1.13
N ASN A 751 17.30 -14.43 -0.42
CA ASN A 751 18.59 -14.65 -1.04
C ASN A 751 18.77 -16.15 -1.23
N CYS A 752 19.00 -16.59 -2.47
CA CYS A 752 19.10 -18.03 -2.65
C CYS A 752 20.42 -18.61 -2.19
N LYS A 753 21.43 -17.77 -1.89
CA LYS A 753 22.64 -18.29 -1.26
C LYS A 753 22.62 -18.16 0.26
N ASP A 754 21.55 -17.60 0.85
CA ASP A 754 21.47 -17.39 2.29
C ASP A 754 21.74 -18.67 3.07
N ALA A 755 22.44 -18.52 4.20
CA ALA A 755 22.90 -19.69 4.96
C ALA A 755 21.74 -20.59 5.36
N ALA A 756 20.70 -20.02 5.97
CA ALA A 756 19.63 -20.85 6.52
C ALA A 756 18.97 -21.72 5.44
N SER A 757 18.97 -21.25 4.20
CA SER A 757 18.37 -22.06 3.15
C SER A 757 19.30 -23.14 2.62
N ASN A 758 20.61 -23.07 2.91
CA ASN A 758 21.62 -23.97 2.33
C ASN A 758 22.37 -24.91 3.29
N LYS A 759 21.89 -25.12 4.52
CA LYS A 759 22.78 -25.76 5.49
C LYS A 759 23.00 -27.24 5.18
N ASN A 760 22.20 -27.82 4.32
CA ASN A 760 22.47 -29.15 3.81
C ASN A 760 23.09 -29.13 2.42
N SER A 761 23.40 -27.94 1.89
CA SER A 761 23.75 -27.82 0.48
C SER A 761 25.05 -28.51 0.08
N GLU A 762 25.93 -28.85 1.02
CA GLU A 762 27.11 -29.62 0.65
C GLU A 762 26.97 -31.12 0.91
N LYS A 763 25.78 -31.59 1.30
CA LYS A 763 25.54 -33.01 1.53
C LYS A 763 25.02 -33.63 0.24
N ILE A 764 25.88 -34.37 -0.46
CA ILE A 764 25.58 -34.80 -1.82
C ILE A 764 24.50 -35.89 -1.85
N PRO A 765 24.56 -36.92 -1.00
CA PRO A 765 23.43 -37.88 -0.99
C PRO A 765 22.06 -37.23 -0.82
N LEU A 766 21.96 -36.20 0.01
CA LEU A 766 20.69 -35.50 0.17
C LEU A 766 20.29 -34.79 -1.12
N LEU A 767 21.26 -34.20 -1.82
CA LEU A 767 20.89 -33.45 -3.02
C LEU A 767 20.39 -34.36 -4.12
N ARG A 768 20.85 -35.61 -4.16
CA ARG A 768 20.30 -36.49 -5.18
C ARG A 768 18.91 -36.95 -4.82
N ALA A 769 18.61 -36.98 -3.52
CA ALA A 769 17.27 -37.35 -3.12
C ALA A 769 16.27 -36.26 -3.49
N ILE A 770 16.66 -35.01 -3.33
CA ILE A 770 15.76 -33.94 -3.75
C ILE A 770 15.75 -33.86 -5.28
N ILE A 771 16.86 -34.19 -5.92
CA ILE A 771 16.86 -34.28 -7.38
C ILE A 771 15.97 -35.41 -7.86
N GLY A 772 16.12 -36.60 -7.28
CA GLY A 772 15.20 -37.67 -7.63
C GLY A 772 13.76 -37.37 -7.29
N ALA A 773 13.54 -36.49 -6.31
CA ALA A 773 12.20 -36.15 -5.94
C ALA A 773 11.54 -35.29 -7.01
N GLY A 774 12.33 -34.61 -7.83
CA GLY A 774 11.83 -33.92 -9.00
C GLY A 774 11.58 -34.79 -10.23
N LEU A 775 12.57 -35.62 -10.59
CA LEU A 775 12.56 -36.36 -11.86
C LEU A 775 11.90 -37.74 -11.77
N TYR A 776 11.58 -38.17 -10.57
CA TYR A 776 10.71 -39.32 -10.39
C TYR A 776 9.39 -39.08 -11.15
N PRO A 777 8.87 -40.13 -11.76
CA PRO A 777 9.43 -41.49 -11.83
C PRO A 777 10.46 -41.88 -12.91
N ASN A 778 11.42 -41.03 -13.30
CA ASN A 778 12.30 -41.37 -14.43
C ASN A 778 13.53 -42.10 -13.91
N MET A 779 13.65 -43.40 -14.17
CA MET A 779 14.77 -44.11 -13.55
C MET A 779 15.40 -45.13 -14.48
N ALA A 780 16.68 -45.43 -14.23
CA ALA A 780 17.43 -46.36 -15.05
C ALA A 780 18.42 -47.11 -14.16
N HIS A 781 18.80 -48.32 -14.59
CA HIS A 781 19.64 -49.24 -13.85
C HIS A 781 20.72 -49.81 -14.78
N LEU A 782 21.93 -50.04 -14.24
CA LEU A 782 23.09 -50.52 -15.00
C LEU A 782 23.61 -51.85 -14.47
N ARG A 783 23.58 -52.86 -15.34
CA ARG A 783 24.02 -54.21 -15.04
C ARG A 783 25.43 -54.54 -15.56
N LYS A 784 26.13 -53.57 -16.14
CA LYS A 784 27.32 -53.82 -16.92
C LYS A 784 28.56 -53.23 -16.27
N SER A 785 29.68 -53.94 -16.41
CA SER A 785 31.00 -53.38 -16.13
C SER A 785 31.94 -53.64 -17.29
N ARG A 786 32.80 -52.65 -17.52
CA ARG A 786 33.91 -52.70 -18.48
C ARG A 786 34.80 -51.49 -18.21
N ARG A 793 37.28 -46.30 -22.07
CA ARG A 793 35.84 -46.22 -21.81
C ARG A 793 35.21 -47.59 -21.58
N ALA A 794 33.90 -47.59 -21.37
CA ALA A 794 33.13 -48.81 -21.20
C ALA A 794 31.83 -48.73 -21.98
N ILE A 795 31.23 -49.90 -22.20
CA ILE A 795 29.88 -50.04 -22.77
C ILE A 795 28.98 -50.44 -21.61
N HIS A 796 27.72 -49.97 -21.65
CA HIS A 796 26.76 -50.20 -20.59
C HIS A 796 25.55 -50.99 -21.08
N THR A 797 24.97 -51.78 -20.18
CA THR A 797 23.68 -52.45 -20.39
C THR A 797 22.67 -51.84 -19.42
N MET A 798 21.80 -50.94 -19.91
CA MET A 798 20.93 -50.14 -19.05
C MET A 798 19.47 -50.20 -19.48
N ALA A 799 18.58 -50.01 -18.51
CA ALA A 799 17.16 -50.10 -18.74
C ALA A 799 16.46 -49.04 -17.89
N THR A 800 15.48 -48.37 -18.50
CA THR A 800 14.57 -47.54 -17.72
C THR A 800 13.50 -48.41 -17.05
N ASP A 801 12.67 -47.75 -16.24
CA ASP A 801 11.50 -48.41 -15.67
C ASP A 801 10.49 -48.78 -16.75
N ASP A 802 10.67 -48.24 -17.97
CA ASP A 802 9.85 -48.57 -19.13
C ASP A 802 10.18 -49.94 -19.70
N GLY A 803 11.30 -50.54 -19.31
CA GLY A 803 11.73 -51.81 -19.83
C GLY A 803 12.69 -51.73 -20.99
N ARG A 804 12.74 -50.58 -21.68
CA ARG A 804 13.56 -50.40 -22.86
C ARG A 804 15.03 -50.20 -22.50
N ARG A 805 15.91 -50.61 -23.43
CA ARG A 805 17.35 -50.57 -23.23
C ARG A 805 17.89 -49.23 -23.69
N VAL A 806 18.70 -48.61 -22.83
CA VAL A 806 19.02 -47.18 -22.91
C VAL A 806 20.52 -47.02 -22.72
N ASN A 807 21.04 -45.87 -23.17
CA ASN A 807 22.39 -45.48 -22.79
C ASN A 807 22.46 -43.97 -22.57
N PHE A 808 23.52 -43.54 -21.90
CA PHE A 808 23.70 -42.13 -21.60
C PHE A 808 24.09 -41.38 -22.87
N HIS A 809 23.37 -40.29 -23.15
CA HIS A 809 23.73 -39.45 -24.29
C HIS A 809 25.21 -39.05 -24.21
N PRO A 810 25.92 -38.99 -25.35
CA PRO A 810 27.35 -38.64 -25.28
C PRO A 810 27.61 -37.25 -24.77
N SER A 811 26.70 -36.30 -25.00
CA SER A 811 26.83 -34.98 -24.41
C SER A 811 26.66 -35.00 -22.90
N SER A 812 25.96 -36.00 -22.34
CA SER A 812 25.82 -36.16 -20.90
C SER A 812 27.19 -36.50 -20.31
N VAL A 813 27.38 -36.24 -19.01
CA VAL A 813 28.64 -36.64 -18.40
C VAL A 813 28.64 -38.11 -17.97
N ASN A 814 27.49 -38.76 -17.91
CA ASN A 814 27.59 -40.14 -17.47
C ASN A 814 27.82 -41.09 -18.61
N SER A 815 28.09 -40.56 -19.79
CA SER A 815 28.43 -41.39 -20.93
C SER A 815 29.81 -41.97 -20.71
N GLY A 816 29.88 -43.30 -20.72
CA GLY A 816 31.12 -44.03 -20.87
C GLY A 816 31.94 -44.33 -19.64
N GLU A 817 31.52 -43.90 -18.44
CA GLU A 817 32.34 -44.18 -17.26
C GLU A 817 32.04 -45.57 -16.70
N SER A 818 32.76 -45.92 -15.65
CA SER A 818 32.67 -47.21 -15.02
C SER A 818 32.85 -47.02 -13.52
N GLY A 819 32.42 -48.01 -12.74
CA GLY A 819 32.64 -47.97 -11.31
C GLY A 819 31.79 -46.92 -10.62
N PHE A 820 30.48 -46.95 -10.83
CA PHE A 820 29.56 -46.01 -10.20
C PHE A 820 29.13 -46.55 -8.83
N ASP A 821 28.85 -45.64 -7.90
CA ASP A 821 28.64 -46.07 -6.52
C ASP A 821 27.21 -46.58 -6.33
N SER A 822 26.29 -46.14 -7.19
CA SER A 822 24.95 -46.65 -7.27
C SER A 822 24.64 -47.02 -8.72
N ALA A 823 23.82 -48.06 -8.89
CA ALA A 823 23.48 -48.56 -10.21
C ALA A 823 22.25 -47.89 -10.80
N TYR A 824 21.73 -46.84 -10.15
CA TYR A 824 20.43 -46.28 -10.49
C TYR A 824 20.55 -44.78 -10.75
N PHE A 825 19.75 -44.30 -11.70
CA PHE A 825 19.86 -42.95 -12.23
C PHE A 825 18.48 -42.38 -12.46
N VAL A 826 18.37 -41.05 -12.33
CA VAL A 826 17.13 -40.38 -12.71
C VAL A 826 17.45 -39.35 -13.78
N TYR A 827 16.47 -39.05 -14.64
CA TYR A 827 16.73 -38.29 -15.85
C TYR A 827 15.56 -37.39 -16.17
N PHE A 828 15.85 -36.22 -16.74
CA PHE A 828 14.76 -35.31 -17.12
C PHE A 828 14.11 -35.69 -18.44
N GLN A 829 14.90 -35.98 -19.48
CA GLN A 829 14.37 -36.21 -20.82
C GLN A 829 15.09 -37.37 -21.51
N ARG A 830 14.33 -38.24 -22.15
CA ARG A 830 14.92 -39.33 -22.93
C ARG A 830 14.46 -39.15 -24.37
N GLN A 831 15.43 -39.02 -25.29
CA GLN A 831 15.15 -38.67 -26.68
C GLN A 831 16.14 -39.43 -27.56
N LYS A 832 15.88 -39.47 -28.87
CA LYS A 832 16.53 -40.49 -29.68
C LYS A 832 17.08 -40.07 -31.05
N SER A 833 18.31 -40.55 -31.36
CA SER A 833 18.78 -40.76 -32.72
C SER A 833 19.04 -42.25 -33.04
N THR A 834 20.20 -42.75 -32.58
CA THR A 834 20.90 -44.00 -32.95
C THR A 834 20.76 -45.28 -32.06
N ASP A 835 20.04 -45.22 -30.94
CA ASP A 835 20.03 -46.14 -29.78
C ASP A 835 18.77 -45.81 -28.98
N LEU A 836 18.81 -45.80 -27.63
CA LEU A 836 17.99 -44.83 -26.89
C LEU A 836 18.79 -44.15 -25.77
N PHE A 837 18.67 -42.81 -25.66
CA PHE A 837 19.53 -42.03 -24.76
C PHE A 837 18.78 -41.28 -23.66
N LEU A 838 19.49 -41.10 -22.55
CA LEU A 838 19.14 -40.13 -21.51
C LEU A 838 19.98 -38.87 -21.72
N LEU A 839 19.32 -37.74 -21.99
CA LEU A 839 20.04 -36.49 -22.24
C LEU A 839 20.76 -35.95 -21.02
N ASP A 840 20.30 -36.30 -19.82
CA ASP A 840 20.80 -35.77 -18.57
C ASP A 840 20.56 -36.82 -17.50
N SER A 841 21.44 -36.89 -16.51
CA SER A 841 21.21 -37.90 -15.49
C SER A 841 21.92 -37.52 -14.20
N THR A 842 21.41 -38.10 -13.11
CA THR A 842 22.06 -38.10 -11.81
C THR A 842 21.95 -39.50 -11.22
N MET A 843 23.10 -40.02 -10.80
CA MET A 843 23.12 -41.27 -10.06
C MET A 843 22.40 -41.05 -8.73
N VAL A 844 21.48 -41.94 -8.38
CA VAL A 844 20.77 -41.84 -7.12
C VAL A 844 20.97 -43.14 -6.35
N PHE A 845 20.81 -43.06 -5.01
CA PHE A 845 20.92 -44.28 -4.22
C PHE A 845 19.55 -44.90 -4.03
N PRO A 846 19.46 -46.21 -3.84
CA PRO A 846 18.12 -46.80 -3.69
C PRO A 846 17.34 -46.17 -2.54
N MET A 847 17.99 -45.94 -1.39
CA MET A 847 17.27 -45.40 -0.23
C MET A 847 16.54 -44.10 -0.56
N ALA A 848 17.19 -43.20 -1.32
CA ALA A 848 16.58 -41.93 -1.65
C ALA A 848 15.28 -42.13 -2.41
N LEU A 849 15.27 -43.06 -3.38
CA LEU A 849 14.07 -43.31 -4.14
C LEU A 849 12.96 -43.89 -3.25
N ILE A 850 13.31 -44.76 -2.29
CA ILE A 850 12.29 -45.31 -1.39
C ILE A 850 11.57 -44.18 -0.65
N ILE A 851 12.32 -43.25 -0.08
CA ILE A 851 11.72 -42.22 0.77
C ILE A 851 10.83 -41.31 -0.06
N PHE A 852 11.38 -40.73 -1.13
CA PHE A 852 10.71 -39.69 -1.90
C PHE A 852 9.78 -40.22 -2.99
N GLY A 853 9.90 -41.49 -3.35
CA GLY A 853 9.11 -42.05 -4.43
C GLY A 853 7.74 -42.48 -3.96
N ASP A 854 7.21 -43.47 -4.66
CA ASP A 854 5.96 -44.13 -4.30
C ASP A 854 6.09 -45.58 -4.75
N GLY A 855 5.02 -46.34 -4.56
CA GLY A 855 5.11 -47.75 -4.93
C GLY A 855 5.94 -48.55 -3.97
N VAL A 856 5.91 -48.22 -2.69
CA VAL A 856 6.65 -48.96 -1.69
C VAL A 856 5.67 -49.89 -0.97
N GLU A 857 5.94 -51.17 -1.04
CA GLU A 857 5.24 -52.11 -0.21
C GLU A 857 6.31 -52.97 0.43
N ALA A 858 5.98 -53.51 1.60
CA ALA A 858 6.87 -54.45 2.25
C ALA A 858 6.28 -55.85 2.17
N GLY A 859 7.18 -56.80 2.01
CA GLY A 859 6.81 -58.20 1.83
C GLY A 859 8.08 -59.04 1.79
N VAL A 860 7.97 -60.26 1.26
CA VAL A 860 9.17 -61.08 1.09
C VAL A 860 9.04 -61.92 -0.20
N THR A 861 10.17 -62.08 -0.91
CA THR A 861 10.18 -62.57 -2.31
C THR A 861 10.18 -64.09 -2.41
N GLN A 862 11.33 -64.72 -2.13
CA GLN A 862 11.44 -66.16 -2.02
C GLN A 862 11.05 -66.52 -0.61
N ASN A 863 12.07 -66.52 0.23
CA ASN A 863 11.93 -66.22 1.64
C ASN A 863 12.76 -65.02 2.10
N THR A 864 13.40 -64.27 1.20
CA THR A 864 14.37 -63.21 1.56
C THR A 864 13.71 -61.83 1.63
N PRO A 865 13.78 -61.06 2.72
CA PRO A 865 12.86 -59.91 2.86
C PRO A 865 13.20 -58.71 1.95
N TYR A 866 12.13 -58.06 1.43
CA TYR A 866 12.19 -57.02 0.38
C TYR A 866 11.44 -55.76 0.77
N LEU A 867 11.89 -54.65 0.18
CA LEU A 867 11.25 -53.33 0.23
C LEU A 867 11.38 -52.72 -1.16
N CYS A 868 10.27 -52.37 -1.81
CA CYS A 868 10.35 -52.00 -3.21
C CYS A 868 10.06 -50.52 -3.40
N VAL A 869 10.28 -50.10 -4.65
CA VAL A 869 10.11 -48.72 -5.11
C VAL A 869 9.40 -48.76 -6.45
N ALA A 870 8.30 -48.05 -6.56
CA ALA A 870 7.48 -48.03 -7.77
C ALA A 870 6.96 -49.41 -8.11
N LYS A 871 6.92 -50.32 -7.13
CA LYS A 871 6.54 -51.72 -7.38
C LYS A 871 7.33 -52.29 -8.55
N THR A 872 8.55 -51.78 -8.75
CA THR A 872 9.29 -52.03 -9.99
C THR A 872 10.70 -52.52 -9.72
N TYR A 873 11.51 -51.70 -9.07
CA TYR A 873 12.82 -52.13 -8.63
C TYR A 873 12.64 -52.67 -7.23
N TYR A 874 12.75 -53.98 -7.10
CA TYR A 874 12.60 -54.62 -5.81
C TYR A 874 13.98 -54.75 -5.20
N PHE A 875 14.16 -54.12 -4.04
CA PHE A 875 15.35 -54.37 -3.26
C PHE A 875 14.91 -55.20 -2.06
N LYS A 876 15.85 -55.98 -1.58
CA LYS A 876 15.82 -56.61 -0.27
C LYS A 876 15.39 -55.57 0.77
N CYS A 877 14.86 -56.00 1.92
CA CYS A 877 15.07 -55.16 3.10
C CYS A 877 14.96 -55.98 4.38
N ASN A 878 15.68 -55.53 5.41
CA ASN A 878 15.41 -55.90 6.80
C ASN A 878 13.95 -55.54 7.08
N ARG A 879 13.32 -56.15 8.08
CA ARG A 879 11.93 -55.76 8.33
C ARG A 879 11.82 -54.46 9.11
N GLU A 880 12.67 -54.22 10.08
CA GLU A 880 12.39 -53.02 10.85
C GLU A 880 13.11 -51.79 10.32
N THR A 881 14.03 -51.91 9.35
CA THR A 881 14.23 -50.72 8.50
C THR A 881 12.98 -50.46 7.68
N ALA A 882 12.28 -51.51 7.25
CA ALA A 882 11.08 -51.33 6.44
C ALA A 882 10.03 -50.52 7.17
N ASP A 883 9.62 -50.95 8.38
CA ASP A 883 8.56 -50.22 9.06
C ASP A 883 8.93 -48.78 9.34
N VAL A 884 10.21 -48.51 9.62
CA VAL A 884 10.56 -47.14 9.99
C VAL A 884 10.53 -46.24 8.76
N VAL A 885 10.98 -46.73 7.59
CA VAL A 885 10.86 -45.90 6.39
C VAL A 885 9.40 -45.76 5.99
N ILE A 886 8.63 -46.85 6.08
CA ILE A 886 7.20 -46.77 5.77
C ILE A 886 6.50 -45.82 6.73
N GLN A 887 6.84 -45.86 8.02
CA GLN A 887 6.21 -44.90 8.91
C GLN A 887 6.80 -43.51 8.68
N LEU A 888 8.04 -43.43 8.21
CA LEU A 888 8.65 -42.14 7.93
C LEU A 888 8.08 -41.51 6.66
N ARG A 889 7.79 -42.33 5.63
CA ARG A 889 7.04 -41.82 4.47
C ARG A 889 5.65 -41.34 4.87
N SER A 890 5.00 -42.02 5.82
CA SER A 890 3.67 -41.56 6.25
C SER A 890 3.77 -40.23 6.97
N ASN A 891 4.82 -40.03 7.77
CA ASN A 891 4.98 -38.73 8.41
C ASN A 891 5.49 -37.68 7.44
N LEU A 892 6.30 -38.06 6.46
CA LEU A 892 6.77 -37.05 5.53
C LEU A 892 5.62 -36.58 4.65
N GLU A 893 4.65 -37.48 4.40
CA GLU A 893 3.54 -37.08 3.56
C GLU A 893 2.62 -36.10 4.30
N LYS A 894 2.25 -36.40 5.54
CA LYS A 894 1.32 -35.48 6.19
C LYS A 894 1.98 -34.15 6.53
N LEU A 895 3.29 -34.14 6.77
CA LEU A 895 3.99 -32.87 6.94
C LEU A 895 3.97 -32.06 5.64
N LEU A 896 4.28 -32.73 4.52
CA LEU A 896 4.17 -32.09 3.21
C LEU A 896 2.77 -31.52 2.97
N LEU A 897 1.71 -32.24 3.37
CA LEU A 897 0.39 -31.68 3.11
C LEU A 897 0.12 -30.45 3.97
N LYS A 898 0.59 -30.43 5.22
CA LYS A 898 0.30 -29.24 6.03
C LYS A 898 1.14 -28.07 5.57
N LYS A 899 2.35 -28.36 5.10
CA LYS A 899 3.26 -27.29 4.71
C LYS A 899 2.74 -26.58 3.49
N ALA A 900 2.04 -27.31 2.62
CA ALA A 900 1.34 -26.70 1.50
C ALA A 900 0.16 -25.86 1.97
N LEU A 901 -0.63 -26.37 2.92
CA LEU A 901 -1.81 -25.63 3.38
C LEU A 901 -1.43 -24.41 4.21
N TYR A 902 -0.32 -24.45 4.93
CA TYR A 902 0.06 -23.37 5.85
C TYR A 902 1.52 -23.05 5.62
N PRO A 903 1.84 -22.35 4.54
CA PRO A 903 3.24 -22.04 4.28
C PRO A 903 3.89 -21.35 5.48
N ALA A 904 5.05 -21.84 5.84
CA ALA A 904 5.87 -21.30 6.90
C ALA A 904 7.26 -21.91 6.77
N PRO A 905 8.32 -21.14 6.98
CA PRO A 905 9.65 -21.75 7.00
C PRO A 905 9.75 -22.72 8.16
N ILE A 906 10.45 -23.82 7.95
CA ILE A 906 10.75 -24.72 9.07
C ILE A 906 11.87 -24.10 9.88
N GLU A 907 11.60 -23.80 11.16
CA GLU A 907 12.66 -23.28 12.02
C GLU A 907 13.49 -24.45 12.53
N GLU A 908 14.79 -24.19 12.74
CA GLU A 908 15.74 -25.28 12.93
C GLU A 908 15.51 -26.04 14.22
N ASN A 909 14.82 -25.43 15.20
CA ASN A 909 14.59 -26.08 16.48
C ASN A 909 13.20 -26.66 16.66
N GLY A 910 12.32 -26.56 15.67
CA GLY A 910 10.95 -26.99 15.83
C GLY A 910 10.73 -28.49 15.79
N TYR A 911 9.45 -28.87 15.75
CA TYR A 911 9.05 -30.27 15.65
C TYR A 911 9.22 -30.78 14.22
N GLU A 912 8.78 -30.00 13.24
CA GLU A 912 8.90 -30.44 11.86
C GLU A 912 10.36 -30.62 11.46
N LYS A 913 11.30 -29.96 12.12
CA LYS A 913 12.67 -30.14 11.67
C LYS A 913 13.21 -31.50 12.07
N GLN A 914 12.62 -32.14 13.10
CA GLN A 914 13.14 -33.42 13.53
C GLN A 914 12.63 -34.56 12.68
N LEU A 915 11.60 -34.32 11.89
CA LEU A 915 11.33 -35.22 10.78
C LEU A 915 12.35 -35.02 9.65
N ILE A 916 12.83 -33.79 9.46
CA ILE A 916 13.86 -33.55 8.45
C ILE A 916 15.18 -34.18 8.87
N LYS A 917 15.62 -33.96 10.12
CA LYS A 917 16.86 -34.59 10.57
C LYS A 917 16.77 -36.10 10.37
N ALA A 918 15.59 -36.67 10.64
CA ALA A 918 15.38 -38.12 10.50
C ALA A 918 15.67 -38.59 9.07
N ILE A 919 15.30 -37.80 8.07
CA ILE A 919 15.57 -38.21 6.70
C ILE A 919 17.04 -37.97 6.32
N GLU A 920 17.61 -36.84 6.76
CA GLU A 920 19.02 -36.58 6.50
C GLU A 920 19.87 -37.74 7.00
N LEU A 921 19.53 -38.26 8.17
CA LEU A 921 20.36 -39.28 8.78
C LEU A 921 20.24 -40.59 8.01
N LEU A 922 19.03 -40.95 7.56
CA LEU A 922 18.85 -42.12 6.72
C LEU A 922 19.57 -41.96 5.39
N LEU A 923 19.48 -40.77 4.78
CA LEU A 923 20.10 -40.53 3.48
C LEU A 923 21.62 -40.44 3.57
N SER A 924 22.15 -40.09 4.75
CA SER A 924 23.58 -39.87 4.88
C SER A 924 24.36 -41.19 4.82
N LEU A 925 23.73 -42.29 5.22
CA LEU A 925 24.39 -43.60 5.16
C LEU A 925 24.91 -43.89 3.77
N ASP A 926 24.40 -43.24 2.74
CA ASP A 926 24.86 -43.51 1.40
C ASP A 926 26.05 -42.64 0.98
N GLU A 927 26.58 -41.79 1.87
CA GLU A 927 27.86 -41.18 1.55
C GLU A 927 28.87 -42.30 1.57
N ARG A 928 29.54 -42.56 0.46
CA ARG A 928 30.48 -43.65 0.43
C ARG A 928 31.87 -43.03 0.54
N LEU A 929 32.58 -43.44 1.58
CA LEU A 929 33.67 -42.66 2.11
C LEU A 929 34.99 -43.14 1.52
N ILE B 52 17.18 35.38 49.64
CA ILE B 52 17.38 33.97 49.30
C ILE B 52 17.52 33.15 50.57
N ARG B 53 16.98 31.94 50.57
CA ARG B 53 17.40 30.88 51.49
C ARG B 53 16.61 29.61 51.20
N LEU B 54 17.17 28.50 51.67
CA LEU B 54 16.99 27.12 51.24
C LEU B 54 15.67 26.50 51.72
N GLY B 55 15.31 25.42 51.06
CA GLY B 55 14.16 24.63 51.42
C GLY B 55 14.55 23.37 52.16
N CYS B 56 13.75 22.32 51.99
CA CYS B 56 13.97 21.06 52.69
C CYS B 56 15.29 20.45 52.18
N ASN B 57 15.63 19.24 52.63
CA ASN B 57 17.00 18.72 52.48
C ASN B 57 16.99 17.49 51.59
N VAL B 58 17.67 17.62 50.45
CA VAL B 58 17.53 16.77 49.29
C VAL B 58 18.66 15.76 49.10
N SER B 59 19.63 15.68 50.01
CA SER B 59 20.78 14.82 49.75
C SER B 59 20.38 13.36 49.63
N ALA B 60 21.19 12.63 48.93
CA ALA B 60 20.90 11.23 48.83
C ALA B 60 22.00 10.44 49.52
N PRO B 61 21.64 9.32 50.14
CA PRO B 61 22.62 8.46 50.82
C PRO B 61 23.80 8.05 49.95
N SER B 62 24.92 7.67 50.57
CA SER B 62 26.08 7.29 49.78
C SER B 62 25.86 5.97 49.08
N GLY B 63 25.11 5.04 49.70
CA GLY B 63 24.82 3.77 49.06
C GLY B 63 23.99 3.91 47.81
N VAL B 64 23.13 4.92 47.76
CA VAL B 64 22.29 5.11 46.58
C VAL B 64 23.04 5.90 45.50
N LEU B 65 23.92 6.84 45.85
CA LEU B 65 24.66 7.53 44.79
C LEU B 65 25.79 6.69 44.21
N GLU B 66 26.31 5.72 44.96
CA GLU B 66 27.29 4.85 44.34
C GLU B 66 26.67 4.12 43.17
N ARG B 67 25.37 3.79 43.25
CA ARG B 67 24.76 3.04 42.18
C ARG B 67 24.25 3.94 41.07
N VAL B 68 23.91 5.19 41.39
CA VAL B 68 23.59 6.12 40.32
C VAL B 68 24.82 6.38 39.48
N LYS B 69 25.98 6.58 40.14
CA LYS B 69 27.23 6.71 39.40
C LYS B 69 27.59 5.46 38.61
N GLU B 70 27.17 4.27 39.08
CA GLU B 70 27.46 3.08 38.32
C GLU B 70 26.52 2.95 37.11
N LEU B 71 25.25 3.32 37.27
CA LEU B 71 24.35 3.20 36.13
C LEU B 71 24.63 4.24 35.06
N MET B 72 25.11 5.43 35.45
CA MET B 72 25.41 6.38 34.39
C MET B 72 26.73 6.07 33.69
N GLU B 73 27.75 5.46 34.32
CA GLU B 73 28.80 4.99 33.41
C GLU B 73 28.36 3.78 32.62
N ASP B 74 27.37 3.03 33.10
CA ASP B 74 26.79 2.02 32.24
C ASP B 74 26.19 2.65 31.00
N TYR B 75 25.42 3.72 31.19
CA TYR B 75 24.72 4.32 30.08
C TYR B 75 25.69 4.84 29.04
N SER B 76 26.87 5.25 29.46
CA SER B 76 27.82 5.95 28.61
C SER B 76 28.77 5.03 27.83
N ARG B 77 28.57 3.71 27.82
CA ARG B 77 29.36 2.83 26.97
C ARG B 77 28.68 2.44 25.66
N ALA B 78 27.48 2.95 25.37
CA ALA B 78 26.81 2.62 24.12
C ALA B 78 27.44 3.36 22.94
N PRO B 79 27.67 2.68 21.80
CA PRO B 79 28.10 3.36 20.57
C PRO B 79 26.96 4.07 19.85
N ASP B 90 16.24 1.38 12.37
CA ASP B 90 16.92 2.42 11.59
C ASP B 90 15.98 3.58 11.32
N ALA B 91 16.56 4.72 10.95
CA ALA B 91 15.86 5.98 11.01
C ALA B 91 15.40 6.41 9.63
N LYS B 92 14.10 6.22 9.36
CA LYS B 92 13.45 6.97 8.32
C LYS B 92 13.02 8.33 8.84
N PHE B 93 12.70 8.41 10.14
CA PHE B 93 12.19 9.66 10.71
C PHE B 93 13.28 10.70 10.82
N GLN B 94 14.52 10.30 11.14
CA GLN B 94 15.60 11.27 11.04
C GLN B 94 15.63 11.91 9.66
N GLN B 95 15.40 11.10 8.62
CA GLN B 95 15.44 11.62 7.26
C GLN B 95 14.29 12.59 7.02
N GLN B 96 13.06 12.19 7.38
CA GLN B 96 11.92 13.06 7.11
C GLN B 96 12.07 14.40 7.80
N PHE B 97 12.76 14.42 8.94
CA PHE B 97 12.98 15.66 9.66
C PHE B 97 13.86 16.61 8.86
N ARG B 98 15.11 16.21 8.60
CA ARG B 98 16.03 17.11 7.93
C ARG B 98 15.54 17.47 6.54
N HIS B 99 14.78 16.55 5.92
CA HIS B 99 14.18 16.87 4.63
C HIS B 99 13.26 18.07 4.74
N LEU B 100 12.56 18.18 5.87
CA LEU B 100 11.59 19.27 5.99
C LEU B 100 12.29 20.60 6.24
N LEU B 101 13.42 20.58 6.95
CA LEU B 101 14.15 21.83 7.12
C LEU B 101 14.94 22.21 5.89
N SER B 102 15.45 21.24 5.14
CA SER B 102 16.18 21.56 3.92
C SER B 102 15.32 22.38 2.94
N VAL B 103 14.04 22.01 2.77
CA VAL B 103 13.19 22.62 1.75
C VAL B 103 12.69 23.98 2.22
N ASN B 104 12.59 24.92 1.29
CA ASN B 104 11.87 26.16 1.55
C ASN B 104 10.43 26.00 1.04
N PHE B 105 9.66 27.08 1.09
CA PHE B 105 8.22 26.96 0.88
C PHE B 105 7.83 26.58 -0.54
N GLU B 106 8.68 26.84 -1.54
CA GLU B 106 8.27 26.48 -2.90
C GLU B 106 8.51 25.01 -3.24
N GLU B 107 9.67 24.44 -2.86
CA GLU B 107 9.80 23.00 -3.12
C GLU B 107 8.82 22.21 -2.28
N PHE B 108 8.49 22.73 -1.10
CA PHE B 108 7.43 22.14 -0.29
C PHE B 108 6.13 22.00 -1.10
N VAL B 109 5.63 23.12 -1.67
CA VAL B 109 4.40 23.03 -2.44
C VAL B 109 4.59 22.19 -3.70
N ALA B 110 5.81 22.25 -4.28
CA ALA B 110 6.08 21.70 -5.62
C ALA B 110 5.76 20.22 -5.72
N GLU B 111 6.34 19.41 -4.82
CA GLU B 111 5.98 18.01 -4.72
C GLU B 111 5.03 17.73 -3.56
N THR B 112 4.51 18.75 -2.91
CA THR B 112 3.28 18.40 -2.22
C THR B 112 2.15 18.16 -3.21
N LYS B 113 2.31 18.59 -4.46
CA LYS B 113 1.23 18.39 -5.42
C LYS B 113 1.09 16.91 -5.81
N GLU B 114 2.15 16.26 -6.35
CA GLU B 114 1.95 14.89 -6.84
C GLU B 114 1.96 13.84 -5.74
N ARG B 115 2.29 14.21 -4.49
CA ARG B 115 2.16 13.25 -3.39
C ARG B 115 0.69 13.14 -2.95
N ASN B 116 -0.09 14.26 -2.94
CA ASN B 116 -1.55 14.10 -3.11
C ASN B 116 -1.88 14.38 -4.57
N ALA B 117 -1.92 13.35 -5.37
CA ALA B 117 -2.40 13.48 -6.73
C ALA B 117 -3.83 12.98 -6.86
N ASP B 118 -4.42 12.47 -5.78
CA ASP B 118 -5.49 11.48 -5.90
C ASP B 118 -6.77 11.98 -6.53
N LEU B 119 -7.07 13.27 -6.50
CA LEU B 119 -8.24 13.78 -7.20
C LEU B 119 -7.92 14.24 -8.62
N ASP B 120 -6.65 14.13 -9.06
CA ASP B 120 -6.34 14.22 -10.49
C ASP B 120 -7.03 13.13 -11.29
N TRP B 121 -7.47 12.07 -10.61
CA TRP B 121 -8.05 10.91 -11.28
C TRP B 121 -9.54 10.85 -11.08
N VAL B 122 -10.27 10.54 -12.14
CA VAL B 122 -11.71 10.35 -12.09
C VAL B 122 -12.05 9.07 -12.83
N ASN B 123 -13.29 8.61 -12.65
CA ASN B 123 -13.68 7.25 -13.07
C ASN B 123 -14.98 7.39 -13.87
N PRO B 124 -14.86 7.61 -15.18
CA PRO B 124 -16.04 7.84 -16.04
C PRO B 124 -17.12 6.79 -15.95
N LYS B 125 -16.75 5.50 -15.90
CA LYS B 125 -17.78 4.49 -15.82
C LYS B 125 -18.61 4.64 -14.55
N LEU B 126 -17.99 5.08 -13.45
CA LEU B 126 -18.82 5.37 -12.28
C LEU B 126 -19.38 6.78 -12.33
N ASP B 127 -18.71 7.71 -13.01
CA ASP B 127 -19.35 8.97 -13.41
C ASP B 127 -20.68 8.67 -14.10
N GLU B 128 -20.62 7.94 -15.20
CA GLU B 128 -21.84 7.58 -15.92
C GLU B 128 -22.73 6.70 -15.07
N ARG B 129 -22.16 5.76 -14.32
CA ARG B 129 -23.00 4.84 -13.57
C ARG B 129 -23.88 5.61 -12.60
N LEU B 130 -23.27 6.53 -11.82
CA LEU B 130 -24.07 7.30 -10.88
C LEU B 130 -24.88 8.38 -11.55
N GLN B 131 -24.49 8.87 -12.72
CA GLN B 131 -25.36 9.90 -13.28
C GLN B 131 -26.57 9.27 -13.94
N LEU B 132 -26.45 8.03 -14.38
CA LEU B 132 -27.65 7.26 -14.59
C LEU B 132 -28.17 6.81 -13.26
N GLU B 133 -27.34 6.77 -12.23
CA GLU B 133 -27.97 6.51 -10.95
C GLU B 133 -28.36 7.83 -10.29
N LEU B 134 -28.28 8.97 -10.99
CA LEU B 134 -29.10 10.14 -10.63
C LEU B 134 -30.41 10.29 -11.41
N GLY B 135 -30.39 10.15 -12.75
CA GLY B 135 -31.59 10.27 -13.56
C GLY B 135 -32.69 9.27 -13.22
N GLN B 136 -32.39 8.34 -12.34
CA GLN B 136 -33.33 7.31 -11.87
C GLN B 136 -34.43 7.83 -10.96
N ARG B 137 -34.03 8.36 -9.79
CA ARG B 137 -34.83 8.51 -8.59
C ARG B 137 -35.40 9.91 -8.46
N GLN B 138 -35.25 10.69 -9.52
CA GLN B 138 -36.33 11.53 -10.00
C GLN B 138 -37.65 10.75 -10.07
N LEU B 139 -37.67 9.53 -10.66
CA LEU B 139 -38.94 8.80 -10.87
C LEU B 139 -39.35 7.86 -9.71
N GLU B 140 -38.43 7.25 -8.98
CA GLU B 140 -38.82 6.81 -7.66
C GLU B 140 -39.33 8.03 -6.92
N GLU B 141 -40.36 7.86 -6.10
CA GLU B 141 -40.74 8.98 -5.28
C GLU B 141 -40.26 8.76 -3.86
N ASN B 142 -39.14 9.44 -3.58
CA ASN B 142 -38.16 9.12 -2.56
C ASN B 142 -38.10 10.32 -1.65
N ALA B 143 -37.38 11.30 -2.14
CA ALA B 143 -37.75 12.71 -2.14
C ALA B 143 -38.58 12.97 -3.42
N LYS B 144 -38.84 14.24 -3.73
CA LYS B 144 -39.75 14.84 -4.72
C LYS B 144 -41.13 14.92 -4.14
N LYS B 145 -41.38 14.27 -3.00
CA LYS B 145 -42.04 14.93 -1.89
C LYS B 145 -40.97 15.64 -1.08
N ARG B 146 -39.99 14.88 -0.56
CA ARG B 146 -38.89 15.51 0.18
C ARG B 146 -38.00 16.40 -0.69
N LEU B 147 -37.97 16.22 -2.01
CA LEU B 147 -37.40 17.23 -2.90
C LEU B 147 -38.32 18.43 -3.02
N GLU B 148 -39.62 18.18 -3.09
CA GLU B 148 -40.57 19.25 -2.97
C GLU B 148 -40.56 19.80 -1.55
N ALA B 149 -40.28 18.95 -0.57
CA ALA B 149 -40.25 19.41 0.81
C ALA B 149 -39.01 20.21 1.11
N ARG B 150 -37.94 20.04 0.34
CA ARG B 150 -36.80 20.93 0.48
C ARG B 150 -36.85 22.06 -0.54
N LYS B 151 -37.82 22.05 -1.45
CA LYS B 151 -38.09 23.29 -2.16
C LYS B 151 -38.70 24.32 -1.23
N LYS B 152 -39.24 23.87 -0.10
CA LYS B 152 -39.79 24.76 0.93
C LYS B 152 -38.69 25.53 1.67
N LEU B 153 -37.38 25.06 1.60
CA LEU B 153 -36.45 25.95 2.29
C LEU B 153 -35.95 27.06 1.37
N PRO B 154 -35.72 28.23 1.97
CA PRO B 154 -35.26 29.38 1.19
C PRO B 154 -34.08 29.09 0.32
N THR B 155 -33.12 28.32 0.84
CA THR B 155 -31.83 28.20 0.17
C THR B 155 -31.97 27.69 -1.27
N MET B 156 -33.00 26.89 -1.57
CA MET B 156 -32.90 26.17 -2.82
C MET B 156 -33.68 26.79 -3.96
N LYS B 157 -34.27 27.95 -3.77
CA LYS B 157 -34.67 28.67 -4.97
C LYS B 157 -33.47 29.42 -5.56
N TYR B 158 -32.42 29.63 -4.78
CA TYR B 158 -31.12 30.07 -5.28
C TYR B 158 -30.26 28.93 -5.81
N ALA B 159 -30.80 27.72 -5.91
CA ALA B 159 -30.00 26.55 -6.27
C ALA B 159 -29.10 26.81 -7.46
N ASP B 160 -29.67 27.34 -8.55
CA ASP B 160 -28.84 27.49 -9.74
C ASP B 160 -27.97 28.73 -9.70
N ASP B 161 -28.41 29.81 -9.06
CA ASP B 161 -27.52 30.95 -8.86
C ASP B 161 -26.24 30.53 -8.16
N ILE B 162 -26.34 29.65 -7.16
CA ILE B 162 -25.14 29.29 -6.39
C ILE B 162 -24.26 28.32 -7.17
N ILE B 163 -24.87 27.47 -7.98
CA ILE B 163 -24.08 26.64 -8.89
C ILE B 163 -23.21 27.52 -9.77
N GLN B 164 -23.83 28.46 -10.48
CA GLN B 164 -23.04 29.32 -11.36
C GLN B 164 -22.10 30.21 -10.57
N ALA B 165 -22.45 30.54 -9.33
CA ALA B 165 -21.57 31.34 -8.48
C ALA B 165 -20.26 30.62 -8.21
N VAL B 166 -20.33 29.34 -7.80
CA VAL B 166 -19.11 28.61 -7.51
C VAL B 166 -18.30 28.42 -8.79
N ARG B 167 -19.00 28.18 -9.91
CA ARG B 167 -18.31 27.95 -11.17
C ARG B 167 -17.47 29.16 -11.58
N GLU B 168 -17.96 30.40 -11.36
CA GLU B 168 -17.21 31.57 -11.79
C GLU B 168 -16.31 32.17 -10.70
N ASN B 169 -16.34 31.69 -9.47
CA ASN B 169 -15.53 32.29 -8.43
C ASN B 169 -14.97 31.21 -7.54
N GLN B 170 -13.70 31.39 -7.18
CA GLN B 170 -13.06 30.39 -6.37
C GLN B 170 -13.67 30.34 -4.97
N VAL B 171 -14.03 31.48 -4.38
CA VAL B 171 -14.61 31.50 -3.04
C VAL B 171 -15.86 32.35 -3.04
N ILE B 172 -16.93 31.85 -2.42
CA ILE B 172 -18.16 32.61 -2.22
C ILE B 172 -18.63 32.49 -0.76
N LEU B 173 -19.60 33.33 -0.42
CA LEU B 173 -20.10 33.54 0.93
C LEU B 173 -21.61 33.40 0.94
N ILE B 174 -22.13 32.46 1.73
CA ILE B 174 -23.59 32.35 1.91
C ILE B 174 -23.99 32.79 3.31
N VAL B 175 -24.81 33.83 3.40
CA VAL B 175 -25.29 34.41 4.65
C VAL B 175 -26.74 34.01 4.89
N GLY B 176 -27.02 33.48 6.05
CA GLY B 176 -28.38 33.18 6.45
C GLY B 176 -28.42 32.80 7.91
N SER B 177 -29.59 32.96 8.51
CA SER B 177 -29.71 32.49 9.88
C SER B 177 -30.21 31.06 9.83
N THR B 178 -30.25 30.40 10.98
CA THR B 178 -30.32 28.95 10.95
C THR B 178 -31.77 28.56 10.71
N GLY B 179 -31.96 27.60 9.78
CA GLY B 179 -33.28 27.32 9.25
C GLY B 179 -33.51 27.83 7.84
N CYS B 180 -32.61 28.67 7.30
CA CYS B 180 -32.65 29.02 5.88
C CYS B 180 -32.26 27.84 4.98
N GLY B 181 -31.59 26.84 5.56
CA GLY B 181 -31.18 25.62 4.87
C GLY B 181 -29.87 25.68 4.11
N LYS B 182 -29.02 26.68 4.35
CA LYS B 182 -27.70 26.73 3.72
C LYS B 182 -26.90 25.44 3.96
N THR B 183 -26.87 24.94 5.21
CA THR B 183 -25.91 23.87 5.51
C THR B 183 -26.42 22.47 5.15
N THR B 184 -27.72 22.22 5.24
CA THR B 184 -28.26 20.96 4.73
C THR B 184 -28.18 20.85 3.22
N GLN B 185 -28.23 21.97 2.50
CA GLN B 185 -28.64 21.88 1.11
C GLN B 185 -27.58 22.31 0.11
N VAL B 186 -26.98 23.49 0.27
CA VAL B 186 -25.95 23.86 -0.69
C VAL B 186 -24.93 22.74 -0.91
N PRO B 187 -24.47 21.96 0.11
CA PRO B 187 -23.67 20.78 -0.22
C PRO B 187 -24.39 19.81 -1.13
N GLN B 188 -25.69 19.54 -0.90
CA GLN B 188 -26.37 18.62 -1.81
C GLN B 188 -26.58 19.24 -3.18
N ILE B 189 -26.63 20.57 -3.27
CA ILE B 189 -26.88 21.13 -4.60
C ILE B 189 -25.66 20.97 -5.50
N LEU B 190 -24.46 21.10 -4.95
CA LEU B 190 -23.31 21.04 -5.84
C LEU B 190 -22.94 19.61 -6.16
N LEU B 191 -23.27 18.68 -5.26
CA LEU B 191 -23.08 17.27 -5.56
C LEU B 191 -24.08 16.82 -6.61
N ASP B 192 -25.35 17.18 -6.43
CA ASP B 192 -26.33 16.86 -7.47
C ASP B 192 -26.05 17.63 -8.75
N ASP B 193 -25.39 18.79 -8.67
CA ASP B 193 -24.95 19.45 -9.89
C ASP B 193 -23.85 18.66 -10.57
N ALA B 194 -22.84 18.24 -9.80
CA ALA B 194 -21.72 17.48 -10.36
C ALA B 194 -22.17 16.14 -10.91
N ILE B 195 -23.12 15.47 -10.25
CA ILE B 195 -23.55 14.15 -10.72
C ILE B 195 -24.35 14.25 -12.00
N SER B 196 -25.25 15.24 -12.09
CA SER B 196 -26.11 15.35 -13.27
C SER B 196 -25.31 15.58 -14.53
N ARG B 197 -24.30 16.45 -14.47
CA ARG B 197 -23.42 16.69 -15.60
C ARG B 197 -22.54 15.49 -15.94
N GLY B 198 -22.60 14.42 -15.14
CA GLY B 198 -21.69 13.31 -15.37
C GLY B 198 -20.32 13.52 -14.80
N CYS B 199 -20.20 14.36 -13.77
CA CYS B 199 -18.95 14.67 -13.11
C CYS B 199 -18.76 13.95 -11.77
N ALA B 200 -19.64 13.00 -11.42
CA ALA B 200 -19.78 12.52 -10.05
C ALA B 200 -18.44 12.19 -9.37
N SER B 201 -17.52 11.50 -10.05
CA SER B 201 -16.30 11.14 -9.33
C SER B 201 -15.36 12.31 -9.11
N SER B 202 -15.49 13.39 -9.89
CA SER B 202 -14.72 14.60 -9.63
C SER B 202 -14.99 15.20 -8.26
N CYS B 203 -16.19 15.03 -7.72
CA CYS B 203 -16.67 15.92 -6.69
C CYS B 203 -16.67 15.27 -5.31
N ARG B 204 -15.89 15.83 -4.40
CA ARG B 204 -15.95 15.38 -3.01
C ARG B 204 -15.95 16.60 -2.11
N ILE B 205 -17.00 16.72 -1.27
CA ILE B 205 -17.28 17.96 -0.54
C ILE B 205 -17.09 17.72 0.95
N ILE B 206 -16.33 18.61 1.58
CA ILE B 206 -16.07 18.54 3.01
C ILE B 206 -16.73 19.75 3.62
N CYS B 207 -17.55 19.54 4.64
CA CYS B 207 -18.22 20.65 5.28
C CYS B 207 -17.86 20.68 6.76
N THR B 208 -17.24 21.78 7.14
CA THR B 208 -16.69 21.98 8.47
C THR B 208 -17.76 22.45 9.45
N GLN B 209 -17.73 21.92 10.67
CA GLN B 209 -18.63 22.41 11.74
C GLN B 209 -17.95 22.63 13.08
N PRO B 210 -18.46 23.58 13.86
CA PRO B 210 -17.80 23.91 15.13
C PRO B 210 -17.92 22.84 16.18
N ARG B 211 -19.03 22.10 16.26
CA ARG B 211 -19.22 21.13 17.34
C ARG B 211 -19.58 19.75 16.79
N ARG B 212 -19.32 18.76 17.65
CA ARG B 212 -19.43 17.37 17.22
C ARG B 212 -20.89 17.00 16.98
N ILE B 213 -21.77 17.25 17.97
CA ILE B 213 -23.17 16.88 17.80
C ILE B 213 -23.73 17.46 16.51
N SER B 214 -23.38 18.71 16.21
CA SER B 214 -23.83 19.30 14.95
C SER B 214 -23.38 18.45 13.76
N ALA B 215 -22.09 18.15 13.66
CA ALA B 215 -21.62 17.41 12.50
C ALA B 215 -22.37 16.09 12.35
N ILE B 216 -22.63 15.42 13.46
CA ILE B 216 -23.35 14.13 13.42
C ILE B 216 -24.80 14.33 12.98
N ALA B 217 -25.52 15.24 13.64
CA ALA B 217 -26.94 15.44 13.36
C ALA B 217 -27.15 15.83 11.90
N ILE B 218 -26.43 16.86 11.45
CA ILE B 218 -26.57 17.31 10.07
C ILE B 218 -26.27 16.18 9.09
N ALA B 219 -25.24 15.40 9.36
CA ALA B 219 -24.97 14.24 8.51
C ALA B 219 -26.15 13.29 8.52
N GLU B 220 -26.69 13.00 9.71
CA GLU B 220 -27.81 12.07 9.83
C GLU B 220 -29.07 12.63 9.19
N TRP B 221 -29.21 13.94 9.12
CA TRP B 221 -30.42 14.45 8.52
C TRP B 221 -30.28 14.45 7.00
N VAL B 222 -29.09 14.82 6.53
CA VAL B 222 -28.89 14.89 5.08
C VAL B 222 -28.84 13.49 4.49
N SER B 223 -28.32 12.52 5.24
CA SER B 223 -28.49 11.12 4.86
C SER B 223 -29.96 10.80 4.53
N TYR B 224 -30.89 11.04 5.48
CA TYR B 224 -32.25 10.63 5.15
C TYR B 224 -32.87 11.53 4.08
N GLU B 225 -32.53 12.81 4.00
CA GLU B 225 -33.15 13.57 2.89
C GLU B 225 -32.83 12.93 1.54
N ARG B 226 -31.77 12.13 1.47
CA ARG B 226 -31.38 11.38 0.28
C ARG B 226 -31.85 9.93 0.31
N CYS B 227 -32.61 9.55 1.35
CA CYS B 227 -33.04 8.16 1.61
C CYS B 227 -31.88 7.18 1.45
N GLU B 228 -30.81 7.48 2.16
CA GLU B 228 -29.65 6.62 2.27
C GLU B 228 -29.34 6.45 3.74
N SER B 229 -28.83 5.28 4.11
CA SER B 229 -28.25 5.19 5.43
C SER B 229 -26.95 5.94 5.45
N LEU B 230 -26.56 6.37 6.65
CA LEU B 230 -25.29 7.05 6.82
C LEU B 230 -24.15 6.18 6.30
N GLY B 231 -23.19 6.82 5.65
CA GLY B 231 -22.07 6.12 5.07
C GLY B 231 -22.20 5.81 3.59
N ASN B 232 -23.16 6.41 2.88
CA ASN B 232 -23.27 6.23 1.44
C ASN B 232 -22.82 7.47 0.75
N SER B 233 -23.69 8.47 0.48
CA SER B 233 -23.21 9.70 -0.12
C SER B 233 -22.93 10.78 0.91
N VAL B 234 -23.37 10.57 2.13
CA VAL B 234 -23.18 11.47 3.25
C VAL B 234 -22.48 10.70 4.36
N GLY B 235 -21.52 11.34 5.01
CA GLY B 235 -20.85 10.74 6.15
C GLY B 235 -20.42 11.84 7.09
N TYR B 236 -19.97 11.44 8.26
CA TYR B 236 -19.35 12.40 9.17
C TYR B 236 -18.04 11.86 9.68
N GLN B 237 -17.17 12.77 10.08
CA GLN B 237 -15.95 12.38 10.77
C GLN B 237 -15.71 13.36 11.92
N ILE B 238 -15.71 12.85 13.15
CA ILE B 238 -15.25 13.66 14.27
C ILE B 238 -14.11 12.90 14.93
N ARG B 239 -13.54 13.47 15.97
CA ARG B 239 -12.38 12.85 16.56
C ARG B 239 -12.78 11.54 17.24
N LEU B 240 -12.12 10.47 16.85
CA LEU B 240 -12.35 9.13 17.39
C LEU B 240 -13.76 8.62 17.10
N GLU B 241 -14.47 9.20 16.15
CA GLU B 241 -15.70 8.54 15.75
C GLU B 241 -16.01 8.99 14.33
N SER B 242 -16.41 8.04 13.49
CA SER B 242 -16.74 8.43 12.13
C SER B 242 -17.65 7.38 11.53
N ARG B 243 -18.57 7.84 10.69
CA ARG B 243 -19.12 7.01 9.63
C ARG B 243 -18.71 7.70 8.34
N LYS B 244 -17.74 7.12 7.63
CA LYS B 244 -17.19 7.77 6.46
C LYS B 244 -18.10 7.56 5.25
N ALA B 245 -18.22 8.60 4.44
CA ALA B 245 -18.90 8.42 3.18
C ALA B 245 -17.99 7.72 2.19
N ARG B 246 -18.61 7.25 1.11
CA ARG B 246 -17.89 6.77 -0.05
C ARG B 246 -16.85 7.81 -0.47
N GLU B 247 -15.76 7.35 -1.08
CA GLU B 247 -14.64 8.27 -1.26
C GLU B 247 -14.95 9.38 -2.28
N ARG B 248 -15.78 9.11 -3.28
CA ARG B 248 -16.08 10.16 -4.24
C ARG B 248 -17.58 10.34 -4.44
N ALA B 249 -17.95 11.43 -5.10
CA ALA B 249 -19.34 11.89 -5.18
C ALA B 249 -19.97 11.92 -3.79
N SER B 250 -19.32 12.65 -2.88
CA SER B 250 -19.66 12.49 -1.48
C SER B 250 -19.63 13.83 -0.77
N ILE B 251 -20.38 13.85 0.34
CA ILE B 251 -20.50 15.00 1.25
C ILE B 251 -20.10 14.54 2.63
N THR B 252 -19.13 15.20 3.24
CA THR B 252 -18.66 14.81 4.56
C THR B 252 -18.68 16.02 5.49
N TYR B 253 -19.43 15.89 6.58
CA TYR B 253 -19.42 16.88 7.65
C TYR B 253 -18.43 16.44 8.71
N CYS B 254 -17.71 17.41 9.27
CA CYS B 254 -16.70 17.13 10.27
C CYS B 254 -16.48 18.39 11.11
N THR B 255 -15.96 18.18 12.31
CA THR B 255 -15.53 19.30 13.12
C THR B 255 -14.31 19.96 12.48
N THR B 256 -14.13 21.25 12.74
CA THR B 256 -13.07 22.00 12.05
C THR B 256 -11.69 21.48 12.44
N GLY B 257 -11.55 20.97 13.66
CA GLY B 257 -10.24 20.52 14.08
C GLY B 257 -9.80 19.24 13.42
N VAL B 258 -10.75 18.44 12.94
CA VAL B 258 -10.41 17.27 12.15
C VAL B 258 -9.65 17.70 10.91
N LEU B 259 -10.12 18.77 10.28
CA LEU B 259 -9.60 19.16 8.98
C LEU B 259 -8.24 19.83 9.11
N LEU B 260 -8.00 20.53 10.21
CA LEU B 260 -6.67 21.10 10.38
C LEU B 260 -5.63 19.99 10.61
N GLN B 261 -5.93 19.02 11.47
CA GLN B 261 -4.96 17.94 11.65
C GLN B 261 -4.65 17.22 10.32
N GLN B 262 -5.66 17.03 9.46
CA GLN B 262 -5.33 16.39 8.19
C GLN B 262 -4.50 17.29 7.28
N LEU B 263 -4.48 18.60 7.52
CA LEU B 263 -3.60 19.46 6.73
C LEU B 263 -2.14 19.04 6.85
N GLN B 264 -1.74 18.47 7.99
CA GLN B 264 -0.35 18.07 8.15
C GLN B 264 0.03 17.00 7.14
N SER B 265 -0.93 16.15 6.76
CA SER B 265 -0.70 15.18 5.70
C SER B 265 -1.07 15.69 4.30
N ASP B 266 -1.82 16.77 4.20
CA ASP B 266 -2.28 17.28 2.91
C ASP B 266 -2.28 18.82 3.02
N PRO B 267 -1.10 19.43 2.98
CA PRO B 267 -1.04 20.86 3.33
C PRO B 267 -1.77 21.77 2.37
N LEU B 268 -1.87 21.39 1.09
CA LEU B 268 -2.63 22.22 0.15
C LEU B 268 -3.98 21.64 -0.26
N MET B 269 -4.52 20.65 0.47
CA MET B 269 -5.91 20.19 0.30
C MET B 269 -6.19 19.63 -1.09
N HIS B 270 -5.35 18.70 -1.53
CA HIS B 270 -5.64 18.08 -2.81
C HIS B 270 -6.71 17.00 -2.71
N ASN B 271 -7.08 16.61 -1.50
CA ASN B 271 -8.01 15.50 -1.29
C ASN B 271 -9.45 15.94 -1.17
N LEU B 272 -9.76 17.18 -1.50
CA LEU B 272 -11.15 17.62 -1.56
C LEU B 272 -11.37 18.51 -2.78
N SER B 273 -12.54 18.37 -3.42
CA SER B 273 -12.87 19.26 -4.52
C SER B 273 -13.45 20.59 -4.04
N VAL B 274 -14.21 20.58 -2.94
CA VAL B 274 -14.94 21.75 -2.45
C VAL B 274 -14.96 21.77 -0.92
N LEU B 275 -14.62 22.91 -0.31
CA LEU B 275 -14.63 23.04 1.15
C LEU B 275 -15.67 24.07 1.57
N ILE B 276 -16.45 23.73 2.60
CA ILE B 276 -17.51 24.59 3.11
C ILE B 276 -17.28 24.83 4.61
N LEU B 277 -17.08 26.09 4.98
CA LEU B 277 -16.86 26.49 6.37
C LEU B 277 -18.15 27.06 6.93
N ASP B 278 -18.69 26.42 7.94
CA ASP B 278 -19.97 26.83 8.53
C ASP B 278 -19.75 27.53 9.87
N GLU B 279 -20.65 28.46 10.17
CA GLU B 279 -20.67 29.20 11.44
C GLU B 279 -19.36 29.97 11.66
N ILE B 280 -18.82 30.55 10.60
CA ILE B 280 -17.59 31.29 10.79
C ILE B 280 -17.84 32.54 11.61
N HIS B 281 -19.09 33.00 11.66
CA HIS B 281 -19.41 34.18 12.46
C HIS B 281 -19.08 34.00 13.93
N GLU B 282 -19.00 32.74 14.44
CA GLU B 282 -18.64 32.62 15.84
C GLU B 282 -17.16 32.66 16.06
N ARG B 283 -16.39 32.80 14.99
CA ARG B 283 -14.98 33.13 15.11
C ARG B 283 -14.26 32.18 16.05
N SER B 284 -14.45 30.89 15.81
CA SER B 284 -13.61 29.92 16.51
C SER B 284 -12.17 30.08 16.06
N VAL B 285 -11.25 29.72 16.93
CA VAL B 285 -9.85 29.76 16.51
C VAL B 285 -9.65 28.88 15.30
N GLU B 286 -10.31 27.73 15.28
CA GLU B 286 -10.17 26.81 14.15
C GLU B 286 -10.60 27.49 12.86
N THR B 287 -11.79 28.10 12.86
CA THR B 287 -12.24 28.66 11.60
C THR B 287 -11.48 29.92 11.21
N ASP B 288 -11.09 30.76 12.18
CA ASP B 288 -10.26 31.91 11.82
C ASP B 288 -8.92 31.44 11.29
N LEU B 289 -8.32 30.43 11.94
CA LEU B 289 -7.11 29.78 11.42
C LEU B 289 -7.30 29.29 10.00
N LEU B 290 -8.38 28.58 9.72
CA LEU B 290 -8.52 28.02 8.38
C LEU B 290 -8.52 29.11 7.32
N MET B 291 -9.26 30.19 7.56
CA MET B 291 -9.29 31.23 6.56
C MET B 291 -7.97 31.98 6.50
N GLY B 292 -7.17 31.91 7.57
CA GLY B 292 -5.82 32.42 7.48
C GLY B 292 -4.97 31.65 6.51
N LEU B 293 -5.07 30.32 6.54
CA LEU B 293 -4.27 29.46 5.69
C LEU B 293 -4.86 29.28 4.29
N LEU B 294 -6.13 29.59 4.06
CA LEU B 294 -6.45 29.53 2.64
C LEU B 294 -6.02 30.80 1.94
N LYS B 295 -5.51 31.77 2.68
CA LYS B 295 -4.81 32.84 2.02
C LYS B 295 -3.48 32.34 1.45
N VAL B 296 -2.87 31.34 2.08
CA VAL B 296 -1.68 30.73 1.50
C VAL B 296 -2.02 29.60 0.52
N ILE B 297 -3.07 28.82 0.81
CA ILE B 297 -3.32 27.60 0.06
C ILE B 297 -3.90 27.88 -1.32
N LEU B 298 -4.96 28.71 -1.38
CA LEU B 298 -5.73 28.84 -2.61
C LEU B 298 -4.94 29.37 -3.80
N PRO B 299 -3.97 30.27 -3.64
CA PRO B 299 -3.10 30.60 -4.78
C PRO B 299 -2.53 29.37 -5.49
N HIS B 300 -2.27 28.27 -4.79
CA HIS B 300 -1.73 27.08 -5.41
C HIS B 300 -2.76 26.00 -5.72
N ARG B 301 -4.05 26.25 -5.50
CA ARG B 301 -5.11 25.35 -5.97
C ARG B 301 -6.20 26.18 -6.63
N PRO B 302 -6.01 26.56 -7.89
CA PRO B 302 -7.06 27.33 -8.59
C PRO B 302 -8.40 26.58 -8.70
N ASP B 303 -8.39 25.26 -8.96
CA ASP B 303 -9.66 24.54 -9.13
C ASP B 303 -10.31 24.12 -7.81
N LEU B 304 -9.72 24.43 -6.66
CA LEU B 304 -10.42 24.14 -5.41
C LEU B 304 -11.37 25.30 -5.11
N LYS B 305 -12.60 24.94 -4.72
CA LYS B 305 -13.69 25.87 -4.52
C LYS B 305 -14.01 25.97 -3.03
N VAL B 306 -14.16 27.19 -2.53
CA VAL B 306 -14.47 27.44 -1.13
C VAL B 306 -15.83 28.09 -0.99
N ILE B 307 -16.62 27.60 -0.04
CA ILE B 307 -17.89 28.23 0.24
C ILE B 307 -17.86 28.59 1.71
N LEU B 308 -17.83 29.90 2.01
CA LEU B 308 -17.93 30.37 3.38
C LEU B 308 -19.39 30.48 3.81
N MET B 309 -19.65 30.15 5.05
CA MET B 309 -21.00 30.21 5.56
C MET B 309 -21.09 30.89 6.92
N SER B 310 -22.05 31.81 7.07
CA SER B 310 -22.14 32.63 8.26
C SER B 310 -23.59 32.91 8.61
N ALA B 311 -23.83 33.24 9.88
CA ALA B 311 -25.06 33.92 10.26
C ALA B 311 -24.98 35.38 9.82
N THR B 312 -26.01 36.17 10.09
CA THR B 312 -25.81 37.58 9.76
C THR B 312 -25.30 38.14 11.07
N VAL B 313 -23.98 38.07 11.22
CA VAL B 313 -23.24 38.56 12.36
C VAL B 313 -21.89 38.98 11.80
N ARG B 314 -21.63 40.27 11.73
CA ARG B 314 -20.58 40.84 10.92
C ARG B 314 -20.32 40.00 9.66
N GLU B 315 -21.34 39.90 8.81
CA GLU B 315 -21.22 39.14 7.57
C GLU B 315 -20.08 39.63 6.70
N GLN B 316 -19.87 40.95 6.64
CA GLN B 316 -19.03 41.48 5.58
C GLN B 316 -17.56 41.55 5.97
N ASP B 317 -17.20 41.17 7.21
CA ASP B 317 -15.81 40.93 7.56
C ASP B 317 -15.22 39.82 6.70
N PHE B 318 -15.95 38.73 6.59
CA PHE B 318 -15.53 37.61 5.77
C PHE B 318 -15.49 38.02 4.31
N CYS B 319 -16.48 38.80 3.87
CA CYS B 319 -16.47 39.30 2.51
C CYS B 319 -15.24 40.15 2.25
N ASP B 320 -14.85 40.99 3.22
CA ASP B 320 -13.67 41.82 3.01
C ASP B 320 -12.38 41.02 3.12
N TYR B 321 -12.41 39.89 3.79
CA TYR B 321 -11.16 39.19 3.98
C TYR B 321 -10.74 38.45 2.73
N PHE B 322 -11.70 38.04 1.90
CA PHE B 322 -11.42 37.54 0.55
C PHE B 322 -11.86 38.60 -0.46
N ASN B 323 -10.91 39.35 -1.02
CA ASN B 323 -11.23 40.36 -2.05
C ASN B 323 -12.43 41.15 -1.57
N ASN B 324 -13.41 41.34 -2.43
CA ASN B 324 -14.81 41.44 -2.01
C ASN B 324 -15.49 40.30 -2.76
N CYS B 325 -15.77 39.25 -2.07
CA CYS B 325 -16.22 38.04 -2.74
C CYS B 325 -17.73 38.07 -2.90
N PRO B 326 -18.27 37.35 -3.89
CA PRO B 326 -19.73 37.20 -4.00
C PRO B 326 -20.35 36.79 -2.68
N MET B 327 -21.52 37.36 -2.39
CA MET B 327 -22.21 37.08 -1.15
C MET B 327 -23.68 36.84 -1.45
N PHE B 328 -24.22 35.75 -0.90
CA PHE B 328 -25.64 35.41 -1.02
C PHE B 328 -26.31 35.60 0.33
N ARG B 329 -27.40 36.36 0.35
CA ARG B 329 -28.21 36.49 1.56
C ARG B 329 -29.46 35.63 1.44
N ILE B 330 -29.77 34.88 2.51
CA ILE B 330 -30.90 33.95 2.54
C ILE B 330 -31.70 34.15 3.84
N GLU B 331 -33.01 33.91 3.78
CA GLU B 331 -33.96 34.41 4.78
C GLU B 331 -34.48 33.30 5.68
N GLY B 332 -34.20 33.41 6.98
CA GLY B 332 -34.29 32.28 7.90
C GLY B 332 -35.69 31.69 7.98
N VAL B 333 -35.75 30.46 8.49
CA VAL B 333 -36.99 29.78 8.81
C VAL B 333 -37.05 29.53 10.30
N MET B 334 -38.02 30.14 10.96
CA MET B 334 -38.28 29.98 12.36
C MET B 334 -39.69 30.53 12.59
N PHE B 335 -40.02 30.73 13.86
CA PHE B 335 -41.25 31.35 14.26
C PHE B 335 -40.82 32.59 15.00
N PRO B 336 -41.67 33.61 15.19
CA PRO B 336 -41.13 34.92 15.65
C PRO B 336 -40.47 34.71 17.00
N VAL B 337 -39.58 35.60 17.28
CA VAL B 337 -39.20 35.95 18.61
C VAL B 337 -39.24 37.48 18.67
N LYS B 338 -40.25 38.04 19.31
CA LYS B 338 -40.24 39.48 19.47
C LYS B 338 -39.68 39.71 20.84
N MET B 339 -38.58 40.44 20.90
CA MET B 339 -37.92 40.68 22.16
C MET B 339 -38.48 41.92 22.84
N LEU B 340 -38.84 41.77 24.09
CA LEU B 340 -38.99 42.90 24.98
C LEU B 340 -37.71 43.05 25.77
N TYR B 341 -37.34 44.30 25.99
CA TYR B 341 -36.23 44.70 26.83
C TYR B 341 -36.79 45.02 28.22
N LEU B 342 -35.91 45.43 29.13
CA LEU B 342 -36.25 45.43 30.55
C LEU B 342 -37.32 46.44 30.90
N GLU B 343 -37.44 47.52 30.14
CA GLU B 343 -38.53 48.46 30.39
C GLU B 343 -39.84 48.00 29.78
N ASP B 344 -39.82 47.05 28.85
CA ASP B 344 -41.08 46.44 28.43
C ASP B 344 -41.51 45.32 29.33
N VAL B 345 -40.56 44.65 29.98
CA VAL B 345 -40.90 43.57 30.89
C VAL B 345 -41.58 44.13 32.13
N LEU B 346 -41.06 45.24 32.66
CA LEU B 346 -41.69 45.85 33.82
C LEU B 346 -42.80 46.82 33.46
N SER B 347 -42.99 47.12 32.17
CA SER B 347 -44.30 47.60 31.76
C SER B 347 -45.37 46.58 32.10
N LYS B 348 -45.07 45.30 31.89
CA LYS B 348 -46.08 44.27 32.07
C LYS B 348 -46.13 43.67 33.48
N THR B 349 -44.99 43.38 34.11
CA THR B 349 -45.04 42.80 35.46
C THR B 349 -45.18 43.81 36.58
N ASN B 350 -44.52 44.97 36.46
CA ASN B 350 -44.40 46.01 37.50
C ASN B 350 -43.98 45.45 38.86
N TYR B 351 -42.86 44.75 38.82
CA TYR B 351 -42.15 44.25 39.98
C TYR B 351 -41.32 45.41 40.55
N GLU B 352 -41.00 45.37 41.85
CA GLU B 352 -39.98 46.30 42.32
C GLU B 352 -39.16 45.69 43.46
N PHE B 353 -38.02 46.32 43.70
CA PHE B 353 -36.90 45.65 44.34
C PHE B 353 -36.42 46.22 45.69
N GLN B 354 -36.23 45.38 46.70
CA GLN B 354 -34.90 44.91 47.10
C GLN B 354 -35.00 44.20 48.46
N LYS B 355 -33.94 43.46 48.74
CA LYS B 355 -33.74 42.65 49.91
C LYS B 355 -34.03 43.47 51.19
N GLU B 367 -20.62 57.29 42.08
CA GLU B 367 -19.73 57.15 40.93
C GLU B 367 -20.10 55.96 40.01
N ARG B 368 -20.22 54.73 40.55
CA ARG B 368 -20.89 53.67 39.80
C ARG B 368 -22.27 54.14 39.35
N ARG B 369 -22.89 54.96 40.20
CA ARG B 369 -24.28 55.34 40.01
C ARG B 369 -24.43 56.29 38.83
N MET B 370 -23.62 57.35 38.81
CA MET B 370 -23.63 58.30 37.70
C MET B 370 -23.21 57.66 36.41
N LYS B 371 -22.16 56.83 36.47
CA LYS B 371 -21.82 56.01 35.34
C LYS B 371 -23.09 55.37 34.81
N HIS B 372 -23.72 54.53 35.65
CA HIS B 372 -24.97 53.88 35.30
C HIS B 372 -25.99 54.87 34.72
N GLU B 373 -26.09 56.05 35.31
CA GLU B 373 -27.10 56.97 34.83
C GLU B 373 -26.66 57.74 33.60
N ALA B 374 -25.36 57.84 33.36
CA ALA B 374 -24.91 58.39 32.09
C ALA B 374 -25.37 57.50 30.94
N MET B 375 -25.39 56.19 31.17
CA MET B 375 -25.93 55.27 30.17
C MET B 375 -27.39 55.53 29.88
N ILE B 376 -28.22 55.28 30.89
CA ILE B 376 -29.65 55.16 30.69
C ILE B 376 -30.25 56.49 30.28
N GLU B 377 -29.96 57.56 31.03
CA GLU B 377 -30.83 58.72 31.06
C GLU B 377 -30.96 59.51 29.76
N PRO B 378 -29.92 59.59 28.92
CA PRO B 378 -30.14 60.18 27.58
C PRO B 378 -31.19 59.43 26.77
N TYR B 379 -31.34 58.13 27.01
CA TYR B 379 -32.30 57.34 26.25
C TYR B 379 -33.68 57.36 26.88
N LEU B 380 -33.78 57.57 28.18
CA LEU B 380 -35.13 57.67 28.75
C LEU B 380 -35.74 59.02 28.52
N ARG B 381 -34.94 60.01 28.19
CA ARG B 381 -35.57 61.26 27.83
C ARG B 381 -36.06 61.20 26.38
N ARG B 382 -35.61 60.21 25.61
CA ARG B 382 -36.16 59.95 24.28
C ARG B 382 -37.41 59.07 24.35
N ILE B 383 -37.53 58.24 25.38
CA ILE B 383 -38.67 57.34 25.50
C ILE B 383 -39.76 57.91 26.43
N ARG B 384 -39.64 59.18 26.86
CA ARG B 384 -40.40 59.70 28.00
C ARG B 384 -41.89 59.44 27.92
N ASN B 385 -42.48 59.61 26.73
CA ASN B 385 -43.91 59.45 26.55
C ASN B 385 -44.34 58.08 26.00
N SER B 386 -43.43 57.15 25.74
CA SER B 386 -43.83 55.82 25.29
C SER B 386 -43.96 54.82 26.44
N TYR B 387 -43.78 55.27 27.69
CA TYR B 387 -44.11 54.50 28.89
C TYR B 387 -44.46 55.45 30.03
N ASP B 388 -45.07 54.91 31.10
CA ASP B 388 -45.41 55.75 32.25
C ASP B 388 -44.13 56.20 32.96
N SER B 389 -44.24 57.21 33.83
CA SER B 389 -43.02 57.72 34.44
C SER B 389 -42.38 56.71 35.36
N ARG B 390 -43.20 55.91 36.02
CA ARG B 390 -42.67 54.98 37.00
C ARG B 390 -42.07 53.72 36.36
N VAL B 391 -42.36 53.42 35.08
CA VAL B 391 -41.59 52.38 34.41
C VAL B 391 -40.18 52.89 34.05
N LEU B 392 -40.06 54.18 33.68
CA LEU B 392 -38.73 54.71 33.38
C LEU B 392 -37.93 55.03 34.64
N ASP B 393 -38.59 55.18 35.79
CA ASP B 393 -37.90 55.44 37.05
C ASP B 393 -37.17 54.22 37.63
N LYS B 394 -37.46 53.00 37.18
CA LYS B 394 -36.68 51.85 37.68
C LYS B 394 -35.55 51.46 36.78
N LEU B 395 -35.34 52.14 35.66
CA LEU B 395 -34.19 51.75 34.87
C LEU B 395 -32.90 52.27 35.48
N ARG B 396 -33.00 53.29 36.34
CA ARG B 396 -31.91 53.94 37.04
C ARG B 396 -31.11 52.97 37.85
N LEU B 397 -31.70 51.82 38.14
CA LEU B 397 -31.34 51.10 39.34
C LEU B 397 -30.18 50.16 39.05
N PRO B 398 -29.33 49.82 40.04
CA PRO B 398 -28.28 48.85 39.77
C PRO B 398 -28.79 47.44 39.56
N GLU B 399 -29.88 47.04 40.25
CA GLU B 399 -30.37 45.69 40.08
C GLU B 399 -31.35 45.50 38.93
N SER B 400 -31.89 46.59 38.36
CA SER B 400 -32.70 46.52 37.15
C SER B 400 -32.03 45.67 36.07
N GLU B 401 -30.88 46.12 35.61
CA GLU B 401 -30.19 45.48 34.51
C GLU B 401 -29.35 44.31 35.00
N GLY B 402 -29.27 43.29 34.16
CA GLY B 402 -28.56 42.09 34.50
C GLY B 402 -29.42 41.13 35.29
N CYS B 403 -28.72 40.24 35.98
CA CYS B 403 -29.28 39.28 36.94
C CYS B 403 -29.13 39.72 38.38
N GLU B 404 -28.74 40.96 38.63
CA GLU B 404 -28.34 41.39 39.98
C GLU B 404 -29.42 41.13 41.02
N ASP B 405 -30.69 41.25 40.65
CA ASP B 405 -31.73 40.78 41.56
C ASP B 405 -32.46 39.61 40.91
N ILE B 406 -32.35 38.46 41.56
CA ILE B 406 -32.88 37.21 41.06
C ILE B 406 -34.37 37.03 41.37
N ASP B 407 -34.86 37.59 42.48
CA ASP B 407 -36.30 37.52 42.74
C ASP B 407 -37.09 38.27 41.68
N PHE B 408 -36.46 39.22 41.00
CA PHE B 408 -37.04 39.82 39.80
C PHE B 408 -37.20 38.77 38.71
N ILE B 409 -36.15 37.99 38.44
CA ILE B 409 -36.29 36.95 37.43
C ILE B 409 -37.25 35.89 37.93
N ALA B 410 -37.27 35.65 39.23
CA ALA B 410 -38.26 34.76 39.82
C ALA B 410 -39.66 35.18 39.44
N ASP B 411 -40.03 36.41 39.76
CA ASP B 411 -41.37 36.83 39.44
C ASP B 411 -41.50 37.06 37.95
N LEU B 412 -40.39 37.06 37.22
CA LEU B 412 -40.56 37.12 35.79
C LEU B 412 -40.96 35.76 35.24
N VAL B 413 -40.37 34.67 35.74
CA VAL B 413 -40.79 33.36 35.22
C VAL B 413 -42.16 32.96 35.75
N TYR B 414 -42.41 33.19 37.06
CA TYR B 414 -43.76 32.98 37.59
C TYR B 414 -44.77 33.71 36.75
N TYR B 415 -44.35 34.81 36.15
CA TYR B 415 -45.30 35.52 35.36
C TYR B 415 -45.58 34.78 34.06
N ILE B 416 -44.56 34.22 33.38
CA ILE B 416 -44.84 33.65 32.07
C ILE B 416 -45.71 32.41 32.24
N CYS B 417 -45.87 31.90 33.46
CA CYS B 417 -46.74 30.74 33.70
C CYS B 417 -48.22 31.10 33.67
N GLU B 418 -48.64 32.10 34.45
CA GLU B 418 -50.05 32.44 34.66
C GLU B 418 -50.76 32.63 33.33
N ASN B 419 -50.44 33.73 32.67
CA ASN B 419 -50.79 34.01 31.28
C ASN B 419 -49.84 33.23 30.39
N GLU B 420 -49.92 33.50 29.08
CA GLU B 420 -49.07 32.99 28.00
C GLU B 420 -49.36 31.52 27.79
N PRO B 421 -49.31 31.05 26.56
CA PRO B 421 -49.75 29.67 26.29
C PRO B 421 -48.69 28.67 26.70
N GLU B 422 -48.91 27.39 26.41
CA GLU B 422 -47.99 26.37 26.86
C GLU B 422 -46.66 26.46 26.13
N GLY B 423 -45.58 26.18 26.86
CA GLY B 423 -44.25 26.20 26.29
C GLY B 423 -43.20 26.20 27.38
N ALA B 424 -41.96 26.05 26.95
CA ALA B 424 -40.86 25.89 27.89
C ALA B 424 -40.12 27.21 28.04
N ILE B 425 -39.62 27.45 29.25
CA ILE B 425 -38.93 28.70 29.56
C ILE B 425 -37.45 28.40 29.70
N LEU B 426 -36.66 28.88 28.75
CA LEU B 426 -35.22 28.72 28.78
C LEU B 426 -34.64 30.02 29.32
N VAL B 427 -33.93 29.94 30.44
CA VAL B 427 -33.50 31.14 31.16
C VAL B 427 -31.96 31.16 31.21
N PHE B 428 -31.36 32.24 30.71
CA PHE B 428 -29.91 32.35 30.59
C PHE B 428 -29.35 33.17 31.74
N LEU B 429 -28.51 32.54 32.56
CA LEU B 429 -27.81 33.25 33.62
C LEU B 429 -26.30 33.05 33.47
N PRO B 430 -25.49 33.91 34.12
CA PRO B 430 -24.03 33.86 33.87
C PRO B 430 -23.35 32.58 34.31
N GLY B 431 -23.65 32.08 35.50
CA GLY B 431 -22.81 31.07 36.08
C GLY B 431 -23.53 30.18 37.08
N TYR B 432 -22.75 29.29 37.66
CA TYR B 432 -23.35 28.21 38.43
C TYR B 432 -23.99 28.76 39.69
N ASP B 433 -23.41 29.82 40.25
CA ASP B 433 -23.94 30.33 41.51
C ASP B 433 -25.32 30.94 41.27
N LYS B 434 -25.54 31.66 40.16
CA LYS B 434 -26.89 32.24 40.12
C LYS B 434 -27.92 31.30 39.57
N ILE B 435 -27.53 30.18 38.98
CA ILE B 435 -28.65 29.31 38.71
C ILE B 435 -28.98 28.57 39.98
N SER B 436 -28.01 28.49 40.91
CA SER B 436 -28.30 27.90 42.21
C SER B 436 -29.18 28.84 43.01
N GLN B 437 -28.85 30.12 43.03
CA GLN B 437 -29.66 31.04 43.79
C GLN B 437 -31.07 31.09 43.24
N LEU B 438 -31.23 31.02 41.92
CA LEU B 438 -32.62 31.08 41.50
C LEU B 438 -33.28 29.72 41.46
N TYR B 439 -32.52 28.64 41.32
CA TYR B 439 -33.13 27.33 41.53
C TYR B 439 -33.78 27.26 42.91
N ASN B 440 -33.02 27.63 43.95
CA ASN B 440 -33.59 27.61 45.29
C ASN B 440 -34.79 28.53 45.40
N ILE B 441 -34.86 29.58 44.59
CA ILE B 441 -36.01 30.46 44.67
C ILE B 441 -37.27 29.76 44.16
N LEU B 442 -37.14 28.91 43.13
CA LEU B 442 -38.35 28.27 42.60
C LEU B 442 -38.77 27.04 43.39
N ASP B 443 -37.82 26.26 43.92
CA ASP B 443 -38.19 25.02 44.61
C ASP B 443 -38.22 25.11 46.13
N LYS B 444 -37.84 26.23 46.73
CA LYS B 444 -38.24 26.54 48.11
C LYS B 444 -38.65 28.01 48.17
N PRO B 445 -39.78 28.37 47.55
CA PRO B 445 -40.18 29.77 47.49
C PRO B 445 -40.55 30.33 48.87
N LYS B 446 -40.02 31.52 49.15
CA LYS B 446 -40.37 32.27 50.34
C LYS B 446 -41.54 33.21 50.10
N THR B 447 -41.88 33.46 48.83
CA THR B 447 -43.05 34.26 48.45
C THR B 447 -44.26 33.36 48.22
N SER B 448 -45.44 33.79 48.68
CA SER B 448 -46.61 32.92 48.54
C SER B 448 -46.99 32.73 47.07
N LYS B 449 -46.65 33.68 46.20
CA LYS B 449 -46.82 33.46 44.76
C LYS B 449 -45.82 32.46 44.23
N GLY B 450 -44.70 32.29 44.91
CA GLY B 450 -43.81 31.20 44.58
C GLY B 450 -44.33 29.88 45.09
N GLN B 451 -44.73 29.79 46.38
CA GLN B 451 -45.35 28.58 46.92
C GLN B 451 -46.50 28.17 46.04
N ARG B 452 -47.05 29.16 45.34
CA ARG B 452 -48.22 29.01 44.48
C ARG B 452 -47.89 28.13 43.28
N TRP B 453 -46.82 28.46 42.56
CA TRP B 453 -46.51 27.90 41.24
C TRP B 453 -45.67 26.64 41.26
N ARG B 454 -45.19 26.24 42.44
CA ARG B 454 -44.04 25.36 42.51
C ARG B 454 -44.27 24.02 41.84
N ASP B 455 -45.39 23.35 42.10
CA ASP B 455 -45.48 21.95 41.68
C ASP B 455 -46.02 21.79 40.27
N HIS B 456 -46.30 22.88 39.56
CA HIS B 456 -46.59 22.82 38.15
C HIS B 456 -45.44 23.27 37.27
N MET B 457 -44.25 23.46 37.83
CA MET B 457 -43.05 23.63 37.02
C MET B 457 -42.12 22.44 37.19
N ALA B 458 -41.43 22.07 36.10
CA ALA B 458 -40.40 21.04 36.09
C ALA B 458 -39.07 21.69 35.74
N VAL B 459 -38.20 21.82 36.73
CA VAL B 459 -37.08 22.75 36.69
C VAL B 459 -35.80 21.98 36.40
N PHE B 460 -35.06 22.39 35.36
CA PHE B 460 -33.76 21.79 35.09
C PHE B 460 -32.63 22.82 35.08
N PRO B 461 -31.68 22.72 35.99
CA PRO B 461 -30.40 23.42 35.83
C PRO B 461 -29.63 22.85 34.64
N LEU B 462 -29.11 23.73 33.78
CA LEU B 462 -28.27 23.31 32.67
C LEU B 462 -26.90 23.97 32.79
N HIS B 463 -25.88 23.14 33.01
CA HIS B 463 -24.52 23.63 33.16
C HIS B 463 -23.58 22.51 32.72
N SER B 464 -22.48 22.87 32.06
CA SER B 464 -21.48 21.88 31.61
C SER B 464 -21.14 20.85 32.68
N LEU B 465 -21.12 21.28 33.94
CA LEU B 465 -20.71 20.44 35.07
C LEU B 465 -21.88 19.72 35.72
N MET B 466 -23.08 19.82 35.13
CA MET B 466 -24.30 19.24 35.66
C MET B 466 -24.79 18.10 34.78
N GLN B 467 -25.49 17.15 35.41
CA GLN B 467 -25.86 15.91 34.73
C GLN B 467 -26.94 16.10 33.67
N SER B 468 -27.71 17.20 33.71
CA SER B 468 -28.98 17.22 32.96
C SER B 468 -28.78 17.14 31.47
N GLY B 469 -27.60 17.51 30.96
CA GLY B 469 -27.34 17.46 29.53
C GLY B 469 -27.01 16.08 29.02
N GLU B 470 -26.62 15.18 29.91
CA GLU B 470 -26.31 13.79 29.61
C GLU B 470 -27.52 12.88 29.78
N GLN B 471 -28.61 13.40 30.35
CA GLN B 471 -29.87 12.70 30.53
C GLN B 471 -30.85 13.19 29.47
N GLN B 472 -31.89 12.40 29.24
CA GLN B 472 -32.79 12.68 28.12
C GLN B 472 -33.96 13.59 28.48
N ALA B 473 -34.16 13.91 29.77
CA ALA B 473 -35.40 14.53 30.25
C ALA B 473 -35.56 15.99 29.81
N VAL B 474 -34.50 16.78 29.93
CA VAL B 474 -34.52 18.18 29.49
C VAL B 474 -35.03 18.31 28.06
N PHE B 475 -34.76 17.31 27.22
CA PHE B 475 -35.20 17.41 25.85
C PHE B 475 -36.61 16.90 25.62
N ARG B 476 -37.23 16.29 26.61
CA ARG B 476 -38.54 15.73 26.34
C ARG B 476 -39.59 16.67 26.89
N ARG B 477 -40.83 16.33 26.64
CA ARG B 477 -41.90 17.16 27.15
C ARG B 477 -42.24 16.81 28.61
N PRO B 478 -42.65 17.82 29.39
CA PRO B 478 -42.96 17.60 30.81
C PRO B 478 -44.31 16.94 30.99
N PRO B 479 -44.55 16.35 32.19
CA PRO B 479 -45.89 15.90 32.58
C PRO B 479 -47.01 16.87 32.23
N ALA B 480 -48.19 16.33 31.91
CA ALA B 480 -49.38 17.16 31.77
C ALA B 480 -49.57 18.04 33.01
N GLY B 481 -49.99 19.28 32.77
CA GLY B 481 -50.12 20.27 33.82
C GLY B 481 -48.81 20.88 34.28
N GLN B 482 -47.68 20.46 33.69
CA GLN B 482 -46.37 21.02 33.98
C GLN B 482 -45.80 21.71 32.76
N ARG B 483 -45.07 22.79 33.00
CA ARG B 483 -44.33 23.49 31.96
C ARG B 483 -42.85 23.50 32.35
N LYS B 484 -41.99 23.27 31.37
CA LYS B 484 -40.57 23.07 31.64
C LYS B 484 -39.83 24.40 31.73
N VAL B 485 -39.08 24.57 32.81
CA VAL B 485 -38.21 25.74 32.99
C VAL B 485 -36.78 25.26 33.07
N ILE B 486 -35.92 25.84 32.22
CA ILE B 486 -34.49 25.54 32.17
C ILE B 486 -33.70 26.79 32.51
N ILE B 487 -32.91 26.70 33.55
CA ILE B 487 -31.94 27.73 33.89
C ILE B 487 -30.55 27.21 33.55
N SER B 488 -29.97 27.93 32.60
CA SER B 488 -28.85 27.49 31.80
C SER B 488 -27.80 28.59 31.72
N THR B 489 -26.56 28.16 31.59
CA THR B 489 -25.48 29.07 31.23
C THR B 489 -25.55 29.28 29.73
N ILE B 490 -24.51 29.90 29.19
CA ILE B 490 -24.39 30.13 27.76
C ILE B 490 -24.39 28.81 27.00
N ILE B 491 -24.37 27.68 27.71
CA ILE B 491 -24.35 26.38 27.06
C ILE B 491 -25.56 26.18 26.14
N ALA B 492 -26.72 26.72 26.51
CA ALA B 492 -27.90 26.48 25.69
C ALA B 492 -27.91 27.33 24.43
N GLU B 493 -26.96 28.26 24.30
CA GLU B 493 -26.88 29.11 23.12
C GLU B 493 -26.57 28.27 21.86
N THR B 494 -25.50 27.46 21.90
CA THR B 494 -25.09 26.64 20.76
C THR B 494 -24.90 25.16 21.12
N SER B 495 -23.99 24.88 22.08
CA SER B 495 -23.63 23.50 22.47
C SER B 495 -24.86 22.61 22.68
N VAL B 496 -25.79 23.02 23.56
CA VAL B 496 -26.99 22.25 23.87
C VAL B 496 -28.20 22.89 23.19
N THR B 497 -29.03 22.08 22.53
CA THR B 497 -30.22 22.54 21.85
C THR B 497 -31.44 21.82 22.40
N ILE B 498 -32.45 22.58 22.85
CA ILE B 498 -33.67 22.05 23.43
C ILE B 498 -34.86 22.57 22.62
N ASP B 499 -35.68 21.67 22.08
CA ASP B 499 -36.53 22.07 20.96
C ASP B 499 -37.90 22.63 21.33
N ASP B 500 -38.43 22.39 22.52
CA ASP B 500 -39.75 22.90 22.82
C ASP B 500 -39.72 24.26 23.50
N VAL B 501 -38.53 24.85 23.65
CA VAL B 501 -38.42 26.16 24.30
C VAL B 501 -39.11 27.17 23.40
N VAL B 502 -40.14 27.82 23.91
CA VAL B 502 -40.73 28.97 23.24
C VAL B 502 -40.50 30.29 23.96
N TYR B 503 -39.86 30.28 25.15
CA TYR B 503 -39.59 31.49 25.93
C TYR B 503 -38.13 31.51 26.36
N VAL B 504 -37.44 32.56 25.96
CA VAL B 504 -36.07 32.85 26.38
C VAL B 504 -36.13 34.10 27.21
N ILE B 505 -35.56 34.07 28.40
CA ILE B 505 -35.25 35.31 29.10
C ILE B 505 -33.74 35.40 29.24
N ASN B 506 -33.21 36.54 28.81
CA ASN B 506 -31.79 36.72 28.66
C ASN B 506 -31.34 37.70 29.74
N SER B 507 -30.58 37.18 30.68
CA SER B 507 -29.94 38.02 31.66
C SER B 507 -29.01 39.05 31.02
N GLY B 508 -28.53 38.78 29.81
CA GLY B 508 -27.53 39.66 29.25
C GLY B 508 -26.20 39.48 29.94
N ARG B 509 -26.10 38.49 30.78
CA ARG B 509 -24.94 38.32 31.62
C ARG B 509 -24.40 36.91 31.49
N THR B 510 -23.09 36.83 31.41
CA THR B 510 -22.41 35.56 31.32
C THR B 510 -21.05 35.70 31.98
N LYS B 511 -20.24 34.68 31.87
CA LYS B 511 -18.88 34.75 32.37
C LYS B 511 -17.96 34.51 31.18
N ALA B 512 -16.78 35.14 31.21
CA ALA B 512 -15.86 35.02 30.10
C ALA B 512 -14.45 34.99 30.64
N THR B 513 -13.65 34.02 30.17
CA THR B 513 -12.23 34.09 30.46
C THR B 513 -11.65 35.29 29.71
N ASN B 514 -11.13 36.28 30.45
CA ASN B 514 -10.35 37.34 29.82
C ASN B 514 -9.16 37.78 30.68
N TYR B 515 -7.97 37.59 30.13
CA TYR B 515 -6.69 38.01 30.66
C TYR B 515 -5.84 38.58 29.55
N ASP B 516 -5.14 39.61 29.96
CA ASP B 516 -4.21 40.51 29.35
C ASP B 516 -2.83 39.85 29.46
N ILE B 517 -1.75 40.56 29.13
CA ILE B 517 -0.44 39.97 29.38
C ILE B 517 0.07 40.28 30.79
N GLU B 518 -0.76 40.92 31.62
CA GLU B 518 -0.26 41.76 32.72
C GLU B 518 0.81 41.18 33.62
N THR B 519 0.25 40.53 34.64
CA THR B 519 0.87 39.95 35.81
C THR B 519 0.83 38.43 35.77
N ASN B 520 0.23 37.88 34.72
CA ASN B 520 -0.15 36.46 34.62
C ASN B 520 -1.28 36.08 35.61
N ILE B 521 -2.34 36.89 35.62
CA ILE B 521 -3.60 36.59 36.30
C ILE B 521 -4.69 36.34 35.25
N GLN B 522 -5.20 35.11 35.14
CA GLN B 522 -6.48 34.95 34.47
C GLN B 522 -7.59 34.86 35.50
N SER B 523 -8.49 35.83 35.46
CA SER B 523 -9.68 35.90 36.27
C SER B 523 -10.91 35.46 35.49
N LEU B 524 -11.89 34.85 36.13
CA LEU B 524 -13.12 34.54 35.41
C LEU B 524 -14.17 35.51 35.94
N ASP B 525 -14.58 36.47 35.11
CA ASP B 525 -15.38 37.62 35.53
C ASP B 525 -16.71 37.69 34.81
N GLU B 526 -17.75 38.09 35.53
CA GLU B 526 -19.09 38.26 34.97
C GLU B 526 -19.15 39.55 34.17
N VAL B 527 -19.61 39.45 32.91
CA VAL B 527 -19.60 40.57 31.96
C VAL B 527 -20.96 40.65 31.30
N TRP B 528 -21.20 41.76 30.59
CA TRP B 528 -22.38 41.81 29.72
C TRP B 528 -22.15 40.98 28.47
N VAL B 529 -23.25 40.47 27.94
CA VAL B 529 -23.24 39.67 26.73
C VAL B 529 -22.96 40.62 25.58
N THR B 530 -22.80 40.10 24.37
CA THR B 530 -22.70 40.93 23.18
C THR B 530 -23.92 40.68 22.30
N LYS B 531 -24.17 41.65 21.42
CA LYS B 531 -25.25 41.55 20.45
C LYS B 531 -25.31 40.17 19.80
N ALA B 532 -24.15 39.65 19.37
CA ALA B 532 -24.16 38.38 18.65
C ALA B 532 -24.86 37.28 19.44
N ASN B 533 -24.80 37.35 20.77
CA ASN B 533 -25.43 36.30 21.54
C ASN B 533 -26.90 36.56 21.74
N THR B 534 -27.29 37.81 21.94
CA THR B 534 -28.72 38.09 21.98
C THR B 534 -29.37 37.64 20.68
N GLN B 535 -28.72 37.93 19.56
CA GLN B 535 -29.15 37.40 18.26
C GLN B 535 -29.42 35.89 18.36
N GLN B 536 -28.49 35.12 18.93
CA GLN B 536 -28.65 33.68 18.84
C GLN B 536 -29.58 33.12 19.91
N ARG B 537 -29.66 33.73 21.09
CA ARG B 537 -30.64 33.25 22.06
C ARG B 537 -32.04 33.52 21.62
N ARG B 538 -32.25 34.61 20.87
CA ARG B 538 -33.54 34.86 20.25
C ARG B 538 -34.04 33.63 19.50
N GLY B 539 -33.16 33.03 18.69
CA GLY B 539 -33.55 31.88 17.90
C GLY B 539 -33.96 30.69 18.74
N ARG B 540 -33.47 30.62 19.98
CA ARG B 540 -33.70 29.44 20.82
C ARG B 540 -35.18 29.23 21.14
N ALA B 541 -35.96 30.30 21.24
CA ALA B 541 -37.40 30.14 21.41
C ALA B 541 -38.13 29.82 20.13
N GLY B 542 -37.46 29.95 18.99
CA GLY B 542 -38.16 29.82 17.73
C GLY B 542 -38.13 28.43 17.13
N ARG B 543 -37.77 27.43 17.90
CA ARG B 543 -37.48 26.19 17.20
C ARG B 543 -38.74 25.45 16.76
N VAL B 544 -39.87 25.57 17.46
CA VAL B 544 -41.06 24.87 16.98
C VAL B 544 -42.28 25.77 16.90
N ARG B 545 -42.57 26.51 17.94
CA ARG B 545 -43.68 27.45 17.76
C ARG B 545 -43.23 28.89 17.94
N PRO B 546 -44.14 29.84 17.74
CA PRO B 546 -43.83 31.24 18.04
C PRO B 546 -43.29 31.48 19.44
N GLY B 547 -42.12 32.13 19.49
CA GLY B 547 -41.49 32.48 20.73
C GLY B 547 -41.48 33.95 21.04
N ILE B 548 -40.97 34.25 22.25
CA ILE B 548 -40.56 35.59 22.67
C ILE B 548 -39.33 35.49 23.56
N CYS B 549 -38.51 36.55 23.51
CA CYS B 549 -37.25 36.64 24.22
C CYS B 549 -37.28 37.87 25.11
N TYR B 550 -37.12 37.69 26.42
CA TYR B 550 -37.20 38.81 27.36
C TYR B 550 -35.80 39.23 27.80
N ASN B 551 -35.41 40.46 27.48
CA ASN B 551 -34.09 40.94 27.85
C ASN B 551 -34.14 41.89 29.03
N LEU B 552 -33.29 41.62 30.01
CA LEU B 552 -33.29 42.23 31.34
C LEU B 552 -32.47 43.51 31.38
N PHE B 553 -32.12 44.05 30.22
CA PHE B 553 -31.45 45.31 30.08
C PHE B 553 -32.24 46.21 29.13
N SER B 554 -32.04 47.52 29.27
CA SER B 554 -32.59 48.50 28.35
C SER B 554 -31.91 48.44 26.97
N ARG B 555 -32.55 49.05 25.97
CA ARG B 555 -31.83 49.24 24.71
C ARG B 555 -30.61 50.14 24.88
N ALA B 556 -30.65 51.08 25.84
CA ALA B 556 -29.47 51.91 26.09
C ALA B 556 -28.31 51.04 26.54
N ARG B 557 -28.60 49.93 27.19
CA ARG B 557 -27.55 48.98 27.49
C ARG B 557 -27.21 48.12 26.28
N GLU B 558 -28.22 47.77 25.46
CA GLU B 558 -27.91 46.91 24.33
C GLU B 558 -27.10 47.66 23.28
N ASP B 559 -27.46 48.91 23.01
CA ASP B 559 -26.72 49.71 22.03
C ASP B 559 -25.29 49.95 22.47
N ARG B 560 -25.01 49.78 23.74
CA ARG B 560 -23.64 49.93 24.20
C ARG B 560 -22.89 48.61 24.28
N MET B 561 -23.55 47.50 24.02
CA MET B 561 -22.86 46.22 23.90
C MET B 561 -22.10 46.13 22.57
N ASP B 562 -21.09 45.27 22.55
CA ASP B 562 -20.31 45.06 21.35
C ASP B 562 -21.04 44.16 20.36
N ASP B 563 -20.66 44.27 19.09
CA ASP B 563 -21.27 43.42 18.06
C ASP B 563 -21.10 41.94 18.37
N ILE B 564 -19.86 41.50 18.62
CA ILE B 564 -19.55 40.12 18.93
C ILE B 564 -18.47 40.07 19.98
N PRO B 565 -18.31 38.95 20.69
CA PRO B 565 -17.30 38.87 21.75
C PRO B 565 -15.91 38.73 21.17
N THR B 566 -14.91 39.16 21.95
CA THR B 566 -13.54 39.15 21.45
C THR B 566 -13.20 37.77 20.91
N PRO B 567 -12.82 37.66 19.63
CA PRO B 567 -12.69 36.33 19.00
C PRO B 567 -11.63 35.48 19.68
N GLU B 568 -11.90 34.16 19.72
CA GLU B 568 -11.21 33.31 20.67
C GLU B 568 -9.70 33.34 20.45
N ILE B 569 -9.28 33.51 19.18
CA ILE B 569 -7.86 33.57 18.85
C ILE B 569 -7.11 34.60 19.70
N LEU B 570 -7.80 35.67 20.12
CA LEU B 570 -7.16 36.72 20.92
C LEU B 570 -7.06 36.39 22.41
N ARG B 571 -7.84 35.45 22.93
CA ARG B 571 -7.65 35.04 24.31
C ARG B 571 -6.94 33.70 24.49
N SER B 572 -6.49 33.06 23.41
CA SER B 572 -5.97 31.71 23.50
C SER B 572 -4.45 31.65 23.57
N LYS B 573 -3.95 30.71 24.36
CA LYS B 573 -2.57 30.28 24.30
C LYS B 573 -2.28 29.72 22.91
N LEU B 574 -1.22 30.23 22.25
CA LEU B 574 -0.91 29.86 20.87
C LEU B 574 0.23 28.86 20.68
N GLU B 575 0.80 28.27 21.75
CA GLU B 575 1.85 27.25 21.60
C GLU B 575 1.49 26.21 20.56
N SER B 576 0.31 25.61 20.68
CA SER B 576 -0.07 24.51 19.81
C SER B 576 -0.16 24.97 18.36
N ILE B 577 -0.55 26.23 18.14
CA ILE B 577 -0.72 26.73 16.78
C ILE B 577 0.62 27.05 16.16
N ILE B 578 1.49 27.71 16.91
CA ILE B 578 2.81 28.05 16.38
C ILE B 578 3.53 26.78 15.98
N LEU B 579 3.36 25.73 16.76
CA LEU B 579 4.06 24.48 16.46
C LEU B 579 3.45 23.80 15.24
N SER B 580 2.13 23.67 15.22
CA SER B 580 1.47 22.99 14.09
C SER B 580 1.76 23.71 12.77
N LEU B 581 1.95 25.03 12.81
CA LEU B 581 2.17 25.81 11.60
C LEU B 581 3.48 25.43 10.89
N LYS B 582 4.45 24.87 11.63
CA LYS B 582 5.73 24.51 11.04
C LYS B 582 5.65 23.29 10.14
N LEU B 583 4.75 22.34 10.42
CA LEU B 583 4.62 21.16 9.57
C LEU B 583 4.11 21.55 8.19
N LEU B 584 3.34 22.62 8.13
CA LEU B 584 2.83 23.22 6.90
C LEU B 584 3.80 24.23 6.33
N HIS B 585 4.99 24.31 6.93
CA HIS B 585 6.14 25.07 6.46
C HIS B 585 5.90 26.59 6.56
N ILE B 586 5.23 27.02 7.61
CA ILE B 586 5.02 28.43 7.92
C ILE B 586 5.79 28.68 9.20
N ASP B 587 7.00 29.27 9.07
CA ASP B 587 7.96 29.27 10.15
C ASP B 587 7.99 30.57 10.95
N ASP B 588 7.37 31.64 10.47
CA ASP B 588 7.32 32.90 11.19
C ASP B 588 5.94 33.04 11.81
N PRO B 589 5.76 32.79 13.11
CA PRO B 589 4.43 32.96 13.71
C PRO B 589 3.93 34.38 13.61
N TYR B 590 4.83 35.35 13.77
CA TYR B 590 4.43 36.75 13.73
C TYR B 590 3.90 37.16 12.36
N ARG B 591 4.58 36.74 11.31
CA ARG B 591 4.14 37.11 9.97
C ARG B 591 2.76 36.57 9.68
N PHE B 592 2.56 35.26 9.88
CA PHE B 592 1.31 34.64 9.47
C PHE B 592 0.15 35.06 10.37
N LEU B 593 0.31 34.95 11.68
CA LEU B 593 -0.81 35.30 12.56
C LEU B 593 -1.22 36.77 12.48
N GLN B 594 -0.39 37.63 11.88
CA GLN B 594 -0.81 39.01 11.65
C GLN B 594 -1.64 39.16 10.38
N THR B 595 -1.76 38.09 9.59
CA THR B 595 -2.62 38.11 8.41
C THR B 595 -4.01 37.57 8.67
N LEU B 596 -4.34 37.18 9.91
CA LEU B 596 -5.71 36.74 10.16
C LEU B 596 -6.63 37.94 10.32
N ILE B 597 -7.93 37.66 10.44
CA ILE B 597 -8.92 38.72 10.45
C ILE B 597 -8.67 39.66 11.62
N ASN B 598 -8.29 39.10 12.75
CA ASN B 598 -7.78 39.86 13.88
C ASN B 598 -6.46 39.27 14.30
N ALA B 599 -5.42 40.10 14.32
CA ALA B 599 -4.09 39.65 14.66
C ALA B 599 -3.96 39.47 16.17
N PRO B 600 -3.56 38.29 16.65
CA PRO B 600 -3.13 38.15 18.03
C PRO B 600 -2.05 39.17 18.33
N ASN B 601 -1.95 39.51 19.60
CA ASN B 601 -0.89 40.40 20.07
C ASN B 601 0.44 39.69 19.92
N PRO B 602 1.40 40.25 19.19
CA PRO B 602 2.69 39.56 19.05
C PRO B 602 3.36 39.30 20.38
N GLU B 603 2.92 39.96 21.45
CA GLU B 603 3.45 39.59 22.74
C GLU B 603 2.80 38.29 23.26
N ALA B 604 1.63 37.93 22.75
CA ALA B 604 1.14 36.57 23.01
C ALA B 604 1.79 35.57 22.06
N ILE B 605 2.00 35.98 20.81
CA ILE B 605 2.75 35.14 19.90
C ILE B 605 4.13 34.83 20.46
N LYS B 606 4.77 35.84 21.08
CA LYS B 606 6.13 35.64 21.56
C LYS B 606 6.14 34.81 22.84
N MET B 607 5.17 35.02 23.74
CA MET B 607 5.12 34.20 24.94
C MET B 607 4.85 32.75 24.60
N GLY B 608 4.23 32.50 23.44
CA GLY B 608 4.09 31.13 22.98
C GLY B 608 5.41 30.56 22.48
N VAL B 609 6.12 31.35 21.67
CA VAL B 609 7.39 30.89 21.14
C VAL B 609 8.37 30.61 22.26
N GLU B 610 8.36 31.46 23.29
CA GLU B 610 9.23 31.24 24.43
C GLU B 610 8.82 30.01 25.22
N LEU B 611 7.52 29.70 25.24
CA LEU B 611 7.15 28.50 25.98
C LEU B 611 7.56 27.27 25.21
N LEU B 612 7.52 27.33 23.88
CA LEU B 612 7.92 26.16 23.11
C LEU B 612 9.42 25.97 22.98
N LYS B 613 10.25 27.04 22.99
CA LYS B 613 11.69 26.78 23.07
C LYS B 613 12.09 26.45 24.50
N ARG B 614 11.20 26.70 25.44
CA ARG B 614 11.52 26.38 26.81
C ARG B 614 11.34 24.91 27.11
N ILE B 615 10.33 24.27 26.50
CA ILE B 615 10.22 22.81 26.51
C ILE B 615 11.09 22.20 25.42
N GLU B 616 11.86 23.02 24.70
CA GLU B 616 12.81 22.59 23.67
C GLU B 616 12.08 21.86 22.55
N ALA B 617 10.92 22.39 22.17
CA ALA B 617 10.33 22.11 20.86
C ALA B 617 10.92 23.01 19.78
N LEU B 618 11.55 24.12 20.16
CA LEU B 618 12.40 24.90 19.27
C LEU B 618 13.70 25.23 19.98
N ASP B 619 14.77 25.35 19.19
CA ASP B 619 16.05 25.85 19.66
C ASP B 619 15.94 27.36 19.79
N GLN B 620 17.04 28.07 20.08
CA GLN B 620 16.87 29.50 20.30
C GLN B 620 16.86 30.33 19.01
N THR B 621 16.96 29.71 17.83
CA THR B 621 16.62 30.41 16.61
C THR B 621 15.16 30.28 16.21
N GLY B 622 14.35 29.52 16.96
CA GLY B 622 12.96 29.33 16.60
C GLY B 622 12.70 28.23 15.60
N THR B 623 13.60 27.27 15.48
CA THR B 623 13.48 26.21 14.50
C THR B 623 13.05 24.91 15.16
N LEU B 624 12.20 24.18 14.46
CA LEU B 624 11.66 22.92 14.96
C LEU B 624 12.76 21.93 15.34
N THR B 625 12.70 21.45 16.57
CA THR B 625 13.46 20.31 17.04
C THR B 625 12.86 19.01 16.53
N PRO B 626 13.60 17.91 16.62
CA PRO B 626 12.96 16.62 16.38
C PRO B 626 11.97 16.26 17.45
N LEU B 627 12.12 16.81 18.66
CA LEU B 627 11.07 16.60 19.65
C LEU B 627 9.86 17.47 19.30
N GLY B 628 10.11 18.68 18.81
CA GLY B 628 9.03 19.54 18.38
C GLY B 628 8.19 18.96 17.27
N MET B 629 8.83 18.29 16.30
CA MET B 629 8.06 17.79 15.17
C MET B 629 7.13 16.66 15.65
N HIS B 630 7.57 15.90 16.66
CA HIS B 630 6.69 14.90 17.26
C HIS B 630 5.51 15.55 17.96
N LEU B 631 5.73 16.63 18.72
CA LEU B 631 4.62 17.22 19.44
C LEU B 631 3.62 17.88 18.50
N ALA B 632 4.11 18.43 17.38
CA ALA B 632 3.20 19.00 16.38
C ALA B 632 2.22 17.96 15.86
N LYS B 633 2.61 16.69 15.87
CA LYS B 633 1.76 15.63 15.38
C LYS B 633 0.67 15.25 16.37
N LEU B 634 0.92 15.40 17.68
CA LEU B 634 -0.09 14.85 18.59
C LEU B 634 -1.26 15.81 18.83
N PRO B 635 -2.48 15.25 18.95
CA PRO B 635 -3.70 16.03 19.13
C PRO B 635 -3.87 16.61 20.54
N ILE B 636 -2.84 17.30 21.02
CA ILE B 636 -2.86 17.79 22.39
C ILE B 636 -1.85 18.92 22.47
N ASP B 637 -1.98 19.76 23.50
CA ASP B 637 -1.06 20.86 23.72
C ASP B 637 0.37 20.33 23.91
N PRO B 638 1.38 21.08 23.41
CA PRO B 638 2.78 20.59 23.47
C PRO B 638 3.26 20.27 24.87
N GLN B 639 2.92 21.11 25.85
CA GLN B 639 3.30 20.80 27.23
C GLN B 639 2.92 19.39 27.62
N MET B 640 1.67 18.99 27.38
CA MET B 640 1.29 17.67 27.83
C MET B 640 1.62 16.57 26.84
N GLY B 641 1.67 16.90 25.55
CA GLY B 641 2.20 15.94 24.60
C GLY B 641 3.56 15.44 25.01
N LYS B 642 4.42 16.35 25.49
CA LYS B 642 5.75 15.96 25.93
C LYS B 642 5.70 15.03 27.13
N MET B 643 4.76 15.25 28.05
CA MET B 643 4.79 14.34 29.18
C MET B 643 4.24 12.98 28.80
N ILE B 644 3.25 12.93 27.90
CA ILE B 644 2.84 11.62 27.40
C ILE B 644 4.05 10.91 26.86
N LEU B 645 4.84 11.66 26.09
CA LEU B 645 6.00 11.09 25.40
C LEU B 645 7.03 10.58 26.39
N MET B 646 7.31 11.35 27.44
CA MET B 646 8.24 10.87 28.45
C MET B 646 7.65 9.72 29.26
N SER B 647 6.34 9.71 29.47
CA SER B 647 5.75 8.61 30.23
C SER B 647 5.92 7.28 29.51
N ALA B 648 6.18 7.31 28.20
CA ALA B 648 6.56 6.09 27.50
C ALA B 648 8.00 5.69 27.83
N LEU B 649 8.92 6.64 27.92
CA LEU B 649 10.28 6.21 28.21
C LEU B 649 10.38 5.68 29.63
N PHE B 650 9.54 6.19 30.54
CA PHE B 650 9.60 5.83 31.95
C PHE B 650 8.58 4.78 32.38
N CYS B 651 7.81 4.20 31.45
CA CYS B 651 6.96 3.05 31.78
C CYS B 651 5.91 3.38 32.82
N CYS B 652 5.39 4.61 32.78
CA CYS B 652 4.20 5.08 33.50
C CYS B 652 2.99 5.42 32.60
N LEU B 653 2.88 4.82 31.41
CA LEU B 653 2.04 5.39 30.35
C LEU B 653 0.55 5.50 30.72
N ASP B 654 -0.04 4.52 31.37
CA ASP B 654 -1.48 4.59 31.60
C ASP B 654 -1.85 5.66 32.64
N PRO B 655 -1.23 5.73 33.81
CA PRO B 655 -1.47 6.89 34.67
C PRO B 655 -1.37 8.21 33.91
N ILE B 656 -0.30 8.40 33.13
CA ILE B 656 0.00 9.74 32.64
C ILE B 656 -0.99 10.15 31.55
N THR B 657 -1.35 9.22 30.64
CA THR B 657 -2.36 9.57 29.62
C THR B 657 -3.67 9.97 30.28
N SER B 658 -4.05 9.28 31.35
CA SER B 658 -5.21 9.67 32.16
C SER B 658 -5.13 11.14 32.58
N ALA B 659 -4.01 11.53 33.21
CA ALA B 659 -3.80 12.95 33.52
C ALA B 659 -3.94 13.82 32.28
N ALA B 660 -3.17 13.50 31.24
CA ALA B 660 -3.10 14.38 30.07
C ALA B 660 -4.49 14.59 29.45
N ALA B 661 -5.23 13.49 29.28
CA ALA B 661 -6.50 13.59 28.58
C ALA B 661 -7.47 14.45 29.36
N ALA B 662 -7.49 14.30 30.68
CA ALA B 662 -8.40 15.10 31.51
C ALA B 662 -8.02 16.57 31.44
N LEU B 663 -6.73 16.88 31.41
CA LEU B 663 -6.32 18.28 31.32
C LEU B 663 -6.68 18.86 29.95
N SER B 664 -6.60 18.02 28.91
CA SER B 664 -6.92 18.46 27.55
C SER B 664 -8.41 18.44 27.28
N PHE B 665 -9.15 17.63 28.03
CA PHE B 665 -10.58 17.58 27.87
C PHE B 665 -11.20 18.16 29.15
N LYS B 666 -11.44 17.35 30.17
CA LYS B 666 -12.21 17.81 31.31
C LYS B 666 -12.29 16.69 32.32
N SER B 667 -12.68 17.03 33.51
CA SER B 667 -12.75 16.01 34.53
C SER B 667 -14.06 15.25 34.41
N PRO B 668 -14.06 13.97 34.80
CA PRO B 668 -15.28 13.17 34.71
C PRO B 668 -16.34 13.54 35.72
N PHE B 669 -16.01 14.34 36.74
CA PHE B 669 -16.93 14.57 37.83
C PHE B 669 -17.97 15.62 37.50
N TYR B 670 -19.24 15.27 37.76
CA TYR B 670 -20.25 16.30 37.80
C TYR B 670 -20.11 17.11 39.10
N SER B 671 -20.91 18.17 39.23
CA SER B 671 -21.14 18.83 40.51
C SER B 671 -22.56 19.38 40.52
N PRO B 672 -23.54 18.53 40.85
CA PRO B 672 -24.93 18.97 40.87
C PRO B 672 -25.27 19.74 42.13
N LEU B 673 -26.37 20.50 42.07
CA LEU B 673 -26.66 21.44 43.13
C LEU B 673 -27.03 20.72 44.40
N GLY B 674 -26.50 21.24 45.52
CA GLY B 674 -26.68 20.67 46.84
C GLY B 674 -25.76 19.52 47.20
N LYS B 675 -25.07 18.92 46.24
CA LYS B 675 -24.18 17.78 46.50
C LYS B 675 -22.68 18.11 46.43
N GLU B 676 -22.30 19.39 46.27
CA GLU B 676 -20.88 19.76 46.32
C GLU B 676 -20.17 19.18 47.54
N SER B 677 -20.80 19.25 48.73
CA SER B 677 -20.25 18.59 49.91
C SER B 677 -19.93 17.12 49.63
N ARG B 678 -20.92 16.37 49.15
CA ARG B 678 -20.72 14.94 48.93
C ARG B 678 -19.69 14.72 47.82
N VAL B 679 -19.93 15.30 46.65
CA VAL B 679 -19.04 15.07 45.53
C VAL B 679 -17.62 15.51 45.81
N ASP B 680 -17.39 16.30 46.84
CA ASP B 680 -15.99 16.63 47.10
C ASP B 680 -15.33 15.59 47.99
N GLU B 681 -16.06 15.07 48.98
CA GLU B 681 -15.49 14.04 49.85
C GLU B 681 -15.08 12.82 49.03
N ILE B 682 -15.83 12.56 47.96
CA ILE B 682 -15.56 11.43 47.10
C ILE B 682 -14.39 11.67 46.15
N LYS B 683 -14.21 12.93 45.68
CA LYS B 683 -12.95 13.25 44.99
C LYS B 683 -11.76 12.99 45.88
N ARG B 684 -11.89 13.26 47.19
CA ARG B 684 -10.80 13.01 48.09
C ARG B 684 -10.62 11.52 48.28
N ARG B 685 -11.72 10.78 48.25
CA ARG B 685 -11.68 9.34 48.47
C ARG B 685 -11.00 8.58 47.33
N MET B 686 -11.15 9.05 46.08
CA MET B 686 -10.45 8.38 45.00
C MET B 686 -9.08 8.95 44.77
N ALA B 687 -8.80 10.13 45.32
CA ALA B 687 -7.43 10.62 45.31
C ALA B 687 -6.53 9.78 46.21
N ARG B 688 -7.11 9.03 47.14
CA ARG B 688 -6.36 8.09 47.98
C ARG B 688 -5.16 8.79 48.61
N ASN B 689 -5.37 10.03 49.04
CA ASN B 689 -4.38 10.87 49.69
C ASN B 689 -3.07 10.90 48.92
N MET B 690 -3.07 10.72 47.61
CA MET B 690 -1.81 10.70 46.88
C MET B 690 -1.30 12.04 46.53
N ARG B 691 -2.18 13.00 46.81
CA ARG B 691 -1.95 14.38 46.42
C ARG B 691 -1.47 14.55 44.95
N SER B 692 -2.44 14.32 44.03
CA SER B 692 -2.51 14.69 42.62
C SER B 692 -3.98 14.72 42.31
N ASP B 693 -4.47 15.89 41.90
CA ASP B 693 -5.78 15.94 41.26
C ASP B 693 -5.85 15.06 40.05
N HIS B 694 -4.71 14.89 39.33
CA HIS B 694 -4.67 14.16 38.07
C HIS B 694 -4.62 12.64 38.30
N LEU B 695 -3.86 12.17 39.28
CA LEU B 695 -3.98 10.77 39.64
C LEU B 695 -5.36 10.51 40.24
N MET B 696 -5.98 11.54 40.80
CA MET B 696 -7.35 11.40 41.27
C MET B 696 -8.25 11.02 40.11
N VAL B 697 -7.95 11.55 38.93
CA VAL B 697 -8.69 11.14 37.75
C VAL B 697 -8.27 9.75 37.29
N HIS B 698 -6.96 9.47 37.33
CA HIS B 698 -6.57 8.18 36.80
C HIS B 698 -7.08 7.08 37.69
N ASN B 699 -7.12 7.33 38.99
CA ASN B 699 -7.77 6.40 39.92
C ASN B 699 -9.23 6.18 39.54
N THR B 700 -9.97 7.27 39.23
CA THR B 700 -11.36 7.11 38.81
C THR B 700 -11.46 6.31 37.51
N ILE B 701 -10.52 6.52 36.58
CA ILE B 701 -10.57 5.76 35.33
C ILE B 701 -10.36 4.28 35.60
N ILE B 702 -9.39 3.94 36.46
CA ILE B 702 -9.18 2.55 36.85
C ILE B 702 -10.42 2.00 37.55
N ALA B 703 -11.01 2.80 38.45
CA ALA B 703 -12.28 2.43 39.08
C ALA B 703 -13.40 2.26 38.05
N TYR B 704 -13.31 2.95 36.93
CA TYR B 704 -14.42 2.88 36.02
C TYR B 704 -14.34 1.63 35.15
N ARG B 705 -13.15 1.17 34.79
CA ARG B 705 -13.12 -0.07 34.03
C ARG B 705 -13.28 -1.29 34.90
N ASP B 706 -12.73 -1.28 36.13
CA ASP B 706 -13.02 -2.39 37.03
C ASP B 706 -14.52 -2.50 37.29
N SER B 707 -15.24 -1.40 37.13
CA SER B 707 -16.70 -1.43 37.17
C SER B 707 -17.30 -2.01 35.89
N ARG B 708 -16.63 -1.92 34.75
CA ARG B 708 -17.22 -2.47 33.55
C ARG B 708 -16.95 -3.96 33.35
N TYR B 709 -15.90 -4.52 33.97
CA TYR B 709 -15.85 -5.98 34.01
C TYR B 709 -16.84 -6.48 35.06
N SER B 710 -16.88 -5.82 36.21
CA SER B 710 -17.95 -5.98 37.21
C SER B 710 -19.36 -5.80 36.63
N HIS B 711 -19.48 -5.17 35.45
CA HIS B 711 -20.74 -4.65 34.88
C HIS B 711 -21.60 -3.93 35.92
N ALA B 712 -20.97 -3.18 36.82
CA ALA B 712 -21.61 -2.20 37.70
C ALA B 712 -21.60 -0.78 37.15
N GLU B 713 -21.19 -0.60 35.88
CA GLU B 713 -20.64 0.66 35.38
C GLU B 713 -21.51 1.88 35.70
N ARG B 714 -22.80 1.83 35.37
CA ARG B 714 -23.62 3.02 35.55
C ARG B 714 -23.92 3.26 37.02
N ASP B 715 -24.35 2.22 37.74
CA ASP B 715 -24.51 2.34 39.18
C ASP B 715 -23.25 2.97 39.79
N PHE B 716 -22.07 2.57 39.29
CA PHE B 716 -20.79 3.19 39.68
C PHE B 716 -20.77 4.68 39.36
N CYS B 717 -21.19 5.05 38.15
CA CYS B 717 -21.12 6.46 37.77
C CYS B 717 -22.08 7.35 38.55
N TYR B 718 -23.22 6.83 38.97
CA TYR B 718 -24.09 7.69 39.77
C TYR B 718 -23.62 7.76 41.21
N LYS B 719 -23.30 6.61 41.83
CA LYS B 719 -22.79 6.64 43.20
C LYS B 719 -21.70 7.69 43.35
N ASN B 720 -20.74 7.71 42.41
CA ASN B 720 -19.58 8.59 42.50
C ASN B 720 -19.68 9.86 41.68
N PHE B 721 -20.85 10.14 41.07
CA PHE B 721 -21.13 11.44 40.45
C PHE B 721 -20.23 11.72 39.24
N LEU B 722 -20.15 10.76 38.31
CA LEU B 722 -19.38 11.00 37.11
C LEU B 722 -20.18 10.75 35.83
N SER B 723 -19.62 11.29 34.74
CA SER B 723 -20.18 11.21 33.41
C SER B 723 -19.62 9.98 32.73
N SER B 724 -20.48 8.96 32.52
CA SER B 724 -20.11 7.87 31.63
C SER B 724 -19.50 8.39 30.33
N MET B 725 -20.13 9.39 29.72
CA MET B 725 -19.66 9.80 28.40
C MET B 725 -18.29 10.46 28.50
N THR B 726 -18.03 11.24 29.56
CA THR B 726 -16.70 11.81 29.72
C THR B 726 -15.66 10.70 29.85
N LEU B 727 -15.97 9.69 30.66
CA LEU B 727 -15.02 8.60 30.86
C LEU B 727 -14.85 7.79 29.58
N GLN B 728 -15.95 7.48 28.88
CA GLN B 728 -15.78 6.81 27.59
C GLN B 728 -14.82 7.60 26.70
N GLN B 729 -14.99 8.91 26.64
CA GLN B 729 -14.13 9.67 25.75
C GLN B 729 -12.71 9.72 26.29
N LEU B 730 -12.55 9.91 27.61
CA LEU B 730 -11.20 9.94 28.17
C LEU B 730 -10.42 8.69 27.81
N GLU B 731 -11.05 7.53 27.96
CA GLU B 731 -10.39 6.29 27.61
C GLU B 731 -10.11 6.19 26.12
N ARG B 732 -10.95 6.81 25.27
CA ARG B 732 -10.62 6.71 23.86
C ARG B 732 -9.46 7.62 23.51
N MET B 733 -9.37 8.76 24.20
CA MET B 733 -8.22 9.63 23.97
C MET B 733 -6.96 8.96 24.46
N LYS B 734 -7.05 8.24 25.59
CA LYS B 734 -5.85 7.55 26.06
C LYS B 734 -5.42 6.52 25.06
N ASN B 735 -6.38 5.81 24.47
CA ASN B 735 -5.98 4.80 23.52
C ASN B 735 -5.48 5.45 22.23
N GLN B 736 -6.05 6.60 21.85
CA GLN B 736 -5.53 7.28 20.67
C GLN B 736 -4.08 7.68 20.86
N PHE B 737 -3.77 8.29 22.01
CA PHE B 737 -2.39 8.67 22.28
C PHE B 737 -1.42 7.49 22.08
N SER B 738 -1.79 6.32 22.62
CA SER B 738 -0.95 5.12 22.49
C SER B 738 -0.72 4.74 21.04
N GLU B 739 -1.80 4.72 20.26
CA GLU B 739 -1.70 4.23 18.89
C GLU B 739 -0.77 5.13 18.08
N LEU B 740 -0.65 6.41 18.46
CA LEU B 740 0.34 7.24 17.77
C LEU B 740 1.73 7.09 18.32
N LEU B 741 1.90 7.08 19.66
CA LEU B 741 3.23 6.81 20.20
C LEU B 741 3.74 5.47 19.70
N TYR B 742 2.83 4.52 19.45
CA TYR B 742 3.27 3.25 18.89
C TYR B 742 3.45 3.34 17.38
N ASN B 743 2.68 4.19 16.68
CA ASN B 743 3.00 4.45 15.28
C ASN B 743 4.35 5.14 15.15
N TYR B 744 4.67 6.01 16.10
CA TYR B 744 5.91 6.79 16.07
C TYR B 744 7.09 5.98 16.60
N LYS B 745 6.87 4.70 16.92
CA LYS B 745 7.91 3.76 17.32
C LYS B 745 8.53 4.09 18.69
N PHE B 746 7.74 4.71 19.58
CA PHE B 746 8.11 4.91 20.98
C PHE B 746 7.62 3.80 21.90
N LEU B 747 6.73 2.94 21.40
CA LEU B 747 6.18 1.83 22.14
C LEU B 747 6.19 0.56 21.29
N ALA B 748 6.25 -0.57 21.98
CA ALA B 748 6.10 -1.86 21.33
C ALA B 748 4.64 -2.29 21.20
N SER B 749 3.72 -1.68 21.95
CA SER B 749 2.29 -2.02 21.94
C SER B 749 1.45 -0.76 21.93
N SER B 750 0.35 -0.78 21.16
CA SER B 750 -0.60 0.35 21.15
C SER B 750 -1.59 0.28 22.29
N ASN B 751 -1.52 -0.76 23.12
CA ASN B 751 -2.40 -0.83 24.28
C ASN B 751 -1.83 0.05 25.39
N CYS B 752 -2.62 1.03 25.85
CA CYS B 752 -2.12 1.91 26.90
C CYS B 752 -2.15 1.28 28.26
N LYS B 753 -2.81 0.14 28.42
CA LYS B 753 -2.65 -0.63 29.63
C LYS B 753 -1.64 -1.77 29.49
N ASP B 754 -1.02 -1.94 28.31
CA ASP B 754 -0.09 -3.05 28.11
C ASP B 754 1.00 -3.07 29.18
N ALA B 755 1.28 -4.27 29.69
CA ALA B 755 2.17 -4.38 30.85
C ALA B 755 3.53 -3.73 30.56
N ALA B 756 4.14 -4.08 29.44
CA ALA B 756 5.51 -3.64 29.15
C ALA B 756 5.65 -2.12 29.17
N SER B 757 4.56 -1.38 28.87
CA SER B 757 4.60 0.09 28.92
C SER B 757 4.36 0.66 30.31
N ASN B 758 3.81 -0.14 31.24
CA ASN B 758 3.37 0.32 32.55
C ASN B 758 4.16 -0.20 33.74
N LYS B 759 5.33 -0.78 33.49
CA LYS B 759 6.09 -1.48 34.54
C LYS B 759 6.39 -0.60 35.75
N ASN B 760 6.42 0.71 35.58
CA ASN B 760 6.59 1.67 36.67
C ASN B 760 5.31 2.35 37.13
N SER B 761 4.14 1.97 36.60
CA SER B 761 2.94 2.77 36.82
C SER B 761 2.44 2.79 38.27
N GLU B 762 2.92 1.91 39.14
CA GLU B 762 2.52 2.02 40.53
C GLU B 762 3.54 2.77 41.38
N LYS B 763 4.59 3.32 40.78
CA LYS B 763 5.55 4.10 41.55
C LYS B 763 5.09 5.54 41.52
N ILE B 764 4.50 5.98 42.63
CA ILE B 764 3.84 7.28 42.71
C ILE B 764 4.89 8.41 42.72
N PRO B 765 5.97 8.31 43.51
CA PRO B 765 7.03 9.32 43.36
C PRO B 765 7.50 9.46 41.92
N LEU B 766 7.55 8.34 41.18
CA LEU B 766 7.87 8.44 39.77
C LEU B 766 6.78 9.19 39.00
N LEU B 767 5.50 8.94 39.33
CA LEU B 767 4.48 9.58 38.52
C LEU B 767 4.42 11.08 38.75
N ARG B 768 4.78 11.56 39.94
CA ARG B 768 4.71 13.00 40.11
C ARG B 768 5.85 13.67 39.36
N ALA B 769 6.95 12.93 39.18
CA ALA B 769 8.05 13.47 38.40
C ALA B 769 7.68 13.64 36.94
N ILE B 770 6.92 12.69 36.38
CA ILE B 770 6.52 12.83 34.99
C ILE B 770 5.43 13.89 34.82
N ILE B 771 4.51 13.98 35.79
CA ILE B 771 3.48 15.01 35.79
C ILE B 771 4.11 16.39 35.94
N GLY B 772 5.04 16.53 36.89
CA GLY B 772 5.74 17.78 37.05
C GLY B 772 6.57 18.15 35.85
N ALA B 773 6.93 17.18 35.02
CA ALA B 773 7.70 17.48 33.84
C ALA B 773 6.86 18.07 32.71
N GLY B 774 5.55 17.84 32.71
CA GLY B 774 4.67 18.55 31.81
C GLY B 774 4.31 19.95 32.27
N LEU B 775 3.91 20.08 33.54
CA LEU B 775 3.36 21.33 34.02
C LEU B 775 4.41 22.30 34.50
N TYR B 776 5.66 21.87 34.61
CA TYR B 776 6.77 22.78 34.82
C TYR B 776 6.70 23.76 33.67
N PRO B 777 6.98 25.04 33.93
CA PRO B 777 7.36 25.78 35.15
C PRO B 777 6.32 26.06 36.28
N ASN B 778 5.06 25.66 36.16
CA ASN B 778 4.05 26.17 37.11
C ASN B 778 4.18 25.47 38.46
N MET B 779 4.59 26.21 39.50
CA MET B 779 4.87 25.62 40.81
C MET B 779 4.44 26.55 41.94
N ALA B 780 4.16 25.94 43.11
CA ALA B 780 3.66 26.60 44.31
C ALA B 780 4.24 25.93 45.57
N HIS B 781 4.25 26.70 46.69
CA HIS B 781 4.95 26.33 47.92
C HIS B 781 4.04 26.62 49.13
N LEU B 782 4.07 25.75 50.16
CA LEU B 782 3.18 25.84 51.35
C LEU B 782 3.90 26.03 52.67
N ARG B 783 3.69 27.20 53.31
CA ARG B 783 4.35 27.49 54.57
C ARG B 783 3.49 27.18 55.77
N LYS B 784 2.27 26.64 55.61
CA LYS B 784 1.18 26.88 56.55
C LYS B 784 0.96 25.79 57.58
N SER B 785 0.09 26.12 58.53
CA SER B 785 -0.41 25.19 59.52
C SER B 785 -1.77 25.71 59.96
N ARG B 786 -2.69 24.78 60.17
CA ARG B 786 -3.97 25.06 60.85
C ARG B 786 -4.74 23.76 60.97
N ARG B 793 -10.21 21.23 59.17
CA ARG B 793 -9.59 21.84 58.00
C ARG B 793 -8.43 22.77 58.42
N ALA B 794 -7.68 23.29 57.44
CA ALA B 794 -6.60 24.23 57.65
C ALA B 794 -6.73 25.38 56.65
N ILE B 795 -6.08 26.49 56.97
CA ILE B 795 -6.02 27.67 56.10
C ILE B 795 -4.61 27.78 55.52
N HIS B 796 -4.50 28.19 54.25
CA HIS B 796 -3.18 28.35 53.65
C HIS B 796 -2.95 29.76 53.10
N THR B 797 -1.71 30.25 53.26
CA THR B 797 -1.21 31.42 52.53
C THR B 797 -0.07 30.87 51.67
N MET B 798 -0.28 30.68 50.38
CA MET B 798 0.77 30.10 49.57
C MET B 798 0.92 30.89 48.27
N ALA B 799 2.06 30.71 47.63
CA ALA B 799 2.46 31.52 46.49
C ALA B 799 3.03 30.62 45.39
N THR B 800 2.78 31.05 44.16
CA THR B 800 3.48 30.50 43.01
C THR B 800 4.90 31.06 42.94
N ASP B 801 5.69 30.57 41.97
CA ASP B 801 7.08 31.02 41.86
C ASP B 801 7.21 32.48 41.46
N ASP B 802 6.17 33.09 40.90
CA ASP B 802 6.25 34.50 40.56
C ASP B 802 6.13 35.42 41.78
N GLY B 803 5.82 34.89 42.95
CA GLY B 803 5.66 35.66 44.16
C GLY B 803 4.24 35.97 44.59
N ARG B 804 3.27 35.89 43.67
CA ARG B 804 1.89 36.15 44.04
C ARG B 804 1.30 34.97 44.79
N ARG B 805 0.30 35.27 45.62
CA ARG B 805 -0.27 34.29 46.52
C ARG B 805 -1.50 33.62 45.91
N VAL B 806 -1.52 32.29 46.02
CA VAL B 806 -2.56 31.44 45.47
C VAL B 806 -3.12 30.59 46.61
N ASN B 807 -4.29 30.01 46.37
CA ASN B 807 -4.79 28.96 47.24
C ASN B 807 -5.43 27.89 46.36
N PHE B 808 -5.62 26.72 46.95
CA PHE B 808 -6.19 25.61 46.20
C PHE B 808 -7.65 25.88 45.95
N HIS B 809 -8.03 25.83 44.68
CA HIS B 809 -9.44 25.95 44.34
C HIS B 809 -10.25 24.92 45.12
N PRO B 810 -11.46 25.26 45.56
CA PRO B 810 -12.23 24.30 46.36
C PRO B 810 -12.64 23.06 45.60
N SER B 811 -12.79 23.13 44.27
CA SER B 811 -13.01 21.90 43.50
C SER B 811 -11.79 20.99 43.51
N SER B 812 -10.61 21.53 43.80
CA SER B 812 -9.41 20.70 43.89
C SER B 812 -9.50 19.83 45.13
N VAL B 813 -8.79 18.71 45.10
CA VAL B 813 -8.78 17.87 46.30
C VAL B 813 -7.75 18.34 47.33
N ASN B 814 -6.97 19.39 47.02
CA ASN B 814 -6.00 19.94 47.98
C ASN B 814 -6.51 21.10 48.78
N SER B 815 -7.74 21.50 48.55
CA SER B 815 -8.25 22.65 49.25
C SER B 815 -8.56 22.25 50.68
N GLY B 816 -7.88 22.87 51.62
CA GLY B 816 -8.22 22.76 53.02
C GLY B 816 -7.56 21.63 53.80
N GLU B 817 -6.67 20.85 53.19
CA GLU B 817 -6.05 19.74 53.89
C GLU B 817 -4.78 20.19 54.62
N SER B 818 -4.15 19.26 55.32
CA SER B 818 -3.01 19.60 56.16
C SER B 818 -2.02 18.45 56.18
N GLY B 819 -0.80 18.79 56.58
CA GLY B 819 0.23 17.80 56.83
C GLY B 819 0.67 17.09 55.58
N PHE B 820 0.99 17.86 54.54
CA PHE B 820 1.57 17.27 53.34
C PHE B 820 3.09 17.37 53.35
N ASP B 821 3.72 16.33 52.78
CA ASP B 821 5.13 15.97 53.01
C ASP B 821 6.14 16.59 52.09
N SER B 822 5.70 17.13 51.00
CA SER B 822 6.54 17.96 50.21
C SER B 822 5.76 19.24 50.16
N ALA B 823 6.46 20.34 50.18
CA ALA B 823 5.80 21.62 50.28
C ALA B 823 5.47 22.17 48.91
N TYR B 824 5.68 21.40 47.84
CA TYR B 824 5.64 21.98 46.51
C TYR B 824 4.68 21.23 45.59
N PHE B 825 4.09 22.00 44.68
CA PHE B 825 2.99 21.56 43.83
C PHE B 825 3.22 22.10 42.42
N VAL B 826 2.74 21.36 41.44
CA VAL B 826 2.70 21.82 40.08
C VAL B 826 1.25 21.86 39.63
N TYR B 827 0.93 22.77 38.70
CA TYR B 827 -0.45 23.06 38.34
C TYR B 827 -0.57 23.41 36.87
N PHE B 828 -1.68 22.98 36.26
CA PHE B 828 -1.92 23.31 34.85
C PHE B 828 -2.50 24.71 34.66
N GLN B 829 -3.46 25.12 35.48
CA GLN B 829 -4.02 26.45 35.33
C GLN B 829 -4.33 27.11 36.66
N ARG B 830 -3.99 28.40 36.72
CA ARG B 830 -4.27 29.25 37.86
C ARG B 830 -5.22 30.34 37.40
N GLN B 831 -6.37 30.45 38.08
CA GLN B 831 -7.38 31.38 37.65
C GLN B 831 -8.05 31.99 38.88
N LYS B 832 -8.28 33.30 38.81
CA LYS B 832 -8.72 34.07 39.97
C LYS B 832 -10.18 34.49 39.83
N SER B 833 -10.95 34.30 40.90
CA SER B 833 -12.25 34.94 41.04
C SER B 833 -12.28 35.72 42.34
N THR B 834 -12.43 35.05 43.49
CA THR B 834 -12.51 35.72 44.78
C THR B 834 -11.15 35.77 45.46
N ASP B 835 -10.14 35.15 44.84
CA ASP B 835 -8.80 34.84 45.33
C ASP B 835 -8.11 34.16 44.15
N LEU B 836 -6.79 34.09 44.20
CA LEU B 836 -6.09 33.42 43.11
C LEU B 836 -6.06 31.92 43.40
N PHE B 837 -6.58 31.13 42.44
CA PHE B 837 -6.72 29.70 42.66
C PHE B 837 -5.97 28.90 41.61
N LEU B 838 -5.47 27.77 42.05
CA LEU B 838 -4.97 26.74 41.16
C LEU B 838 -6.11 25.74 40.99
N LEU B 839 -6.67 25.65 39.78
CA LEU B 839 -7.80 24.76 39.60
C LEU B 839 -7.44 23.30 39.80
N ASP B 840 -6.15 22.97 39.69
CA ASP B 840 -5.69 21.60 39.76
C ASP B 840 -4.27 21.62 40.30
N SER B 841 -3.88 20.56 40.99
CA SER B 841 -2.52 20.54 41.49
C SER B 841 -2.03 19.12 41.75
N THR B 842 -0.71 18.95 41.74
CA THR B 842 -0.09 17.72 42.20
C THR B 842 1.12 18.04 43.06
N MET B 843 1.20 17.50 44.28
CA MET B 843 2.43 17.65 45.05
C MET B 843 3.54 16.86 44.40
N VAL B 844 4.66 17.53 44.20
CA VAL B 844 5.84 16.89 43.64
C VAL B 844 6.97 17.20 44.60
N PHE B 845 7.99 16.36 44.57
CA PHE B 845 9.13 16.61 45.46
C PHE B 845 10.23 17.39 44.74
N PRO B 846 11.05 18.12 45.51
CA PRO B 846 12.13 18.91 44.88
C PRO B 846 13.10 18.09 44.04
N MET B 847 13.42 16.86 44.45
CA MET B 847 14.32 16.07 43.63
C MET B 847 13.75 15.86 42.23
N ALA B 848 12.44 15.61 42.14
CA ALA B 848 11.84 15.48 40.83
C ALA B 848 11.92 16.78 40.05
N LEU B 849 11.66 17.92 40.72
CA LEU B 849 11.70 19.19 40.01
C LEU B 849 13.12 19.52 39.55
N ILE B 850 14.11 19.21 40.37
CA ILE B 850 15.51 19.45 39.99
C ILE B 850 15.88 18.64 38.76
N ILE B 851 15.58 17.34 38.77
CA ILE B 851 16.02 16.47 37.67
C ILE B 851 15.42 16.91 36.35
N PHE B 852 14.09 17.05 36.29
CA PHE B 852 13.43 17.29 35.01
C PHE B 852 13.35 18.76 34.63
N GLY B 853 13.63 19.68 35.56
CA GLY B 853 13.46 21.10 35.31
C GLY B 853 14.63 21.69 34.56
N ASP B 854 14.86 22.98 34.79
CA ASP B 854 16.03 23.70 34.29
C ASP B 854 16.39 24.79 35.31
N GLY B 855 17.42 25.56 34.99
CA GLY B 855 17.81 26.59 35.94
C GLY B 855 18.39 26.00 37.20
N VAL B 856 19.10 24.89 37.08
CA VAL B 856 19.63 24.14 38.20
C VAL B 856 21.09 24.54 38.39
N GLU B 857 21.42 25.01 39.59
CA GLU B 857 22.82 25.27 39.91
C GLU B 857 23.16 24.72 41.28
N ALA B 858 24.43 24.41 41.47
CA ALA B 858 24.99 24.11 42.78
C ALA B 858 25.91 25.25 43.15
N GLY B 859 25.96 25.55 44.43
CA GLY B 859 26.74 26.67 44.88
C GLY B 859 26.75 26.71 46.39
N VAL B 860 27.10 27.87 46.94
CA VAL B 860 26.95 28.08 48.36
C VAL B 860 26.57 29.54 48.61
N THR B 861 25.55 29.77 49.43
CA THR B 861 25.00 31.11 49.62
C THR B 861 25.37 31.70 50.98
N GLN B 862 24.91 31.10 52.09
CA GLN B 862 25.46 31.60 53.35
C GLN B 862 26.95 31.29 53.41
N ASN B 863 27.24 30.20 54.10
CA ASN B 863 28.27 29.22 53.82
C ASN B 863 27.64 27.85 53.54
N THR B 864 26.31 27.81 53.36
CA THR B 864 25.51 26.59 53.31
C THR B 864 25.40 26.06 51.90
N PRO B 865 25.81 24.81 51.63
CA PRO B 865 25.91 24.36 50.23
C PRO B 865 24.55 24.08 49.64
N TYR B 866 24.34 24.49 48.38
CA TYR B 866 22.98 24.51 47.85
C TYR B 866 22.87 23.86 46.47
N LEU B 867 21.63 23.48 46.15
CA LEU B 867 21.20 23.04 44.84
C LEU B 867 19.83 23.63 44.55
N CYS B 868 19.68 24.40 43.48
CA CYS B 868 18.43 25.09 43.24
C CYS B 868 17.76 24.57 41.99
N VAL B 869 16.53 25.03 41.76
CA VAL B 869 15.75 24.70 40.58
C VAL B 869 15.09 25.99 40.08
N ALA B 870 15.25 26.27 38.78
CA ALA B 870 14.69 27.46 38.13
C ALA B 870 15.22 28.77 38.69
N LYS B 871 16.39 28.76 39.31
CA LYS B 871 16.92 29.95 39.98
C LYS B 871 15.87 30.55 40.91
N THR B 872 15.02 29.70 41.47
CA THR B 872 13.86 30.17 42.22
C THR B 872 13.76 29.51 43.59
N TYR B 873 13.57 28.20 43.61
CA TYR B 873 13.58 27.44 44.85
C TYR B 873 14.99 26.91 45.06
N TYR B 874 15.68 27.49 46.04
CA TYR B 874 17.02 27.05 46.38
C TYR B 874 16.86 26.01 47.49
N PHE B 875 17.35 24.81 47.24
CA PHE B 875 17.40 23.77 48.25
C PHE B 875 18.84 23.57 48.65
N LYS B 876 19.03 23.13 49.87
CA LYS B 876 20.30 22.65 50.39
C LYS B 876 20.86 21.67 49.36
N CYS B 877 22.18 21.52 49.24
CA CYS B 877 22.68 20.22 48.80
C CYS B 877 24.11 20.01 49.24
N ASN B 878 24.45 18.75 49.50
CA ASN B 878 25.82 18.26 49.48
C ASN B 878 26.40 18.44 48.09
N ARG B 879 27.73 18.35 47.99
CA ARG B 879 28.33 18.43 46.66
C ARG B 879 28.28 17.08 45.91
N GLU B 880 28.18 15.95 46.63
CA GLU B 880 28.27 14.65 45.96
C GLU B 880 26.98 14.29 45.22
N THR B 881 25.81 14.50 45.85
CA THR B 881 24.57 14.45 45.06
C THR B 881 24.51 15.60 44.06
N ALA B 882 25.03 16.77 44.44
CA ALA B 882 25.01 17.90 43.52
C ALA B 882 25.74 17.54 42.23
N ASP B 883 27.00 17.12 42.36
CA ASP B 883 27.80 16.76 41.20
C ASP B 883 27.20 15.58 40.43
N VAL B 884 26.51 14.68 41.12
CA VAL B 884 25.97 13.48 40.46
C VAL B 884 24.76 13.83 39.61
N VAL B 885 23.83 14.62 40.16
CA VAL B 885 22.62 14.97 39.40
C VAL B 885 22.95 15.93 38.27
N ILE B 886 23.89 16.87 38.48
CA ILE B 886 24.31 17.74 37.37
C ILE B 886 24.75 16.88 36.20
N GLN B 887 25.51 15.81 36.51
CA GLN B 887 25.90 14.85 35.49
C GLN B 887 24.74 13.99 35.04
N LEU B 888 23.79 13.73 35.93
CA LEU B 888 22.69 12.86 35.54
C LEU B 888 21.72 13.60 34.64
N ARG B 889 21.47 14.89 34.90
CA ARG B 889 20.71 15.72 33.97
C ARG B 889 21.38 15.78 32.61
N SER B 890 22.71 15.87 32.59
CA SER B 890 23.41 16.03 31.32
C SER B 890 23.23 14.82 30.45
N ASN B 891 23.22 13.62 31.04
CA ASN B 891 22.99 12.45 30.21
C ASN B 891 21.53 12.28 29.84
N LEU B 892 20.62 12.69 30.71
CA LEU B 892 19.21 12.59 30.35
C LEU B 892 18.88 13.60 29.25
N GLU B 893 19.62 14.72 29.21
CA GLU B 893 19.45 15.62 28.08
C GLU B 893 19.96 14.92 26.82
N LYS B 894 21.05 14.14 26.94
CA LYS B 894 21.57 13.43 25.78
C LYS B 894 20.60 12.34 25.33
N LEU B 895 19.98 11.66 26.29
CA LEU B 895 19.11 10.56 25.94
C LEU B 895 17.83 11.06 25.32
N LEU B 896 17.27 12.13 25.89
CA LEU B 896 16.09 12.75 25.33
C LEU B 896 16.32 13.19 23.88
N LEU B 897 17.50 13.73 23.56
CA LEU B 897 17.71 14.13 22.17
C LEU B 897 17.87 12.93 21.22
N LYS B 898 18.46 11.83 21.67
CA LYS B 898 18.51 10.64 20.81
C LYS B 898 17.15 10.02 20.59
N LYS B 899 16.35 9.86 21.65
CA LYS B 899 15.14 9.10 21.39
C LYS B 899 14.15 9.92 20.61
N ALA B 900 14.28 11.25 20.62
CA ALA B 900 13.53 12.07 19.68
C ALA B 900 14.00 11.88 18.24
N LEU B 901 15.32 11.93 18.02
CA LEU B 901 15.86 11.81 16.67
C LEU B 901 15.76 10.39 16.12
N TYR B 902 15.81 9.39 17.00
CA TYR B 902 15.80 7.99 16.58
C TYR B 902 14.82 7.22 17.47
N PRO B 903 13.53 7.36 17.22
CA PRO B 903 12.52 6.66 18.03
C PRO B 903 12.72 5.16 18.08
N ALA B 904 12.77 4.64 19.29
CA ALA B 904 12.69 3.22 19.56
C ALA B 904 12.26 3.09 21.02
N PRO B 905 11.46 2.10 21.37
CA PRO B 905 11.19 1.84 22.77
C PRO B 905 12.51 1.55 23.50
N ILE B 906 12.57 1.97 24.77
CA ILE B 906 13.74 1.65 25.59
C ILE B 906 13.75 0.16 25.92
N GLU B 907 14.84 -0.50 25.57
CA GLU B 907 14.96 -1.93 25.83
C GLU B 907 15.19 -2.12 27.33
N GLU B 908 14.53 -3.13 27.89
CA GLU B 908 14.50 -3.33 29.34
C GLU B 908 15.90 -3.61 29.90
N ASN B 909 16.71 -4.38 29.18
CA ASN B 909 18.08 -4.63 29.59
C ASN B 909 19.13 -3.84 28.81
N GLY B 910 18.73 -2.94 27.92
CA GLY B 910 19.70 -2.18 27.16
C GLY B 910 20.45 -1.13 27.98
N TYR B 911 21.21 -0.29 27.25
CA TYR B 911 21.97 0.78 27.89
C TYR B 911 21.09 1.93 28.34
N GLU B 912 20.16 2.36 27.48
CA GLU B 912 19.33 3.50 27.84
C GLU B 912 18.47 3.17 29.06
N LYS B 913 18.21 1.89 29.30
CA LYS B 913 17.39 1.55 30.45
C LYS B 913 18.13 1.78 31.75
N GLN B 914 19.45 1.80 31.73
CA GLN B 914 20.11 1.94 33.02
C GLN B 914 20.24 3.40 33.44
N LEU B 915 20.14 4.34 32.51
CA LEU B 915 19.93 5.71 32.92
C LEU B 915 18.52 5.92 33.43
N ILE B 916 17.54 5.19 32.90
CA ILE B 916 16.18 5.32 33.41
C ILE B 916 16.11 4.81 34.85
N LYS B 917 16.68 3.61 35.10
CA LYS B 917 16.68 3.03 36.45
C LYS B 917 17.40 3.93 37.44
N ALA B 918 18.43 4.67 36.97
CA ALA B 918 19.13 5.61 37.83
C ALA B 918 18.20 6.73 38.30
N ILE B 919 17.33 7.19 37.40
CA ILE B 919 16.38 8.21 37.80
C ILE B 919 15.29 7.61 38.67
N GLU B 920 14.81 6.40 38.33
CA GLU B 920 13.78 5.75 39.14
C GLU B 920 14.22 5.63 40.59
N LEU B 921 15.45 5.18 40.80
CA LEU B 921 15.89 4.89 42.16
C LEU B 921 16.12 6.18 42.95
N LEU B 922 16.61 7.23 42.30
CA LEU B 922 16.71 8.53 42.95
C LEU B 922 15.33 9.05 43.37
N LEU B 923 14.36 8.97 42.46
CA LEU B 923 13.05 9.53 42.74
C LEU B 923 12.36 8.78 43.86
N SER B 924 12.74 7.52 44.07
CA SER B 924 12.08 6.68 45.05
C SER B 924 12.44 7.02 46.49
N LEU B 925 13.59 7.66 46.73
CA LEU B 925 13.90 8.03 48.12
C LEU B 925 12.78 8.87 48.76
N ASP B 926 11.96 9.53 47.95
CA ASP B 926 10.90 10.38 48.45
C ASP B 926 9.58 9.66 48.62
N GLU B 927 9.51 8.34 48.38
CA GLU B 927 8.29 7.62 48.63
C GLU B 927 7.95 7.64 50.09
N ARG B 928 6.67 7.52 50.37
CA ARG B 928 6.21 7.45 51.74
C ARG B 928 6.18 6.00 52.19
N LEU B 929 6.73 5.74 53.36
CA LEU B 929 6.77 4.39 53.85
C LEU B 929 6.11 4.31 55.23
#